data_1S5R
#
_entry.id   1S5R
#
_cell.length_a   1.000
_cell.length_b   1.000
_cell.length_c   1.000
_cell.angle_alpha   90.00
_cell.angle_beta   90.00
_cell.angle_gamma   90.00
#
_symmetry.space_group_name_H-M   'P 1'
#
loop_
_entity.id
_entity.type
_entity.pdbx_description
1 polymer 'high mobility group box transcription factor 1'
2 polymer 'Sin3a protein'
#
loop_
_entity_poly.entity_id
_entity_poly.type
_entity_poly.pdbx_seq_one_letter_code
_entity_poly.pdbx_strand_id
1 'polypeptide(L)' DFTPMDSSAVYVLSSMARQRRAS A
2 'polypeptide(L)'
;SLQNNQPVEFNHAINYVNKIKNRFQGQPDIYKAFLEILHTYQKEQRNAKEAGGNYTPALTEQEVYAQVARLFKNQEDLLS
EFGQFLPDA
;
B
#
# COMPACT_ATOMS: atom_id res chain seq x y z
N ASP A 1 19.33 -1.86 -9.48
CA ASP A 1 19.33 -2.21 -8.04
C ASP A 1 17.90 -2.45 -7.54
N PHE A 2 16.99 -1.55 -7.90
CA PHE A 2 15.60 -1.66 -7.49
C PHE A 2 14.65 -1.32 -8.64
N THR A 3 13.58 -2.10 -8.76
CA THR A 3 12.60 -1.89 -9.81
C THR A 3 11.18 -1.95 -9.23
N PRO A 4 10.51 -0.78 -9.08
CA PRO A 4 9.15 -0.72 -8.53
C PRO A 4 8.14 -1.46 -9.40
N MET A 5 6.86 -1.29 -9.09
CA MET A 5 5.79 -1.93 -9.83
C MET A 5 5.71 -1.38 -11.25
N ASP A 6 6.43 -0.29 -11.50
CA ASP A 6 6.45 0.34 -12.81
C ASP A 6 5.07 0.84 -13.21
N SER A 7 4.21 1.05 -12.21
CA SER A 7 2.86 1.53 -12.44
C SER A 7 2.55 2.75 -11.58
N SER A 8 2.14 2.51 -10.34
CA SER A 8 1.80 3.59 -9.42
C SER A 8 1.82 3.11 -7.97
N ALA A 9 2.49 1.98 -7.74
CA ALA A 9 2.59 1.41 -6.40
C ALA A 9 3.16 2.42 -5.41
N VAL A 10 4.17 3.16 -5.84
CA VAL A 10 4.80 4.15 -4.99
C VAL A 10 3.81 5.25 -4.59
N TYR A 11 2.80 5.46 -5.43
CA TYR A 11 1.80 6.47 -5.16
C TYR A 11 0.85 6.04 -4.04
N VAL A 12 0.24 4.86 -4.21
CA VAL A 12 -0.69 4.34 -3.20
C VAL A 12 0.00 4.21 -1.85
N LEU A 13 1.24 3.71 -1.86
CA LEU A 13 2.01 3.55 -0.63
C LEU A 13 2.26 4.92 0.00
N SER A 14 2.68 5.88 -0.82
CA SER A 14 2.95 7.23 -0.34
C SER A 14 1.67 7.89 0.16
N SER A 15 0.53 7.41 -0.35
CA SER A 15 -0.77 7.95 0.05
C SER A 15 -1.11 7.53 1.47
N MET A 16 -1.01 6.24 1.74
CA MET A 16 -1.32 5.70 3.06
C MET A 16 -0.37 6.29 4.11
N ALA A 17 0.90 6.41 3.75
CA ALA A 17 1.91 6.95 4.66
C ALA A 17 1.66 8.42 4.99
N ARG A 18 1.58 9.25 3.96
CA ARG A 18 1.36 10.68 4.14
C ARG A 18 0.04 10.95 4.87
N GLN A 19 -1.02 10.26 4.46
CA GLN A 19 -2.33 10.44 5.08
C GLN A 19 -2.36 9.96 6.52
N ARG A 20 -1.29 9.28 6.94
CA ARG A 20 -1.22 8.78 8.31
C ARG A 20 -1.11 9.94 9.30
N ARG A 21 -2.03 9.99 10.26
CA ARG A 21 -2.04 11.04 11.27
C ARG A 21 -2.23 12.42 10.62
N ALA A 22 -2.56 12.42 9.33
CA ALA A 22 -2.75 13.66 8.60
C ALA A 22 -4.24 14.01 8.49
N SER A 23 -4.52 15.27 8.20
CA SER A 23 -5.90 15.75 8.07
C SER A 23 -6.68 15.52 9.35
N SER B 1 5.68 21.57 -2.62
CA SER B 1 7.06 21.01 -2.66
C SER B 1 7.18 19.79 -1.76
N LEU B 2 8.25 19.02 -1.97
CA LEU B 2 8.48 17.82 -1.18
C LEU B 2 9.55 18.06 -0.13
N GLN B 3 9.84 17.05 0.68
CA GLN B 3 10.84 17.16 1.73
C GLN B 3 12.04 16.26 1.43
N ASN B 4 13.02 16.26 2.33
CA ASN B 4 14.21 15.44 2.17
C ASN B 4 14.71 14.93 3.51
N ASN B 5 14.29 15.59 4.59
CA ASN B 5 14.70 15.19 5.92
C ASN B 5 13.73 14.18 6.53
N GLN B 6 14.26 13.05 6.96
CA GLN B 6 13.45 11.99 7.56
C GLN B 6 12.35 11.53 6.60
N PRO B 7 12.74 10.78 5.53
CA PRO B 7 11.78 10.27 4.55
C PRO B 7 11.07 9.01 5.04
N VAL B 8 9.75 9.10 5.19
CA VAL B 8 8.96 7.98 5.66
C VAL B 8 8.43 7.12 4.50
N GLU B 9 7.66 7.72 3.61
CA GLU B 9 7.10 7.01 2.47
C GLU B 9 8.18 6.36 1.61
N PHE B 10 9.28 7.06 1.42
CA PHE B 10 10.38 6.55 0.60
C PHE B 10 10.94 5.24 1.15
N ASN B 11 11.74 5.34 2.21
CA ASN B 11 12.37 4.17 2.82
C ASN B 11 11.38 3.05 3.12
N HIS B 12 10.23 3.40 3.70
CA HIS B 12 9.23 2.40 4.06
C HIS B 12 8.65 1.69 2.84
N ALA B 13 7.95 2.43 1.97
CA ALA B 13 7.33 1.85 0.78
C ALA B 13 8.35 1.10 -0.08
N ILE B 14 9.48 1.73 -0.37
CA ILE B 14 10.50 1.11 -1.20
C ILE B 14 10.94 -0.23 -0.61
N ASN B 15 11.34 -0.23 0.66
CA ASN B 15 11.77 -1.45 1.33
C ASN B 15 10.63 -2.46 1.42
N TYR B 16 9.40 -1.96 1.33
CA TYR B 16 8.21 -2.81 1.40
C TYR B 16 8.08 -3.66 0.14
N VAL B 17 7.94 -3.00 -1.00
CA VAL B 17 7.81 -3.69 -2.28
C VAL B 17 9.06 -4.51 -2.57
N ASN B 18 10.20 -4.06 -2.05
CA ASN B 18 11.47 -4.74 -2.26
C ASN B 18 11.52 -6.08 -1.53
N LYS B 19 11.27 -6.05 -0.23
CA LYS B 19 11.28 -7.27 0.59
C LYS B 19 10.28 -8.29 0.07
N ILE B 20 9.08 -7.83 -0.26
CA ILE B 20 8.04 -8.71 -0.76
C ILE B 20 8.38 -9.27 -2.14
N LYS B 21 9.03 -8.45 -2.96
CA LYS B 21 9.42 -8.89 -4.30
C LYS B 21 10.47 -9.99 -4.23
N ASN B 22 11.37 -9.88 -3.26
CA ASN B 22 12.43 -10.87 -3.08
C ASN B 22 11.93 -12.07 -2.28
N ARG B 23 10.86 -11.86 -1.51
CA ARG B 23 10.28 -12.92 -0.70
C ARG B 23 9.50 -13.91 -1.56
N PHE B 24 8.40 -13.43 -2.14
CA PHE B 24 7.55 -14.26 -2.99
C PHE B 24 7.99 -14.18 -4.45
N GLN B 25 9.30 -14.07 -4.67
CA GLN B 25 9.85 -13.98 -5.99
C GLN B 25 9.47 -15.20 -6.83
N GLY B 26 9.06 -16.27 -6.17
CA GLY B 26 8.67 -17.48 -6.86
C GLY B 26 7.17 -17.57 -7.08
N GLN B 27 6.41 -16.85 -6.26
CA GLN B 27 4.96 -16.85 -6.38
C GLN B 27 4.45 -15.51 -6.92
N PRO B 28 4.21 -15.42 -8.24
CA PRO B 28 3.72 -14.18 -8.86
C PRO B 28 2.21 -14.00 -8.73
N ASP B 29 1.53 -15.05 -8.31
CA ASP B 29 0.08 -15.00 -8.14
C ASP B 29 -0.32 -14.12 -6.95
N ILE B 30 0.22 -14.44 -5.79
CA ILE B 30 -0.07 -13.67 -4.58
C ILE B 30 0.47 -12.26 -4.68
N TYR B 31 1.64 -12.11 -5.30
CA TYR B 31 2.26 -10.80 -5.46
C TYR B 31 1.39 -9.90 -6.35
N LYS B 32 1.00 -10.43 -7.51
CA LYS B 32 0.17 -9.69 -8.44
C LYS B 32 -1.17 -9.33 -7.81
N ALA B 33 -1.71 -10.24 -7.01
CA ALA B 33 -2.99 -10.02 -6.33
C ALA B 33 -2.90 -8.79 -5.43
N PHE B 34 -1.93 -8.79 -4.53
CA PHE B 34 -1.75 -7.67 -3.60
C PHE B 34 -1.64 -6.36 -4.37
N LEU B 35 -0.77 -6.34 -5.39
CA LEU B 35 -0.57 -5.15 -6.20
C LEU B 35 -1.89 -4.69 -6.83
N GLU B 36 -2.72 -5.66 -7.21
CA GLU B 36 -4.00 -5.36 -7.82
C GLU B 36 -4.94 -4.69 -6.82
N ILE B 37 -4.84 -5.11 -5.56
CA ILE B 37 -5.67 -4.54 -4.50
C ILE B 37 -5.33 -3.07 -4.28
N LEU B 38 -4.04 -2.77 -4.13
CA LEU B 38 -3.60 -1.40 -3.92
C LEU B 38 -3.84 -0.54 -5.15
N HIS B 39 -3.78 -1.16 -6.33
CA HIS B 39 -4.01 -0.46 -7.58
C HIS B 39 -5.45 0.04 -7.65
N THR B 40 -6.38 -0.88 -7.51
CA THR B 40 -7.80 -0.53 -7.54
C THR B 40 -8.15 0.40 -6.39
N TYR B 41 -7.52 0.16 -5.24
CA TYR B 41 -7.75 0.98 -4.06
C TYR B 41 -7.23 2.40 -4.29
N GLN B 42 -6.15 2.50 -5.06
CA GLN B 42 -5.54 3.79 -5.37
C GLN B 42 -6.47 4.62 -6.26
N LYS B 43 -6.94 4.00 -7.34
CA LYS B 43 -7.84 4.67 -8.27
C LYS B 43 -9.14 5.07 -7.59
N GLU B 44 -9.62 4.22 -6.70
CA GLU B 44 -10.86 4.50 -5.98
C GLU B 44 -10.64 5.63 -4.98
N GLN B 45 -9.43 5.69 -4.43
CA GLN B 45 -9.08 6.73 -3.47
C GLN B 45 -8.93 8.08 -4.16
N ARG B 46 -8.29 8.09 -5.31
CA ARG B 46 -8.08 9.33 -6.07
C ARG B 46 -9.41 9.90 -6.52
N ASN B 47 -10.20 9.08 -7.19
CA ASN B 47 -11.51 9.48 -7.69
C ASN B 47 -12.38 10.00 -6.55
N ALA B 48 -12.49 9.20 -5.49
CA ALA B 48 -13.29 9.60 -4.33
C ALA B 48 -12.80 10.91 -3.73
N LYS B 49 -11.48 11.13 -3.82
CA LYS B 49 -10.88 12.34 -3.29
C LYS B 49 -11.26 13.55 -4.14
N GLU B 50 -11.31 13.36 -5.44
CA GLU B 50 -11.67 14.43 -6.37
C GLU B 50 -13.18 14.68 -6.38
N ALA B 51 -13.93 13.66 -5.98
CA ALA B 51 -15.39 13.77 -5.95
C ALA B 51 -15.85 14.58 -4.75
N GLY B 52 -15.22 14.35 -3.60
CA GLY B 52 -15.58 15.07 -2.40
C GLY B 52 -16.11 14.15 -1.31
N GLY B 53 -17.30 13.60 -1.54
CA GLY B 53 -17.89 12.70 -0.57
C GLY B 53 -19.15 12.04 -1.09
N ASN B 54 -19.69 12.55 -2.19
CA ASN B 54 -20.90 11.98 -2.79
C ASN B 54 -20.58 10.71 -3.55
N TYR B 55 -19.31 10.32 -3.57
CA TYR B 55 -18.86 9.12 -4.26
C TYR B 55 -18.79 7.94 -3.30
N THR B 56 -19.01 6.75 -3.82
CA THR B 56 -18.97 5.53 -3.02
C THR B 56 -17.78 4.66 -3.41
N PRO B 57 -16.65 4.79 -2.68
CA PRO B 57 -15.43 4.00 -2.96
C PRO B 57 -15.70 2.50 -2.97
N ALA B 58 -15.17 1.82 -3.98
CA ALA B 58 -15.35 0.38 -4.10
C ALA B 58 -14.59 -0.36 -3.00
N LEU B 59 -13.30 -0.09 -2.91
CA LEU B 59 -12.45 -0.71 -1.91
C LEU B 59 -12.08 0.27 -0.81
N THR B 60 -12.25 -0.16 0.44
CA THR B 60 -11.93 0.67 1.59
C THR B 60 -10.75 0.09 2.38
N GLU B 61 -10.40 0.73 3.48
CA GLU B 61 -9.30 0.26 4.31
C GLU B 61 -9.54 -1.18 4.76
N GLN B 62 -10.80 -1.51 5.01
CA GLN B 62 -11.17 -2.85 5.44
C GLN B 62 -11.10 -3.84 4.28
N GLU B 63 -11.43 -3.38 3.09
CA GLU B 63 -11.41 -4.24 1.91
C GLU B 63 -9.99 -4.71 1.63
N VAL B 64 -9.04 -3.78 1.64
CA VAL B 64 -7.65 -4.11 1.38
C VAL B 64 -7.06 -4.96 2.50
N TYR B 65 -7.15 -4.47 3.74
CA TYR B 65 -6.61 -5.21 4.88
C TYR B 65 -7.15 -6.64 4.92
N ALA B 66 -8.42 -6.81 4.58
CA ALA B 66 -9.05 -8.12 4.59
C ALA B 66 -8.45 -9.04 3.52
N GLN B 67 -8.57 -8.63 2.26
CA GLN B 67 -8.04 -9.40 1.14
C GLN B 67 -6.56 -9.73 1.36
N VAL B 68 -5.80 -8.73 1.78
CA VAL B 68 -4.38 -8.91 2.05
C VAL B 68 -4.17 -9.93 3.17
N ALA B 69 -5.03 -9.87 4.18
CA ALA B 69 -4.95 -10.78 5.30
C ALA B 69 -5.25 -12.21 4.86
N ARG B 70 -6.04 -12.34 3.80
CA ARG B 70 -6.39 -13.63 3.25
C ARG B 70 -5.32 -14.12 2.29
N LEU B 71 -4.60 -13.19 1.68
CA LEU B 71 -3.54 -13.51 0.74
C LEU B 71 -2.44 -14.30 1.43
N PHE B 72 -2.15 -13.94 2.68
CA PHE B 72 -1.12 -14.61 3.46
C PHE B 72 -1.70 -15.30 4.69
N LYS B 73 -1.00 -16.31 5.19
CA LYS B 73 -1.46 -17.05 6.36
C LYS B 73 -0.41 -17.01 7.46
N ASN B 74 0.67 -17.76 7.28
CA ASN B 74 1.75 -17.81 8.25
C ASN B 74 2.56 -16.51 8.23
N GLN B 75 2.42 -15.76 7.15
CA GLN B 75 3.12 -14.49 7.00
C GLN B 75 2.25 -13.32 7.45
N GLU B 76 2.29 -13.02 8.75
CA GLU B 76 1.51 -11.93 9.31
C GLU B 76 2.33 -10.64 9.35
N ASP B 77 3.65 -10.78 9.19
CA ASP B 77 4.55 -9.65 9.20
C ASP B 77 4.14 -8.61 8.17
N LEU B 78 3.67 -9.07 7.02
CA LEU B 78 3.24 -8.18 5.96
C LEU B 78 1.98 -7.41 6.36
N LEU B 79 1.07 -8.07 7.06
CA LEU B 79 -0.16 -7.44 7.51
C LEU B 79 0.13 -6.32 8.50
N SER B 80 1.03 -6.58 9.44
CA SER B 80 1.39 -5.58 10.43
C SER B 80 2.09 -4.40 9.78
N GLU B 81 3.15 -4.69 9.05
CA GLU B 81 3.91 -3.65 8.35
C GLU B 81 2.99 -2.81 7.50
N PHE B 82 2.01 -3.47 6.87
CA PHE B 82 1.04 -2.78 6.04
C PHE B 82 0.17 -1.86 6.89
N GLY B 83 -0.24 -2.36 8.06
CA GLY B 83 -1.05 -1.57 8.96
C GLY B 83 -0.37 -0.25 9.29
N GLN B 84 0.95 -0.29 9.40
CA GLN B 84 1.73 0.90 9.69
C GLN B 84 1.46 1.98 8.65
N PHE B 85 1.25 1.55 7.41
CA PHE B 85 0.97 2.48 6.32
C PHE B 85 -0.44 3.02 6.41
N LEU B 86 -1.37 2.15 6.81
CA LEU B 86 -2.77 2.53 6.94
C LEU B 86 -2.92 3.87 7.66
N PRO B 87 -3.43 4.90 6.96
CA PRO B 87 -3.62 6.24 7.54
C PRO B 87 -4.24 6.19 8.93
N ASP B 88 -3.56 6.80 9.90
CA ASP B 88 -4.05 6.83 11.27
C ASP B 88 -4.97 8.02 11.51
N ALA B 89 -6.07 7.78 12.21
CA ALA B 89 -7.04 8.84 12.51
C ALA B 89 -8.01 8.40 13.60
N ASP A 1 18.29 -1.91 -7.79
CA ASP A 1 18.48 -3.36 -7.46
C ASP A 1 17.13 -4.05 -7.26
N PHE A 2 16.05 -3.29 -7.40
CA PHE A 2 14.71 -3.83 -7.25
C PHE A 2 13.78 -3.33 -8.35
N THR A 3 12.57 -3.89 -8.40
CA THR A 3 11.59 -3.49 -9.40
C THR A 3 10.19 -3.48 -8.81
N PRO A 4 9.66 -2.28 -8.46
CA PRO A 4 8.32 -2.16 -7.89
C PRO A 4 7.22 -2.38 -8.93
N MET A 5 6.00 -1.98 -8.59
CA MET A 5 4.88 -2.14 -9.51
C MET A 5 5.18 -1.50 -10.85
N ASP A 6 5.25 -0.17 -10.88
CA ASP A 6 5.56 0.57 -12.10
C ASP A 6 5.89 2.02 -11.79
N SER A 7 4.99 2.68 -11.07
CA SER A 7 5.16 4.08 -10.68
C SER A 7 3.94 4.58 -9.92
N SER A 8 3.02 3.67 -9.61
CA SER A 8 1.80 4.03 -8.89
C SER A 8 1.78 3.40 -7.50
N ALA A 9 2.56 2.34 -7.31
CA ALA A 9 2.63 1.68 -6.01
C ALA A 9 3.05 2.63 -4.92
N VAL A 10 4.11 3.40 -5.18
CA VAL A 10 4.61 4.35 -4.21
C VAL A 10 3.61 5.46 -3.96
N TYR A 11 2.70 5.67 -4.92
CA TYR A 11 1.68 6.70 -4.80
C TYR A 11 0.72 6.40 -3.64
N VAL A 12 0.14 5.20 -3.65
CA VAL A 12 -0.78 4.79 -2.60
C VAL A 12 -0.05 4.56 -1.28
N LEU A 13 1.08 3.85 -1.34
CA LEU A 13 1.88 3.57 -0.16
C LEU A 13 2.26 4.86 0.55
N SER A 14 2.57 5.89 -0.22
CA SER A 14 2.96 7.19 0.33
C SER A 14 1.77 7.88 0.98
N SER A 15 0.73 8.16 0.19
CA SER A 15 -0.45 8.84 0.70
C SER A 15 -1.04 8.13 1.92
N MET A 16 -0.91 6.82 1.97
CA MET A 16 -1.43 6.04 3.09
C MET A 16 -0.57 6.20 4.35
N ALA A 17 0.76 6.11 4.18
CA ALA A 17 1.68 6.22 5.30
C ALA A 17 2.02 7.68 5.63
N ARG A 18 1.55 8.61 4.79
CA ARG A 18 1.83 10.02 5.00
C ARG A 18 0.60 10.77 5.50
N GLN A 19 -0.59 10.26 5.15
CA GLN A 19 -1.83 10.90 5.56
C GLN A 19 -1.89 11.07 7.07
N ARG A 20 -2.33 10.04 7.77
CA ARG A 20 -2.43 10.07 9.22
C ARG A 20 -3.18 11.31 9.70
N ARG A 21 -2.96 11.69 10.95
CA ARG A 21 -3.63 12.85 11.52
C ARG A 21 -3.26 14.13 10.76
N ALA A 22 -1.97 14.41 10.67
CA ALA A 22 -1.47 15.58 9.98
C ALA A 22 -2.02 16.87 10.60
N SER A 23 -3.19 17.29 10.14
CA SER A 23 -3.83 18.50 10.65
C SER A 23 -2.90 19.70 10.54
N SER B 1 19.74 18.22 10.51
CA SER B 1 19.54 17.79 9.11
C SER B 1 20.61 16.77 8.69
N LEU B 2 21.47 16.40 9.63
CA LEU B 2 22.53 15.44 9.36
C LEU B 2 22.09 14.03 9.74
N GLN B 3 21.15 13.93 10.67
CA GLN B 3 20.65 12.63 11.12
C GLN B 3 19.33 12.78 11.85
N ASN B 4 18.75 13.98 11.80
CA ASN B 4 17.47 14.25 12.45
C ASN B 4 16.31 14.09 11.47
N ASN B 5 15.26 13.41 11.92
CA ASN B 5 14.08 13.17 11.09
C ASN B 5 14.43 12.40 9.83
N GLN B 6 14.14 11.10 9.83
CA GLN B 6 14.42 10.25 8.69
C GLN B 6 13.16 10.04 7.84
N PRO B 7 13.34 9.80 6.52
CA PRO B 7 12.21 9.59 5.61
C PRO B 7 11.53 8.25 5.84
N VAL B 8 10.24 8.29 6.18
CA VAL B 8 9.47 7.08 6.44
C VAL B 8 8.82 6.56 5.16
N GLU B 9 8.38 7.50 4.33
CA GLU B 9 7.71 7.16 3.08
C GLU B 9 8.58 6.27 2.20
N PHE B 10 9.66 6.84 1.68
CA PHE B 10 10.58 6.11 0.80
C PHE B 10 10.99 4.76 1.40
N ASN B 11 11.68 4.81 2.53
CA ASN B 11 12.16 3.61 3.20
C ASN B 11 11.08 2.53 3.30
N HIS B 12 10.01 2.82 4.03
CA HIS B 12 8.92 1.87 4.23
C HIS B 12 8.34 1.35 2.91
N ALA B 13 7.66 2.23 2.17
CA ALA B 13 7.02 1.85 0.91
C ALA B 13 7.97 1.07 -0.02
N ILE B 14 9.05 1.70 -0.43
CA ILE B 14 10.01 1.07 -1.34
C ILE B 14 10.46 -0.30 -0.84
N ASN B 15 11.10 -0.32 0.34
CA ASN B 15 11.60 -1.58 0.92
C ASN B 15 10.49 -2.61 1.04
N TYR B 16 9.25 -2.14 1.18
CA TYR B 16 8.10 -3.02 1.33
C TYR B 16 7.83 -3.80 0.04
N VAL B 17 7.63 -3.06 -1.06
CA VAL B 17 7.36 -3.70 -2.35
C VAL B 17 8.51 -4.62 -2.75
N ASN B 18 9.73 -4.15 -2.57
CA ASN B 18 10.91 -4.93 -2.90
C ASN B 18 10.96 -6.21 -2.06
N LYS B 19 10.55 -6.09 -0.80
CA LYS B 19 10.55 -7.22 0.10
C LYS B 19 9.65 -8.35 -0.42
N ILE B 20 8.38 -8.02 -0.66
CA ILE B 20 7.42 -9.00 -1.15
C ILE B 20 7.76 -9.44 -2.58
N LYS B 21 8.49 -8.58 -3.31
CA LYS B 21 8.87 -8.88 -4.68
C LYS B 21 9.96 -9.94 -4.73
N ASN B 22 10.88 -9.91 -3.76
CA ASN B 22 11.97 -10.88 -3.72
C ASN B 22 11.56 -12.14 -2.97
N ARG B 23 10.87 -11.98 -1.85
CA ARG B 23 10.42 -13.12 -1.06
C ARG B 23 9.42 -13.98 -1.83
N PHE B 24 8.26 -13.41 -2.11
CA PHE B 24 7.22 -14.13 -2.85
C PHE B 24 7.47 -14.10 -4.34
N GLN B 25 8.74 -14.08 -4.74
CA GLN B 25 9.11 -14.06 -6.14
C GLN B 25 8.77 -15.39 -6.81
N GLY B 26 8.52 -16.41 -5.99
CA GLY B 26 8.18 -17.72 -6.51
C GLY B 26 6.77 -17.78 -7.06
N GLN B 27 5.81 -17.28 -6.28
CA GLN B 27 4.41 -17.29 -6.70
C GLN B 27 3.99 -15.90 -7.20
N PRO B 28 3.93 -15.72 -8.54
CA PRO B 28 3.55 -14.43 -9.14
C PRO B 28 2.11 -14.05 -8.82
N ASP B 29 1.28 -15.05 -8.54
CA ASP B 29 -0.13 -14.82 -8.23
C ASP B 29 -0.28 -13.98 -6.96
N ILE B 30 0.60 -14.23 -5.99
CA ILE B 30 0.57 -13.49 -4.72
C ILE B 30 0.96 -12.04 -4.92
N TYR B 31 2.18 -11.82 -5.39
CA TYR B 31 2.71 -10.48 -5.64
C TYR B 31 1.74 -9.66 -6.49
N LYS B 32 1.34 -10.24 -7.63
CA LYS B 32 0.42 -9.57 -8.54
C LYS B 32 -0.89 -9.22 -7.84
N ALA B 33 -1.44 -10.19 -7.11
CA ALA B 33 -2.70 -9.98 -6.39
C ALA B 33 -2.65 -8.72 -5.53
N PHE B 34 -1.65 -8.66 -4.66
CA PHE B 34 -1.48 -7.51 -3.78
C PHE B 34 -1.43 -6.22 -4.59
N LEU B 35 -0.67 -6.24 -5.68
CA LEU B 35 -0.53 -5.09 -6.55
C LEU B 35 -1.89 -4.67 -7.11
N GLU B 36 -2.74 -5.67 -7.38
CA GLU B 36 -4.08 -5.40 -7.91
C GLU B 36 -4.93 -4.69 -6.86
N ILE B 37 -4.75 -5.08 -5.59
CA ILE B 37 -5.51 -4.47 -4.51
C ILE B 37 -5.17 -2.99 -4.38
N LEU B 38 -3.86 -2.70 -4.26
CA LEU B 38 -3.41 -1.32 -4.14
C LEU B 38 -3.75 -0.51 -5.39
N HIS B 39 -3.69 -1.17 -6.55
CA HIS B 39 -4.01 -0.51 -7.81
C HIS B 39 -5.47 -0.06 -7.81
N THR B 40 -6.37 -0.98 -7.51
CA THR B 40 -7.79 -0.67 -7.45
C THR B 40 -8.04 0.40 -6.39
N TYR B 41 -7.22 0.37 -5.34
CA TYR B 41 -7.33 1.34 -4.26
C TYR B 41 -7.04 2.74 -4.78
N GLN B 42 -6.07 2.83 -5.68
CA GLN B 42 -5.67 4.10 -6.28
C GLN B 42 -6.81 4.64 -7.14
N LYS B 43 -7.33 3.79 -8.01
CA LYS B 43 -8.43 4.16 -8.90
C LYS B 43 -9.61 4.70 -8.12
N GLU B 44 -10.04 3.95 -7.11
CA GLU B 44 -11.18 4.35 -6.28
C GLU B 44 -10.87 5.64 -5.52
N GLN B 45 -9.62 5.81 -5.11
CA GLN B 45 -9.22 7.00 -4.38
C GLN B 45 -9.32 8.23 -5.26
N ARG B 46 -8.83 8.12 -6.49
CA ARG B 46 -8.87 9.22 -7.45
C ARG B 46 -10.31 9.64 -7.72
N ASN B 47 -11.14 8.65 -8.05
CA ASN B 47 -12.55 8.90 -8.34
C ASN B 47 -13.22 9.64 -7.18
N ALA B 48 -12.93 9.19 -5.96
CA ALA B 48 -13.49 9.81 -4.77
C ALA B 48 -13.00 11.25 -4.62
N LYS B 49 -11.77 11.48 -5.05
CA LYS B 49 -11.16 12.81 -4.97
C LYS B 49 -11.80 13.75 -5.98
N GLU B 50 -12.07 13.24 -7.18
CA GLU B 50 -12.68 14.03 -8.24
C GLU B 50 -14.13 14.37 -7.90
N ALA B 51 -14.80 13.44 -7.21
CA ALA B 51 -16.19 13.64 -6.83
C ALA B 51 -16.32 14.77 -5.80
N GLY B 52 -15.30 14.91 -4.96
CA GLY B 52 -15.32 15.95 -3.95
C GLY B 52 -15.05 15.40 -2.56
N GLY B 53 -15.73 14.30 -2.21
CA GLY B 53 -15.55 13.70 -0.90
C GLY B 53 -16.77 12.90 -0.47
N ASN B 54 -17.93 13.25 -1.00
CA ASN B 54 -19.17 12.57 -0.67
C ASN B 54 -19.15 11.13 -1.19
N TYR B 55 -18.31 10.88 -2.19
CA TYR B 55 -18.20 9.56 -2.79
C TYR B 55 -17.69 8.54 -1.77
N THR B 56 -18.14 7.30 -1.88
CA THR B 56 -17.73 6.24 -0.98
C THR B 56 -16.78 5.26 -1.67
N PRO B 57 -15.46 5.38 -1.44
CA PRO B 57 -14.48 4.48 -2.06
C PRO B 57 -14.81 3.02 -1.82
N ALA B 58 -14.77 2.23 -2.90
CA ALA B 58 -15.08 0.81 -2.82
C ALA B 58 -14.11 0.09 -1.86
N LEU B 59 -12.83 0.41 -1.98
CA LEU B 59 -11.81 -0.20 -1.12
C LEU B 59 -11.22 0.81 -0.16
N THR B 60 -11.36 0.54 1.13
CA THR B 60 -10.83 1.41 2.16
C THR B 60 -9.71 0.71 2.92
N GLU B 61 -9.35 1.24 4.09
CA GLU B 61 -8.29 0.66 4.89
C GLU B 61 -8.67 -0.77 5.31
N GLN B 62 -9.94 -0.97 5.61
CA GLN B 62 -10.44 -2.27 6.02
C GLN B 62 -10.50 -3.25 4.84
N GLU B 63 -10.94 -2.75 3.69
CA GLU B 63 -11.04 -3.58 2.50
C GLU B 63 -9.67 -4.16 2.12
N VAL B 64 -8.68 -3.28 1.99
CA VAL B 64 -7.34 -3.71 1.64
C VAL B 64 -6.77 -4.64 2.70
N TYR B 65 -6.75 -4.18 3.94
CA TYR B 65 -6.22 -4.98 5.05
C TYR B 65 -6.85 -6.37 5.07
N ALA B 66 -8.14 -6.43 4.75
CA ALA B 66 -8.86 -7.71 4.73
C ALA B 66 -8.32 -8.63 3.66
N GLN B 67 -8.37 -8.18 2.41
CA GLN B 67 -7.89 -8.98 1.28
C GLN B 67 -6.43 -9.40 1.50
N VAL B 68 -5.63 -8.50 2.06
CA VAL B 68 -4.24 -8.79 2.32
C VAL B 68 -4.11 -9.78 3.46
N ALA B 69 -5.02 -9.69 4.42
CA ALA B 69 -5.02 -10.59 5.57
C ALA B 69 -5.27 -12.01 5.12
N ARG B 70 -6.12 -12.17 4.10
CA ARG B 70 -6.44 -13.47 3.56
C ARG B 70 -5.43 -13.85 2.47
N LEU B 71 -4.75 -12.84 1.94
CA LEU B 71 -3.74 -13.05 0.90
C LEU B 71 -2.63 -13.95 1.45
N PHE B 72 -2.53 -14.00 2.77
CA PHE B 72 -1.52 -14.81 3.45
C PHE B 72 -2.18 -15.65 4.55
N LYS B 73 -1.37 -16.36 5.32
CA LYS B 73 -1.90 -17.19 6.39
C LYS B 73 -1.10 -16.98 7.68
N ASN B 74 0.05 -17.65 7.77
CA ASN B 74 0.90 -17.55 8.95
C ASN B 74 1.90 -16.41 8.80
N GLN B 75 1.73 -15.61 7.75
CA GLN B 75 2.62 -14.48 7.50
C GLN B 75 2.09 -13.21 8.15
N GLU B 76 2.40 -13.03 9.43
CA GLU B 76 1.95 -11.86 10.16
C GLU B 76 2.98 -10.73 10.04
N ASP B 77 4.15 -11.06 9.54
CA ASP B 77 5.21 -10.08 9.36
C ASP B 77 4.79 -9.00 8.36
N LEU B 78 4.24 -9.44 7.23
CA LEU B 78 3.78 -8.54 6.20
C LEU B 78 2.56 -7.75 6.68
N LEU B 79 1.63 -8.47 7.28
CA LEU B 79 0.40 -7.85 7.80
C LEU B 79 0.72 -6.78 8.83
N SER B 80 1.79 -6.98 9.59
CA SER B 80 2.21 -6.03 10.62
C SER B 80 2.85 -4.80 9.98
N GLU B 81 3.91 -5.04 9.20
CA GLU B 81 4.61 -3.96 8.52
C GLU B 81 3.64 -3.14 7.69
N PHE B 82 2.62 -3.81 7.17
CA PHE B 82 1.59 -3.15 6.37
C PHE B 82 0.59 -2.45 7.26
N GLY B 83 0.37 -3.02 8.45
CA GLY B 83 -0.55 -2.42 9.40
C GLY B 83 -0.10 -1.04 9.81
N GLN B 84 1.23 -0.87 9.87
CA GLN B 84 1.81 0.42 10.23
C GLN B 84 1.57 1.46 9.15
N PHE B 85 1.43 0.99 7.91
CA PHE B 85 1.20 1.88 6.76
C PHE B 85 -0.10 2.66 6.93
N LEU B 86 -1.13 2.01 7.47
CA LEU B 86 -2.42 2.66 7.66
C LEU B 86 -2.25 3.96 8.45
N PRO B 87 -3.01 5.01 8.09
CA PRO B 87 -2.93 6.31 8.78
C PRO B 87 -3.42 6.23 10.22
N ASP B 88 -2.80 7.02 11.09
CA ASP B 88 -3.18 7.04 12.50
C ASP B 88 -4.17 8.16 12.79
N ALA B 89 -5.42 7.79 13.04
CA ALA B 89 -6.47 8.77 13.33
C ALA B 89 -7.43 8.23 14.39
N ASP A 1 18.23 -1.99 -11.20
CA ASP A 1 18.56 -1.89 -9.75
C ASP A 1 17.32 -2.18 -8.90
N PHE A 2 16.15 -1.83 -9.41
CA PHE A 2 14.90 -2.06 -8.70
C PHE A 2 13.74 -2.28 -9.68
N THR A 3 12.93 -3.30 -9.41
CA THR A 3 11.79 -3.62 -10.26
C THR A 3 10.48 -3.36 -9.52
N PRO A 4 9.89 -2.17 -9.71
CA PRO A 4 8.62 -1.82 -9.05
C PRO A 4 7.43 -2.58 -9.63
N MET A 5 6.22 -2.17 -9.23
CA MET A 5 5.00 -2.81 -9.69
C MET A 5 4.88 -2.71 -11.21
N ASP A 6 4.61 -1.51 -11.70
CA ASP A 6 4.46 -1.26 -13.13
C ASP A 6 4.30 0.24 -13.38
N SER A 7 3.52 0.88 -12.53
CA SER A 7 3.28 2.32 -12.65
C SER A 7 3.95 3.07 -11.50
N SER A 8 3.45 2.84 -10.29
CA SER A 8 4.00 3.50 -9.10
C SER A 8 3.33 2.97 -7.84
N ALA A 9 3.92 1.95 -7.24
CA ALA A 9 3.39 1.37 -6.00
C ALA A 9 3.73 2.25 -4.81
N VAL A 10 4.90 2.87 -4.87
CA VAL A 10 5.35 3.75 -3.81
C VAL A 10 4.40 4.94 -3.66
N TYR A 11 3.58 5.15 -4.68
CA TYR A 11 2.62 6.25 -4.68
C TYR A 11 1.48 5.96 -3.70
N VAL A 12 0.81 4.83 -3.89
CA VAL A 12 -0.29 4.43 -3.01
C VAL A 12 0.21 4.26 -1.58
N LEU A 13 1.35 3.59 -1.44
CA LEU A 13 1.94 3.35 -0.13
C LEU A 13 2.33 4.66 0.53
N SER A 14 2.82 5.60 -0.28
CA SER A 14 3.23 6.92 0.22
C SER A 14 2.06 7.64 0.88
N SER A 15 1.01 7.91 0.09
CA SER A 15 -0.17 8.60 0.59
C SER A 15 -0.79 7.84 1.75
N MET A 16 -0.68 6.52 1.72
CA MET A 16 -1.24 5.69 2.77
C MET A 16 -0.64 6.03 4.14
N ALA A 17 0.68 5.95 4.23
CA ALA A 17 1.37 6.24 5.49
C ALA A 17 1.62 7.74 5.66
N ARG A 18 1.34 8.52 4.63
CA ARG A 18 1.54 9.97 4.69
C ARG A 18 0.38 10.64 5.41
N GLN A 19 -0.83 10.19 5.14
CA GLN A 19 -2.03 10.74 5.77
C GLN A 19 -1.93 10.65 7.28
N ARG A 20 -2.28 9.50 7.84
CA ARG A 20 -2.23 9.28 9.28
C ARG A 20 -2.99 10.38 10.01
N ARG A 21 -3.94 10.99 9.32
CA ARG A 21 -4.75 12.06 9.90
C ARG A 21 -5.81 11.50 10.84
N ALA A 22 -6.06 12.21 11.93
CA ALA A 22 -7.06 11.77 12.91
C ALA A 22 -7.73 12.97 13.56
N SER A 23 -7.00 14.08 13.68
CA SER A 23 -7.52 15.29 14.28
C SER A 23 -7.19 16.51 13.44
N SER B 1 7.24 7.87 15.14
CA SER B 1 7.77 9.22 14.81
C SER B 1 9.26 9.15 14.48
N LEU B 2 9.75 10.17 13.78
CA LEU B 2 11.16 10.23 13.40
C LEU B 2 11.68 11.66 13.51
N GLN B 3 12.99 11.83 13.34
CA GLN B 3 13.61 13.14 13.40
C GLN B 3 14.52 13.37 12.20
N ASN B 4 15.20 12.31 11.77
CA ASN B 4 16.10 12.40 10.63
C ASN B 4 15.49 11.71 9.40
N ASN B 5 16.15 11.89 8.25
CA ASN B 5 15.68 11.29 7.00
C ASN B 5 14.30 11.83 6.63
N GLN B 6 14.27 12.83 5.76
CA GLN B 6 13.02 13.43 5.33
C GLN B 6 12.16 12.43 4.53
N PRO B 7 12.74 11.73 3.52
CA PRO B 7 12.00 10.75 2.73
C PRO B 7 11.54 9.55 3.56
N VAL B 8 10.32 9.63 4.07
CA VAL B 8 9.77 8.55 4.88
C VAL B 8 8.99 7.55 4.03
N GLU B 9 8.11 8.07 3.19
CA GLU B 9 7.28 7.24 2.33
C GLU B 9 8.11 6.52 1.27
N PHE B 10 9.09 7.23 0.71
CA PHE B 10 9.94 6.66 -0.33
C PHE B 10 10.67 5.41 0.18
N ASN B 11 11.50 5.60 1.20
CA ASN B 11 12.28 4.50 1.77
C ASN B 11 11.38 3.39 2.30
N HIS B 12 10.30 3.75 2.99
CA HIS B 12 9.38 2.78 3.56
C HIS B 12 8.74 1.90 2.48
N ALA B 13 7.92 2.53 1.62
CA ALA B 13 7.23 1.81 0.56
C ALA B 13 8.19 1.01 -0.31
N ILE B 14 9.32 1.61 -0.68
CA ILE B 14 10.30 0.93 -1.53
C ILE B 14 10.81 -0.36 -0.87
N ASN B 15 11.30 -0.25 0.35
CA ASN B 15 11.81 -1.40 1.09
C ASN B 15 10.73 -2.46 1.24
N TYR B 16 9.48 -2.03 1.33
CA TYR B 16 8.36 -2.93 1.49
C TYR B 16 8.19 -3.81 0.25
N VAL B 17 7.92 -3.18 -0.89
CA VAL B 17 7.74 -3.90 -2.14
C VAL B 17 9.01 -4.66 -2.52
N ASN B 18 10.15 -4.21 -1.99
CA ASN B 18 11.43 -4.84 -2.29
C ASN B 18 11.52 -6.23 -1.64
N LYS B 19 11.35 -6.26 -0.32
CA LYS B 19 11.44 -7.53 0.42
C LYS B 19 10.33 -8.48 0.00
N ILE B 20 9.16 -7.94 -0.33
CA ILE B 20 8.03 -8.78 -0.74
C ILE B 20 8.25 -9.36 -2.14
N LYS B 21 8.87 -8.58 -3.01
CA LYS B 21 9.14 -9.01 -4.38
C LYS B 21 10.17 -10.14 -4.40
N ASN B 22 11.25 -9.95 -3.64
CA ASN B 22 12.32 -10.94 -3.58
C ASN B 22 11.85 -12.22 -2.87
N ARG B 23 11.23 -12.05 -1.71
CA ARG B 23 10.75 -13.19 -0.93
C ARG B 23 9.74 -14.02 -1.72
N PHE B 24 8.60 -13.41 -2.04
CA PHE B 24 7.55 -14.10 -2.79
C PHE B 24 7.81 -14.05 -4.29
N GLN B 25 9.08 -14.06 -4.67
CA GLN B 25 9.46 -14.01 -6.09
C GLN B 25 8.98 -15.26 -6.81
N GLY B 26 8.71 -16.32 -6.04
CA GLY B 26 8.26 -17.57 -6.62
C GLY B 26 6.75 -17.61 -6.81
N GLN B 27 6.04 -16.76 -6.08
CA GLN B 27 4.59 -16.70 -6.17
C GLN B 27 4.15 -15.43 -6.90
N PRO B 28 3.88 -15.52 -8.23
CA PRO B 28 3.46 -14.37 -9.02
C PRO B 28 1.99 -14.03 -8.82
N ASP B 29 1.19 -15.04 -8.50
CA ASP B 29 -0.25 -14.84 -8.30
C ASP B 29 -0.52 -13.95 -7.08
N ILE B 30 0.14 -14.28 -5.97
CA ILE B 30 -0.02 -13.51 -4.75
C ILE B 30 0.52 -12.08 -4.90
N TYR B 31 1.73 -11.97 -5.45
CA TYR B 31 2.35 -10.67 -5.66
C TYR B 31 1.46 -9.75 -6.48
N LYS B 32 1.10 -10.20 -7.68
CA LYS B 32 0.24 -9.43 -8.58
C LYS B 32 -1.07 -9.05 -7.89
N ALA B 33 -1.72 -10.03 -7.27
CA ALA B 33 -2.98 -9.80 -6.58
C ALA B 33 -2.89 -8.59 -5.65
N PHE B 34 -1.88 -8.59 -4.79
CA PHE B 34 -1.67 -7.49 -3.86
C PHE B 34 -1.55 -6.18 -4.62
N LEU B 35 -0.77 -6.20 -5.68
CA LEU B 35 -0.58 -5.01 -6.52
C LEU B 35 -1.92 -4.54 -7.07
N GLU B 36 -2.83 -5.50 -7.30
CA GLU B 36 -4.16 -5.19 -7.81
C GLU B 36 -5.00 -4.50 -6.76
N ILE B 37 -4.83 -4.91 -5.50
CA ILE B 37 -5.58 -4.32 -4.41
C ILE B 37 -5.22 -2.86 -4.21
N LEU B 38 -3.91 -2.58 -4.18
CA LEU B 38 -3.44 -1.21 -4.00
C LEU B 38 -3.80 -0.35 -5.21
N HIS B 39 -3.70 -0.94 -6.41
CA HIS B 39 -4.02 -0.23 -7.63
C HIS B 39 -5.47 0.22 -7.63
N THR B 40 -6.37 -0.74 -7.49
CA THR B 40 -7.81 -0.44 -7.48
C THR B 40 -8.16 0.50 -6.33
N TYR B 41 -7.46 0.35 -5.21
CA TYR B 41 -7.69 1.18 -4.04
C TYR B 41 -7.43 2.65 -4.36
N GLN B 42 -6.20 2.96 -4.75
CA GLN B 42 -5.82 4.32 -5.09
C GLN B 42 -6.72 4.88 -6.18
N LYS B 43 -7.15 4.01 -7.10
CA LYS B 43 -8.03 4.42 -8.18
C LYS B 43 -9.32 5.01 -7.63
N GLU B 44 -9.99 4.25 -6.77
CA GLU B 44 -11.24 4.70 -6.17
C GLU B 44 -11.00 5.98 -5.36
N GLN B 45 -9.82 6.07 -4.76
CA GLN B 45 -9.47 7.25 -3.97
C GLN B 45 -9.42 8.50 -4.86
N ARG B 46 -8.81 8.35 -6.04
CA ARG B 46 -8.70 9.45 -6.98
C ARG B 46 -10.08 9.93 -7.42
N ASN B 47 -10.89 9.00 -7.90
CA ASN B 47 -12.24 9.32 -8.34
C ASN B 47 -13.04 9.96 -7.21
N ALA B 48 -12.76 9.53 -5.98
CA ALA B 48 -13.43 10.05 -4.80
C ALA B 48 -13.11 11.53 -4.59
N LYS B 49 -11.83 11.87 -4.75
CA LYS B 49 -11.38 13.25 -4.57
C LYS B 49 -11.96 14.15 -5.66
N GLU B 50 -12.01 13.64 -6.88
CA GLU B 50 -12.54 14.39 -8.01
C GLU B 50 -14.04 14.58 -7.88
N ALA B 51 -14.70 13.60 -7.28
CA ALA B 51 -16.14 13.65 -7.09
C ALA B 51 -16.54 14.77 -6.13
N GLY B 52 -15.61 15.16 -5.26
CA GLY B 52 -15.88 16.21 -4.30
C GLY B 52 -16.97 15.85 -3.32
N GLY B 53 -16.95 14.61 -2.84
CA GLY B 53 -17.94 14.15 -1.89
C GLY B 53 -19.08 13.40 -2.56
N ASN B 54 -20.03 12.93 -1.75
CA ASN B 54 -21.18 12.19 -2.24
C ASN B 54 -20.75 10.92 -2.99
N TYR B 55 -19.49 10.55 -2.82
CA TYR B 55 -18.95 9.36 -3.47
C TYR B 55 -18.58 8.29 -2.45
N THR B 56 -18.93 7.05 -2.75
CA THR B 56 -18.64 5.93 -1.85
C THR B 56 -17.56 5.02 -2.43
N PRO B 57 -16.29 5.21 -2.04
CA PRO B 57 -15.18 4.38 -2.54
C PRO B 57 -15.46 2.89 -2.40
N ALA B 58 -15.12 2.14 -3.44
CA ALA B 58 -15.35 0.70 -3.45
C ALA B 58 -14.52 -0.01 -2.38
N LEU B 59 -13.20 0.15 -2.46
CA LEU B 59 -12.31 -0.48 -1.50
C LEU B 59 -11.84 0.50 -0.44
N THR B 60 -11.98 0.11 0.82
CA THR B 60 -11.56 0.94 1.94
C THR B 60 -10.39 0.31 2.67
N GLU B 61 -9.99 0.91 3.78
CA GLU B 61 -8.89 0.39 4.58
C GLU B 61 -9.17 -1.04 5.03
N GLN B 62 -10.44 -1.30 5.32
CA GLN B 62 -10.87 -2.62 5.77
C GLN B 62 -10.87 -3.63 4.61
N GLU B 63 -11.27 -3.16 3.44
CA GLU B 63 -11.32 -4.02 2.26
C GLU B 63 -9.92 -4.51 1.90
N VAL B 64 -8.96 -3.61 1.91
CA VAL B 64 -7.58 -3.94 1.59
C VAL B 64 -6.98 -4.86 2.66
N TYR B 65 -6.98 -4.39 3.90
CA TYR B 65 -6.42 -5.18 5.00
C TYR B 65 -7.02 -6.58 5.03
N ALA B 66 -8.29 -6.69 4.63
CA ALA B 66 -8.97 -7.98 4.62
C ALA B 66 -8.39 -8.89 3.54
N GLN B 67 -8.40 -8.42 2.29
CA GLN B 67 -7.88 -9.19 1.18
C GLN B 67 -6.42 -9.58 1.43
N VAL B 68 -5.63 -8.62 1.91
CA VAL B 68 -4.22 -8.85 2.21
C VAL B 68 -4.07 -9.86 3.34
N ALA B 69 -5.02 -9.82 4.28
CA ALA B 69 -5.00 -10.73 5.41
C ALA B 69 -5.11 -12.18 4.95
N ARG B 70 -6.12 -12.45 4.13
CA ARG B 70 -6.33 -13.80 3.61
C ARG B 70 -5.32 -14.11 2.52
N LEU B 71 -4.70 -13.07 1.97
CA LEU B 71 -3.71 -13.23 0.92
C LEU B 71 -2.54 -14.08 1.41
N PHE B 72 -2.24 -13.98 2.70
CA PHE B 72 -1.15 -14.74 3.31
C PHE B 72 -1.69 -15.68 4.38
N LYS B 73 -0.81 -16.53 4.92
CA LYS B 73 -1.21 -17.48 5.95
C LYS B 73 -0.28 -17.41 7.15
N ASN B 74 0.90 -18.03 7.02
CA ASN B 74 1.88 -18.05 8.10
C ASN B 74 2.71 -16.77 8.11
N GLN B 75 2.58 -15.97 7.06
CA GLN B 75 3.32 -14.72 6.95
C GLN B 75 2.51 -13.55 7.48
N GLU B 76 2.61 -13.30 8.78
CA GLU B 76 1.89 -12.21 9.40
C GLU B 76 2.77 -10.96 9.48
N ASP B 77 4.06 -11.14 9.20
CA ASP B 77 5.00 -10.02 9.24
C ASP B 77 4.57 -8.92 8.27
N LEU B 78 4.06 -9.33 7.13
CA LEU B 78 3.58 -8.39 6.12
C LEU B 78 2.32 -7.69 6.59
N LEU B 79 1.46 -8.45 7.25
CA LEU B 79 0.20 -7.91 7.75
C LEU B 79 0.44 -6.88 8.86
N SER B 80 1.46 -7.11 9.67
CA SER B 80 1.79 -6.19 10.75
C SER B 80 2.40 -4.91 10.18
N GLU B 81 3.41 -5.06 9.33
CA GLU B 81 4.05 -3.92 8.71
C GLU B 81 3.05 -3.09 7.93
N PHE B 82 2.06 -3.78 7.35
CA PHE B 82 1.02 -3.11 6.58
C PHE B 82 -0.03 -2.52 7.52
N GLY B 83 -0.21 -3.17 8.67
CA GLY B 83 -1.17 -2.69 9.65
C GLY B 83 -0.80 -1.32 10.16
N GLN B 84 0.49 -1.11 10.39
CA GLN B 84 1.00 0.17 10.86
C GLN B 84 1.06 1.17 9.71
N PHE B 85 1.01 0.65 8.48
CA PHE B 85 1.05 1.47 7.29
C PHE B 85 -0.22 2.30 7.16
N LEU B 86 -1.35 1.68 7.44
CA LEU B 86 -2.65 2.35 7.37
C LEU B 86 -2.67 3.59 8.25
N PRO B 87 -3.41 4.65 7.85
CA PRO B 87 -3.51 5.89 8.63
C PRO B 87 -3.83 5.64 10.09
N ASP B 88 -2.85 5.86 10.95
CA ASP B 88 -3.02 5.67 12.39
C ASP B 88 -3.63 6.91 13.03
N ALA B 89 -3.67 6.91 14.36
CA ALA B 89 -4.24 8.03 15.11
C ALA B 89 -3.14 8.95 15.62
N ASP A 1 20.01 -1.82 -6.66
CA ASP A 1 19.12 -1.26 -7.71
C ASP A 1 17.93 -2.19 -7.96
N PHE A 2 16.74 -1.63 -8.00
CA PHE A 2 15.53 -2.40 -8.23
C PHE A 2 14.41 -1.51 -8.75
N THR A 3 13.35 -2.14 -9.27
CA THR A 3 12.21 -1.40 -9.81
C THR A 3 10.90 -1.91 -9.22
N PRO A 4 10.04 -1.01 -8.72
CA PRO A 4 8.75 -1.40 -8.13
C PRO A 4 7.78 -1.93 -9.17
N MET A 5 6.49 -1.96 -8.81
CA MET A 5 5.46 -2.45 -9.72
C MET A 5 5.55 -1.76 -11.08
N ASP A 6 5.62 -0.44 -11.05
CA ASP A 6 5.71 0.35 -12.28
C ASP A 6 6.00 1.81 -11.95
N SER A 7 4.98 2.50 -11.41
CA SER A 7 5.12 3.90 -11.05
C SER A 7 3.86 4.39 -10.35
N SER A 8 3.08 3.46 -9.80
CA SER A 8 1.85 3.79 -9.11
C SER A 8 1.84 3.21 -7.69
N ALA A 9 2.34 1.99 -7.54
CA ALA A 9 2.39 1.33 -6.24
C ALA A 9 3.08 2.21 -5.20
N VAL A 10 4.20 2.80 -5.57
CA VAL A 10 4.95 3.67 -4.68
C VAL A 10 4.11 4.85 -4.21
N TYR A 11 3.18 5.28 -5.06
CA TYR A 11 2.31 6.41 -4.75
C TYR A 11 1.22 6.00 -3.76
N VAL A 12 0.67 4.81 -3.96
CA VAL A 12 -0.38 4.30 -3.09
C VAL A 12 0.13 4.11 -1.66
N LEU A 13 1.32 3.55 -1.54
CA LEU A 13 1.92 3.31 -0.22
C LEU A 13 2.35 4.62 0.42
N SER A 14 3.04 5.47 -0.35
CA SER A 14 3.51 6.75 0.14
C SER A 14 2.36 7.62 0.63
N SER A 15 1.21 7.48 -0.02
CA SER A 15 0.03 8.26 0.35
C SER A 15 -0.63 7.72 1.61
N MET A 16 -1.03 6.45 1.58
CA MET A 16 -1.68 5.82 2.72
C MET A 16 -0.84 5.92 3.99
N ALA A 17 0.48 6.02 3.82
CA ALA A 17 1.38 6.12 4.96
C ALA A 17 1.57 7.56 5.41
N ARG A 18 1.75 8.46 4.46
CA ARG A 18 1.94 9.88 4.78
C ARG A 18 0.67 10.46 5.43
N GLN A 19 -0.48 9.87 5.10
CA GLN A 19 -1.75 10.32 5.64
C GLN A 19 -1.85 10.00 7.14
N ARG A 20 -0.88 9.26 7.65
CA ARG A 20 -0.85 8.91 9.07
C ARG A 20 -0.84 10.15 9.93
N ARG A 21 -0.12 11.17 9.48
CA ARG A 21 -0.01 12.43 10.22
C ARG A 21 -0.93 13.48 9.61
N ALA A 22 -1.46 14.35 10.46
CA ALA A 22 -2.36 15.41 10.01
C ALA A 22 -1.57 16.68 9.68
N SER A 23 -1.68 17.12 8.42
CA SER A 23 -0.98 18.33 7.98
C SER A 23 -1.71 18.99 6.82
N SER B 1 25.62 8.47 6.25
CA SER B 1 25.15 9.35 7.35
C SER B 1 24.29 10.49 6.80
N LEU B 2 22.98 10.38 7.02
CA LEU B 2 22.03 11.39 6.55
C LEU B 2 22.07 11.52 5.03
N GLN B 3 21.10 10.92 4.37
CA GLN B 3 21.01 10.96 2.91
C GLN B 3 19.63 10.54 2.43
N ASN B 4 19.10 9.49 3.04
CA ASN B 4 17.78 8.98 2.68
C ASN B 4 16.98 8.60 3.92
N ASN B 5 17.45 9.08 5.07
CA ASN B 5 16.78 8.79 6.35
C ASN B 5 15.67 9.79 6.61
N GLN B 6 15.46 10.71 5.68
CA GLN B 6 14.42 11.72 5.82
C GLN B 6 13.05 11.19 5.39
N PRO B 7 12.94 10.58 4.19
CA PRO B 7 11.67 10.02 3.70
C PRO B 7 11.22 8.80 4.50
N VAL B 8 10.07 8.90 5.14
CA VAL B 8 9.54 7.80 5.94
C VAL B 8 8.62 6.89 5.12
N GLU B 9 7.60 7.49 4.52
CA GLU B 9 6.64 6.74 3.72
C GLU B 9 7.25 6.27 2.39
N PHE B 10 8.18 7.06 1.86
CA PHE B 10 8.83 6.71 0.59
C PHE B 10 9.78 5.54 0.77
N ASN B 11 10.66 5.64 1.76
CA ASN B 11 11.63 4.59 2.02
C ASN B 11 10.94 3.31 2.47
N HIS B 12 9.91 3.45 3.30
CA HIS B 12 9.16 2.30 3.79
C HIS B 12 8.40 1.62 2.66
N ALA B 13 7.84 2.42 1.75
CA ALA B 13 7.08 1.87 0.63
C ALA B 13 7.98 1.12 -0.34
N ILE B 14 9.09 1.74 -0.74
CA ILE B 14 10.01 1.10 -1.68
C ILE B 14 10.61 -0.17 -1.08
N ASN B 15 10.90 -0.14 0.21
CA ASN B 15 11.47 -1.29 0.89
C ASN B 15 10.43 -2.40 1.03
N TYR B 16 9.17 -2.00 1.18
CA TYR B 16 8.08 -2.97 1.32
C TYR B 16 7.89 -3.74 0.02
N VAL B 17 7.77 -3.01 -1.09
CA VAL B 17 7.60 -3.64 -2.40
C VAL B 17 8.79 -4.53 -2.73
N ASN B 18 9.99 -4.02 -2.46
CA ASN B 18 11.20 -4.77 -2.73
C ASN B 18 11.26 -6.02 -1.86
N LYS B 19 10.68 -5.92 -0.66
CA LYS B 19 10.66 -7.05 0.27
C LYS B 19 9.82 -8.19 -0.29
N ILE B 20 8.57 -7.92 -0.61
CA ILE B 20 7.67 -8.92 -1.16
C ILE B 20 8.19 -9.43 -2.50
N LYS B 21 8.91 -8.58 -3.21
CA LYS B 21 9.48 -8.95 -4.50
C LYS B 21 10.61 -9.95 -4.34
N ASN B 22 11.39 -9.78 -3.27
CA ASN B 22 12.51 -10.66 -2.98
C ASN B 22 12.05 -11.94 -2.29
N ARG B 23 11.42 -11.78 -1.13
CA ARG B 23 10.92 -12.91 -0.35
C ARG B 23 10.03 -13.81 -1.20
N PHE B 24 8.89 -13.26 -1.63
CA PHE B 24 7.95 -14.01 -2.45
C PHE B 24 8.30 -13.90 -3.93
N GLN B 25 9.60 -14.03 -4.24
CA GLN B 25 10.07 -13.94 -5.61
C GLN B 25 9.60 -15.15 -6.42
N GLY B 26 9.29 -16.24 -5.72
CA GLY B 26 8.84 -17.45 -6.38
C GLY B 26 7.34 -17.47 -6.56
N GLN B 27 6.63 -16.61 -5.84
CA GLN B 27 5.18 -16.53 -5.93
C GLN B 27 4.74 -15.23 -6.58
N PRO B 28 4.56 -15.23 -7.91
CA PRO B 28 4.13 -14.04 -8.65
C PRO B 28 2.62 -13.83 -8.61
N ASP B 29 1.89 -14.89 -8.25
CA ASP B 29 0.44 -14.82 -8.18
C ASP B 29 0.00 -13.97 -6.99
N ILE B 30 0.57 -14.25 -5.82
CA ILE B 30 0.25 -13.51 -4.60
C ILE B 30 0.69 -12.06 -4.72
N TYR B 31 1.90 -11.87 -5.25
CA TYR B 31 2.46 -10.53 -5.42
C TYR B 31 1.57 -9.69 -6.34
N LYS B 32 1.19 -10.27 -7.47
CA LYS B 32 0.34 -9.59 -8.44
C LYS B 32 -1.00 -9.21 -7.82
N ALA B 33 -1.59 -10.15 -7.10
CA ALA B 33 -2.88 -9.90 -6.44
C ALA B 33 -2.82 -8.68 -5.54
N PHE B 34 -1.80 -8.63 -4.69
CA PHE B 34 -1.62 -7.51 -3.76
C PHE B 34 -1.55 -6.20 -4.54
N LEU B 35 -0.70 -6.18 -5.57
CA LEU B 35 -0.55 -4.99 -6.40
C LEU B 35 -1.89 -4.55 -6.97
N GLU B 36 -2.74 -5.53 -7.27
CA GLU B 36 -4.06 -5.24 -7.82
C GLU B 36 -4.96 -4.58 -6.77
N ILE B 37 -4.83 -5.02 -5.53
CA ILE B 37 -5.62 -4.46 -4.44
C ILE B 37 -5.30 -2.99 -4.26
N LEU B 38 -4.02 -2.67 -4.20
CA LEU B 38 -3.57 -1.29 -4.03
C LEU B 38 -3.89 -0.46 -5.27
N HIS B 39 -3.88 -1.10 -6.44
CA HIS B 39 -4.18 -0.42 -7.70
C HIS B 39 -5.61 0.08 -7.69
N THR B 40 -6.56 -0.85 -7.54
CA THR B 40 -7.97 -0.51 -7.51
C THR B 40 -8.26 0.47 -6.38
N TYR B 41 -7.59 0.26 -5.25
CA TYR B 41 -7.76 1.12 -4.09
C TYR B 41 -7.41 2.57 -4.43
N GLN B 42 -6.31 2.74 -5.17
CA GLN B 42 -5.86 4.05 -5.59
C GLN B 42 -6.87 4.70 -6.52
N LYS B 43 -7.40 3.91 -7.46
CA LYS B 43 -8.37 4.40 -8.41
C LYS B 43 -9.59 4.97 -7.69
N GLU B 44 -10.03 4.27 -6.65
CA GLU B 44 -11.18 4.70 -5.87
C GLU B 44 -10.89 6.00 -5.14
N GLN B 45 -9.68 6.10 -4.57
CA GLN B 45 -9.28 7.30 -3.84
C GLN B 45 -9.30 8.52 -4.77
N ARG B 46 -8.69 8.37 -5.94
CA ARG B 46 -8.65 9.46 -6.91
C ARG B 46 -10.05 9.92 -7.28
N ASN B 47 -10.88 8.98 -7.70
CA ASN B 47 -12.26 9.28 -8.08
C ASN B 47 -12.97 10.04 -6.97
N ALA B 48 -12.71 9.65 -5.73
CA ALA B 48 -13.32 10.29 -4.58
C ALA B 48 -12.83 11.72 -4.41
N LYS B 49 -11.57 11.94 -4.78
CA LYS B 49 -10.97 13.27 -4.68
C LYS B 49 -11.58 14.23 -5.68
N GLU B 50 -11.66 13.79 -6.94
CA GLU B 50 -12.23 14.62 -8.00
C GLU B 50 -13.72 14.88 -7.76
N ALA B 51 -14.41 13.87 -7.22
CA ALA B 51 -15.83 14.00 -6.95
C ALA B 51 -16.13 15.18 -6.02
N GLY B 52 -15.23 15.39 -5.05
CA GLY B 52 -15.42 16.48 -4.11
C GLY B 52 -16.55 16.24 -3.14
N GLY B 53 -16.46 15.14 -2.40
CA GLY B 53 -17.49 14.80 -1.43
C GLY B 53 -18.70 14.16 -2.10
N ASN B 54 -19.69 13.79 -1.28
CA ASN B 54 -20.91 13.17 -1.79
C ASN B 54 -20.60 11.89 -2.57
N TYR B 55 -19.42 11.33 -2.33
CA TYR B 55 -19.01 10.11 -3.02
C TYR B 55 -18.68 9.01 -2.02
N THR B 56 -18.97 7.77 -2.40
CA THR B 56 -18.71 6.62 -1.53
C THR B 56 -17.75 5.63 -2.21
N PRO B 57 -16.45 5.65 -1.82
CA PRO B 57 -15.45 4.74 -2.39
C PRO B 57 -15.84 3.28 -2.24
N ALA B 58 -15.10 2.40 -2.90
CA ALA B 58 -15.37 0.96 -2.84
C ALA B 58 -14.48 0.27 -1.82
N LEU B 59 -13.19 0.18 -2.13
CA LEU B 59 -12.24 -0.48 -1.25
C LEU B 59 -11.67 0.50 -0.22
N THR B 60 -11.90 0.21 1.06
CA THR B 60 -11.42 1.05 2.14
C THR B 60 -10.25 0.37 2.86
N GLU B 61 -9.77 0.99 3.93
CA GLU B 61 -8.67 0.42 4.70
C GLU B 61 -8.99 -1.00 5.12
N GLN B 62 -10.25 -1.25 5.44
CA GLN B 62 -10.70 -2.57 5.86
C GLN B 62 -10.73 -3.54 4.68
N GLU B 63 -11.20 -3.06 3.53
CA GLU B 63 -11.29 -3.89 2.34
C GLU B 63 -9.91 -4.44 1.97
N VAL B 64 -8.91 -3.56 1.91
CA VAL B 64 -7.56 -3.96 1.57
C VAL B 64 -6.98 -4.87 2.65
N TYR B 65 -6.93 -4.39 3.89
CA TYR B 65 -6.39 -5.17 4.99
C TYR B 65 -7.03 -6.55 5.06
N ALA B 66 -8.27 -6.66 4.57
CA ALA B 66 -8.98 -7.92 4.58
C ALA B 66 -8.43 -8.86 3.51
N GLN B 67 -8.39 -8.39 2.27
CA GLN B 67 -7.88 -9.18 1.16
C GLN B 67 -6.42 -9.56 1.40
N VAL B 68 -5.67 -8.65 2.02
CA VAL B 68 -4.26 -8.88 2.32
C VAL B 68 -4.13 -9.93 3.42
N ALA B 69 -5.01 -9.84 4.42
CA ALA B 69 -5.00 -10.80 5.53
C ALA B 69 -5.25 -12.20 5.02
N ARG B 70 -6.14 -12.31 4.04
CA ARG B 70 -6.48 -13.60 3.44
C ARG B 70 -5.42 -14.00 2.43
N LEU B 71 -4.72 -13.00 1.90
CA LEU B 71 -3.66 -13.24 0.92
C LEU B 71 -2.57 -14.12 1.53
N PHE B 72 -2.40 -14.02 2.84
CA PHE B 72 -1.39 -14.80 3.55
C PHE B 72 -2.03 -15.59 4.68
N LYS B 73 -1.21 -16.31 5.44
CA LYS B 73 -1.70 -17.10 6.56
C LYS B 73 -0.79 -16.97 7.77
N ASN B 74 0.29 -17.76 7.79
CA ASN B 74 1.24 -17.72 8.90
C ASN B 74 2.23 -16.57 8.73
N GLN B 75 2.06 -15.81 7.65
CA GLN B 75 2.95 -14.68 7.38
C GLN B 75 2.30 -13.37 7.83
N GLU B 76 1.98 -13.30 9.11
CA GLU B 76 1.36 -12.10 9.67
C GLU B 76 2.35 -10.95 9.72
N ASP B 77 3.62 -11.25 9.51
CA ASP B 77 4.67 -10.24 9.51
C ASP B 77 4.36 -9.14 8.51
N LEU B 78 3.84 -9.54 7.36
CA LEU B 78 3.48 -8.60 6.30
C LEU B 78 2.26 -7.77 6.72
N LEU B 79 1.32 -8.42 7.39
CA LEU B 79 0.11 -7.75 7.85
C LEU B 79 0.45 -6.63 8.84
N SER B 80 1.49 -6.85 9.64
CA SER B 80 1.91 -5.87 10.62
C SER B 80 2.62 -4.70 9.92
N GLU B 81 3.65 -5.03 9.15
CA GLU B 81 4.40 -4.02 8.41
C GLU B 81 3.46 -3.20 7.54
N PHE B 82 2.42 -3.85 7.04
CA PHE B 82 1.43 -3.19 6.20
C PHE B 82 0.42 -2.45 7.07
N GLY B 83 0.19 -2.98 8.27
CA GLY B 83 -0.75 -2.35 9.18
C GLY B 83 -0.29 -0.96 9.56
N GLN B 84 1.03 -0.80 9.63
CA GLN B 84 1.61 0.50 9.97
C GLN B 84 1.42 1.49 8.84
N PHE B 85 1.35 0.98 7.61
CA PHE B 85 1.15 1.82 6.44
C PHE B 85 -0.17 2.57 6.53
N LEU B 86 -1.21 1.88 7.01
CA LEU B 86 -2.52 2.49 7.14
C LEU B 86 -2.46 3.71 8.05
N PRO B 87 -3.12 4.81 7.67
CA PRO B 87 -3.12 6.05 8.46
C PRO B 87 -3.52 5.81 9.91
N ASP B 88 -2.62 6.14 10.84
CA ASP B 88 -2.89 5.96 12.25
C ASP B 88 -3.57 7.19 12.85
N ALA B 89 -4.75 7.00 13.43
CA ALA B 89 -5.50 8.09 14.02
C ALA B 89 -5.43 8.03 15.55
N ASP A 1 18.17 -1.99 -6.05
CA ASP A 1 18.39 -3.18 -6.90
C ASP A 1 17.08 -3.64 -7.54
N PHE A 2 15.98 -3.03 -7.13
CA PHE A 2 14.66 -3.38 -7.67
C PHE A 2 13.70 -2.19 -7.55
N THR A 3 12.98 -1.92 -8.64
CA THR A 3 12.02 -0.82 -8.66
C THR A 3 10.62 -1.31 -8.31
N PRO A 4 9.78 -0.44 -7.73
CA PRO A 4 8.40 -0.80 -7.34
C PRO A 4 7.54 -1.20 -8.53
N MET A 5 6.25 -1.40 -8.29
CA MET A 5 5.33 -1.79 -9.36
C MET A 5 5.44 -0.85 -10.55
N ASP A 6 5.12 0.42 -10.33
CA ASP A 6 5.18 1.43 -11.38
C ASP A 6 5.00 2.82 -10.81
N SER A 7 3.76 3.12 -10.40
CA SER A 7 3.44 4.43 -9.83
C SER A 7 2.14 4.36 -9.03
N SER A 8 1.65 3.15 -8.82
CA SER A 8 0.41 2.94 -8.08
C SER A 8 0.69 2.49 -6.65
N ALA A 9 1.49 1.44 -6.51
CA ALA A 9 1.83 0.92 -5.19
C ALA A 9 2.49 1.97 -4.32
N VAL A 10 3.44 2.70 -4.90
CA VAL A 10 4.15 3.75 -4.17
C VAL A 10 3.23 4.91 -3.84
N TYR A 11 2.22 5.14 -4.68
CA TYR A 11 1.28 6.22 -4.48
C TYR A 11 0.34 5.93 -3.31
N VAL A 12 -0.23 4.73 -3.30
CA VAL A 12 -1.15 4.34 -2.24
C VAL A 12 -0.44 4.28 -0.89
N LEU A 13 0.72 3.62 -0.85
CA LEU A 13 1.48 3.49 0.39
C LEU A 13 1.94 4.86 0.90
N SER A 14 2.42 5.70 -0.02
CA SER A 14 2.88 7.03 0.34
C SER A 14 1.79 7.83 1.05
N SER A 15 0.68 8.04 0.34
CA SER A 15 -0.45 8.78 0.90
C SER A 15 -1.04 8.08 2.12
N MET A 16 -0.84 6.77 2.20
CA MET A 16 -1.35 5.98 3.31
C MET A 16 -0.69 6.37 4.63
N ALA A 17 0.64 6.44 4.61
CA ALA A 17 1.40 6.81 5.80
C ALA A 17 1.53 8.32 5.96
N ARG A 18 1.28 9.06 4.89
CA ARG A 18 1.37 10.51 4.93
C ARG A 18 0.04 11.14 5.36
N GLN A 19 -1.04 10.39 5.18
CA GLN A 19 -2.37 10.89 5.55
C GLN A 19 -2.44 11.21 7.04
N ARG A 20 -2.66 10.17 7.85
CA ARG A 20 -2.74 10.33 9.29
C ARG A 20 -3.76 11.42 9.69
N ARG A 21 -3.74 11.82 10.95
CA ARG A 21 -4.64 12.84 11.44
C ARG A 21 -3.86 14.04 11.98
N ALA A 22 -2.56 14.02 11.79
CA ALA A 22 -1.68 15.10 12.25
C ALA A 22 -0.87 15.68 11.10
N SER A 23 -1.22 16.91 10.71
CA SER A 23 -0.52 17.58 9.62
C SER A 23 0.33 18.73 10.14
N SER B 1 23.79 4.14 8.17
CA SER B 1 23.94 5.61 8.32
C SER B 1 22.74 6.34 7.71
N LEU B 2 21.67 5.58 7.45
CA LEU B 2 20.46 6.15 6.87
C LEU B 2 19.84 7.17 7.81
N GLN B 3 19.25 8.21 7.24
CA GLN B 3 18.62 9.27 8.03
C GLN B 3 17.29 9.69 7.43
N ASN B 4 16.23 9.60 8.21
CA ASN B 4 14.89 9.98 7.75
C ASN B 4 14.52 11.37 8.26
N ASN B 5 14.06 12.22 7.36
CA ASN B 5 13.66 13.58 7.71
C ASN B 5 12.38 13.97 6.98
N GLN B 6 12.49 14.19 5.68
CA GLN B 6 11.34 14.57 4.87
C GLN B 6 10.85 13.39 4.00
N PRO B 7 11.75 12.72 3.25
CA PRO B 7 11.37 11.59 2.40
C PRO B 7 11.08 10.33 3.20
N VAL B 8 9.89 10.27 3.80
CA VAL B 8 9.49 9.12 4.59
C VAL B 8 8.73 8.10 3.72
N GLU B 9 7.81 8.60 2.91
CA GLU B 9 7.01 7.74 2.03
C GLU B 9 7.90 6.95 1.10
N PHE B 10 9.02 7.54 0.70
CA PHE B 10 9.96 6.89 -0.20
C PHE B 10 10.46 5.57 0.39
N ASN B 11 11.38 5.66 1.35
CA ASN B 11 11.96 4.49 1.98
C ASN B 11 10.88 3.51 2.44
N HIS B 12 9.77 4.04 2.96
CA HIS B 12 8.68 3.19 3.45
C HIS B 12 8.11 2.29 2.35
N ALA B 13 7.35 2.89 1.44
CA ALA B 13 6.71 2.13 0.36
C ALA B 13 7.73 1.35 -0.47
N ILE B 14 8.83 1.99 -0.83
CA ILE B 14 9.87 1.35 -1.64
C ILE B 14 10.41 0.09 -0.97
N ASN B 15 11.05 0.25 0.18
CA ASN B 15 11.61 -0.89 0.92
C ASN B 15 10.58 -1.99 1.10
N TYR B 16 9.33 -1.59 1.32
CA TYR B 16 8.24 -2.55 1.50
C TYR B 16 8.12 -3.46 0.27
N VAL B 17 7.75 -2.87 -0.86
CA VAL B 17 7.58 -3.63 -2.10
C VAL B 17 8.82 -4.47 -2.41
N ASN B 18 9.98 -4.00 -1.95
CA ASN B 18 11.24 -4.70 -2.18
C ASN B 18 11.25 -6.05 -1.46
N LYS B 19 11.06 -6.02 -0.14
CA LYS B 19 11.07 -7.25 0.65
C LYS B 19 9.91 -8.17 0.30
N ILE B 20 8.80 -7.59 -0.15
CA ILE B 20 7.63 -8.36 -0.54
C ILE B 20 7.91 -9.19 -1.78
N LYS B 21 8.54 -8.56 -2.77
CA LYS B 21 8.86 -9.24 -4.02
C LYS B 21 9.92 -10.32 -3.79
N ASN B 22 10.93 -10.01 -2.99
CA ASN B 22 12.00 -10.96 -2.70
C ASN B 22 11.46 -12.22 -2.02
N ARG B 23 10.73 -12.04 -0.91
CA ARG B 23 10.16 -13.15 -0.18
C ARG B 23 9.21 -13.97 -1.05
N PHE B 24 8.66 -13.32 -2.07
CA PHE B 24 7.74 -13.98 -2.99
C PHE B 24 8.34 -14.07 -4.39
N GLN B 25 9.65 -14.30 -4.45
CA GLN B 25 10.36 -14.41 -5.72
C GLN B 25 9.88 -15.63 -6.51
N GLY B 26 9.24 -16.56 -5.80
CA GLY B 26 8.74 -17.77 -6.44
C GLY B 26 7.23 -17.86 -6.41
N GLN B 27 6.56 -16.71 -6.35
CA GLN B 27 5.10 -16.67 -6.31
C GLN B 27 4.58 -15.41 -6.99
N PRO B 28 4.33 -15.47 -8.32
CA PRO B 28 3.84 -14.33 -9.08
C PRO B 28 2.32 -14.14 -8.96
N ASP B 29 1.63 -15.21 -8.60
CA ASP B 29 0.17 -15.16 -8.45
C ASP B 29 -0.23 -14.30 -7.26
N ILE B 30 0.31 -14.61 -6.09
CA ILE B 30 0.01 -13.86 -4.87
C ILE B 30 0.50 -12.42 -4.98
N TYR B 31 1.72 -12.26 -5.48
CA TYR B 31 2.31 -10.94 -5.64
C TYR B 31 1.44 -10.07 -6.54
N LYS B 32 0.98 -10.66 -7.64
CA LYS B 32 0.13 -9.94 -8.58
C LYS B 32 -1.17 -9.52 -7.91
N ALA B 33 -1.76 -10.44 -7.15
CA ALA B 33 -3.01 -10.16 -6.45
C ALA B 33 -2.87 -8.93 -5.56
N PHE B 34 -1.75 -8.86 -4.85
CA PHE B 34 -1.48 -7.74 -3.95
C PHE B 34 -1.43 -6.44 -4.74
N LEU B 35 -0.64 -6.43 -5.82
CA LEU B 35 -0.49 -5.26 -6.67
C LEU B 35 -1.85 -4.83 -7.23
N GLU B 36 -2.75 -5.79 -7.40
CA GLU B 36 -4.08 -5.52 -7.92
C GLU B 36 -4.94 -4.80 -6.88
N ILE B 37 -4.84 -5.24 -5.63
CA ILE B 37 -5.59 -4.62 -4.55
C ILE B 37 -5.20 -3.16 -4.39
N LEU B 38 -3.89 -2.91 -4.41
CA LEU B 38 -3.37 -1.55 -4.28
C LEU B 38 -3.71 -0.73 -5.51
N HIS B 39 -3.70 -1.37 -6.68
CA HIS B 39 -4.02 -0.68 -7.92
C HIS B 39 -5.46 -0.16 -7.89
N THR B 40 -6.40 -1.06 -7.60
CA THR B 40 -7.80 -0.70 -7.53
C THR B 40 -8.01 0.36 -6.45
N TYR B 41 -7.29 0.22 -5.34
CA TYR B 41 -7.39 1.16 -4.24
C TYR B 41 -6.94 2.55 -4.69
N GLN B 42 -5.91 2.58 -5.54
CA GLN B 42 -5.39 3.83 -6.06
C GLN B 42 -6.43 4.53 -6.92
N LYS B 43 -7.03 3.77 -7.83
CA LYS B 43 -8.06 4.29 -8.73
C LYS B 43 -9.18 4.94 -7.93
N GLU B 44 -9.66 4.23 -6.91
CA GLU B 44 -10.73 4.74 -6.07
C GLU B 44 -10.31 6.03 -5.38
N GLN B 45 -9.05 6.07 -4.93
CA GLN B 45 -8.53 7.25 -4.25
C GLN B 45 -8.62 8.47 -5.15
N ARG B 46 -8.24 8.31 -6.41
CA ARG B 46 -8.29 9.40 -7.37
C ARG B 46 -9.73 9.89 -7.56
N ASN B 47 -10.62 8.96 -7.87
CA ASN B 47 -12.02 9.27 -8.06
C ASN B 47 -12.58 10.02 -6.85
N ALA B 48 -12.03 9.71 -5.68
CA ALA B 48 -12.47 10.34 -4.44
C ALA B 48 -11.94 11.77 -4.35
N LYS B 49 -10.67 11.95 -4.71
CA LYS B 49 -10.05 13.27 -4.66
C LYS B 49 -10.53 14.13 -5.83
N GLU B 50 -11.20 13.50 -6.78
CA GLU B 50 -11.72 14.20 -7.96
C GLU B 50 -13.16 14.66 -7.71
N ALA B 51 -13.94 13.80 -7.07
CA ALA B 51 -15.34 14.11 -6.76
C ALA B 51 -15.44 15.33 -5.86
N GLY B 52 -14.39 15.57 -5.08
CA GLY B 52 -14.38 16.71 -4.18
C GLY B 52 -15.22 16.48 -2.94
N GLY B 53 -15.27 15.24 -2.47
CA GLY B 53 -16.04 14.92 -1.29
C GLY B 53 -17.39 14.31 -1.62
N ASN B 54 -18.13 13.92 -0.58
CA ASN B 54 -19.45 13.32 -0.76
C ASN B 54 -19.35 12.02 -1.57
N TYR B 55 -18.13 11.51 -1.70
CA TYR B 55 -17.89 10.28 -2.45
C TYR B 55 -17.32 9.20 -1.54
N THR B 56 -17.99 8.04 -1.52
CA THR B 56 -17.54 6.93 -0.69
C THR B 56 -16.91 5.83 -1.55
N PRO B 57 -15.57 5.73 -1.54
CA PRO B 57 -14.85 4.70 -2.33
C PRO B 57 -15.31 3.29 -1.99
N ALA B 58 -14.92 2.33 -2.82
CA ALA B 58 -15.29 0.94 -2.61
C ALA B 58 -14.33 0.27 -1.64
N LEU B 59 -13.06 0.19 -2.01
CA LEU B 59 -12.05 -0.44 -1.18
C LEU B 59 -11.44 0.58 -0.22
N THR B 60 -11.63 0.36 1.08
CA THR B 60 -11.09 1.24 2.10
C THR B 60 -10.00 0.53 2.89
N GLU B 61 -9.62 1.09 4.03
CA GLU B 61 -8.58 0.51 4.86
C GLU B 61 -8.95 -0.92 5.25
N GLN B 62 -10.22 -1.11 5.60
CA GLN B 62 -10.73 -2.42 6.00
C GLN B 62 -10.74 -3.40 4.82
N GLU B 63 -11.17 -2.92 3.65
CA GLU B 63 -11.25 -3.76 2.46
C GLU B 63 -9.86 -4.29 2.09
N VAL B 64 -8.89 -3.39 1.99
CA VAL B 64 -7.53 -3.77 1.64
C VAL B 64 -6.95 -4.74 2.67
N TYR B 65 -6.87 -4.30 3.93
CA TYR B 65 -6.32 -5.14 4.98
C TYR B 65 -6.99 -6.51 5.01
N ALA B 66 -8.26 -6.56 4.64
CA ALA B 66 -9.01 -7.80 4.61
C ALA B 66 -8.48 -8.73 3.53
N GLN B 67 -8.53 -8.27 2.28
CA GLN B 67 -8.06 -9.06 1.15
C GLN B 67 -6.62 -9.53 1.38
N VAL B 68 -5.80 -8.65 1.94
CA VAL B 68 -4.40 -8.97 2.23
C VAL B 68 -4.33 -10.01 3.35
N ALA B 69 -5.22 -9.88 4.33
CA ALA B 69 -5.26 -10.82 5.44
C ALA B 69 -5.52 -12.23 4.93
N ARG B 70 -6.34 -12.32 3.89
CA ARG B 70 -6.66 -13.60 3.29
C ARG B 70 -5.61 -13.97 2.24
N LEU B 71 -4.88 -12.94 1.78
CA LEU B 71 -3.83 -13.13 0.79
C LEU B 71 -2.69 -13.96 1.38
N PHE B 72 -2.34 -13.67 2.62
CA PHE B 72 -1.27 -14.39 3.31
C PHE B 72 -1.85 -15.20 4.47
N LYS B 73 -1.27 -16.39 4.71
CA LYS B 73 -1.75 -17.25 5.79
C LYS B 73 -0.64 -17.53 6.80
N ASN B 74 0.24 -18.47 6.45
CA ASN B 74 1.35 -18.83 7.33
C ASN B 74 2.38 -17.72 7.40
N GLN B 75 2.30 -16.79 6.46
CA GLN B 75 3.23 -15.67 6.41
C GLN B 75 2.56 -14.36 6.83
N GLU B 76 2.68 -14.03 8.11
CA GLU B 76 2.08 -12.82 8.66
C GLU B 76 3.07 -11.66 8.63
N ASP B 77 4.31 -11.96 8.24
CA ASP B 77 5.36 -10.95 8.18
C ASP B 77 4.87 -9.69 7.47
N LEU B 78 4.54 -9.82 6.19
CA LEU B 78 4.07 -8.69 5.40
C LEU B 78 2.81 -8.07 6.02
N LEU B 79 2.00 -8.92 6.63
CA LEU B 79 0.75 -8.46 7.25
C LEU B 79 1.03 -7.41 8.32
N SER B 80 1.91 -7.73 9.26
CA SER B 80 2.27 -6.80 10.34
C SER B 80 2.95 -5.56 9.77
N GLU B 81 3.91 -5.79 8.87
CA GLU B 81 4.65 -4.70 8.25
C GLU B 81 3.69 -3.71 7.59
N PHE B 82 2.60 -4.24 7.06
CA PHE B 82 1.60 -3.39 6.42
C PHE B 82 0.72 -2.71 7.47
N GLY B 83 0.51 -3.41 8.58
CA GLY B 83 -0.29 -2.88 9.66
C GLY B 83 0.30 -1.60 10.23
N GLN B 84 1.64 -1.54 10.27
CA GLN B 84 2.33 -0.37 10.79
C GLN B 84 1.90 0.88 10.02
N PHE B 85 1.50 0.70 8.77
CA PHE B 85 1.05 1.81 7.93
C PHE B 85 -0.33 2.28 8.38
N LEU B 86 -1.15 2.73 7.43
CA LEU B 86 -2.49 3.22 7.73
C LEU B 86 -2.43 4.52 8.53
N PRO B 87 -3.36 5.46 8.27
CA PRO B 87 -3.41 6.74 8.98
C PRO B 87 -3.43 6.56 10.50
N ASP B 88 -2.39 7.06 11.16
CA ASP B 88 -2.30 6.96 12.61
C ASP B 88 -3.41 7.74 13.30
N ALA B 89 -3.98 7.17 14.34
CA ALA B 89 -5.06 7.82 15.08
C ALA B 89 -4.52 8.62 16.26
N ASP A 1 16.78 0.87 -9.47
CA ASP A 1 17.14 -0.09 -10.55
C ASP A 1 16.08 -1.17 -10.69
N PHE A 2 15.02 -1.06 -9.90
CA PHE A 2 13.93 -2.03 -9.94
C PHE A 2 12.59 -1.34 -9.76
N THR A 3 11.59 -1.78 -10.52
CA THR A 3 10.25 -1.21 -10.45
C THR A 3 9.39 -1.96 -9.44
N PRO A 4 8.73 -1.23 -8.51
CA PRO A 4 7.88 -1.85 -7.49
C PRO A 4 6.75 -2.68 -8.10
N MET A 5 5.92 -2.03 -8.90
CA MET A 5 4.79 -2.70 -9.55
C MET A 5 4.93 -2.66 -11.07
N ASP A 6 4.74 -1.49 -11.64
CA ASP A 6 4.84 -1.30 -13.09
C ASP A 6 4.86 0.18 -13.44
N SER A 7 4.09 0.97 -12.68
CA SER A 7 4.02 2.40 -12.90
C SER A 7 4.58 3.16 -11.69
N SER A 8 3.83 3.13 -10.59
CA SER A 8 4.26 3.82 -9.38
C SER A 8 3.37 3.42 -8.20
N ALA A 9 3.68 2.28 -7.58
CA ALA A 9 2.93 1.80 -6.43
C ALA A 9 3.34 2.56 -5.17
N VAL A 10 4.54 3.13 -5.21
CA VAL A 10 5.07 3.89 -4.09
C VAL A 10 4.16 5.07 -3.77
N TYR A 11 3.48 5.56 -4.80
CA TYR A 11 2.56 6.69 -4.63
C TYR A 11 1.43 6.31 -3.69
N VAL A 12 0.90 5.10 -3.86
CA VAL A 12 -0.19 4.61 -3.03
C VAL A 12 0.30 4.38 -1.60
N LEU A 13 1.37 3.62 -1.47
CA LEU A 13 1.95 3.32 -0.15
C LEU A 13 2.29 4.61 0.59
N SER A 14 2.76 5.61 -0.15
CA SER A 14 3.13 6.89 0.44
C SER A 14 1.89 7.63 0.93
N SER A 15 0.83 7.59 0.12
CA SER A 15 -0.42 8.26 0.47
C SER A 15 -0.99 7.68 1.77
N MET A 16 -0.81 6.38 1.95
CA MET A 16 -1.31 5.70 3.15
C MET A 16 -0.51 6.11 4.38
N ALA A 17 0.82 6.07 4.27
CA ALA A 17 1.68 6.43 5.40
C ALA A 17 1.69 7.93 5.66
N ARG A 18 1.28 8.72 4.68
CA ARG A 18 1.26 10.17 4.82
C ARG A 18 -0.08 10.66 5.35
N GLN A 19 -1.16 9.97 4.99
CA GLN A 19 -2.49 10.35 5.43
C GLN A 19 -2.58 10.29 6.96
N ARG A 20 -2.92 9.11 7.49
CA ARG A 20 -3.04 8.93 8.93
C ARG A 20 -4.06 9.88 9.54
N ARG A 21 -4.86 10.52 8.69
CA ARG A 21 -5.87 11.46 9.15
C ARG A 21 -7.27 10.83 9.10
N ALA A 22 -8.08 11.13 10.10
CA ALA A 22 -9.44 10.61 10.17
C ALA A 22 -10.45 11.60 9.61
N SER A 23 -10.61 12.72 10.30
CA SER A 23 -11.55 13.76 9.87
C SER A 23 -10.86 14.77 8.97
N SER B 1 19.81 22.44 12.61
CA SER B 1 19.63 22.19 11.16
C SER B 1 20.84 21.44 10.58
N LEU B 2 21.74 21.02 11.46
CA LEU B 2 22.94 20.29 11.04
C LEU B 2 22.59 18.85 10.71
N GLN B 3 21.50 18.35 11.29
CA GLN B 3 21.06 16.98 11.06
C GLN B 3 20.17 16.91 9.83
N ASN B 4 20.01 15.69 9.30
CA ASN B 4 19.18 15.48 8.12
C ASN B 4 18.17 14.37 8.36
N ASN B 5 17.15 14.31 7.49
CA ASN B 5 16.11 13.29 7.60
C ASN B 5 15.61 12.88 6.22
N GLN B 6 15.09 11.66 6.13
CA GLN B 6 14.56 11.15 4.85
C GLN B 6 13.05 10.94 4.93
N PRO B 7 12.35 11.05 3.79
CA PRO B 7 10.89 10.87 3.75
C PRO B 7 10.48 9.42 3.95
N VAL B 8 9.47 9.19 4.78
CA VAL B 8 8.99 7.84 5.05
C VAL B 8 8.23 7.29 3.85
N GLU B 9 7.91 8.16 2.90
CA GLU B 9 7.18 7.76 1.70
C GLU B 9 7.92 6.67 0.93
N PHE B 10 8.88 7.07 0.10
CA PHE B 10 9.66 6.13 -0.69
C PHE B 10 10.41 5.14 0.20
N ASN B 11 10.78 5.58 1.39
CA ASN B 11 11.51 4.72 2.33
C ASN B 11 10.72 3.46 2.65
N HIS B 12 9.63 3.62 3.38
CA HIS B 12 8.80 2.49 3.79
C HIS B 12 8.19 1.77 2.58
N ALA B 13 7.62 2.53 1.65
CA ALA B 13 6.98 1.96 0.47
C ALA B 13 7.93 1.08 -0.33
N ILE B 14 9.01 1.67 -0.84
CA ILE B 14 9.98 0.92 -1.65
C ILE B 14 10.55 -0.27 -0.88
N ASN B 15 10.99 -0.03 0.35
CA ASN B 15 11.55 -1.10 1.18
C ASN B 15 10.59 -2.27 1.30
N TYR B 16 9.31 -1.96 1.50
CA TYR B 16 8.28 -2.98 1.62
C TYR B 16 8.17 -3.81 0.36
N VAL B 17 7.80 -3.17 -0.75
CA VAL B 17 7.67 -3.87 -2.03
C VAL B 17 8.94 -4.63 -2.38
N ASN B 18 10.06 -4.16 -1.85
CA ASN B 18 11.35 -4.79 -2.11
C ASN B 18 11.43 -6.17 -1.47
N LYS B 19 11.21 -6.22 -0.15
CA LYS B 19 11.27 -7.50 0.57
C LYS B 19 10.15 -8.44 0.13
N ILE B 20 9.01 -7.87 -0.28
CA ILE B 20 7.88 -8.68 -0.73
C ILE B 20 8.19 -9.34 -2.07
N LYS B 21 8.84 -8.59 -2.96
CA LYS B 21 9.20 -9.09 -4.28
C LYS B 21 10.24 -10.19 -4.17
N ASN B 22 11.23 -9.98 -3.30
CA ASN B 22 12.29 -10.96 -3.12
C ASN B 22 11.76 -12.28 -2.56
N ARG B 23 11.01 -12.19 -1.45
CA ARG B 23 10.44 -13.37 -0.82
C ARG B 23 9.52 -14.12 -1.77
N PHE B 24 8.47 -13.45 -2.22
CA PHE B 24 7.50 -14.04 -3.13
C PHE B 24 7.96 -13.91 -4.59
N GLN B 25 9.26 -14.07 -4.81
CA GLN B 25 9.81 -13.98 -6.16
C GLN B 25 9.30 -15.12 -7.04
N GLY B 26 8.93 -16.23 -6.40
CA GLY B 26 8.43 -17.37 -7.14
C GLY B 26 6.91 -17.41 -7.18
N GLN B 27 6.28 -16.50 -6.45
CA GLN B 27 4.82 -16.44 -6.40
C GLN B 27 4.30 -15.23 -7.17
N PRO B 28 3.94 -15.41 -8.46
CA PRO B 28 3.42 -14.32 -9.29
C PRO B 28 1.95 -14.03 -9.02
N ASP B 29 1.19 -15.07 -8.71
CA ASP B 29 -0.24 -14.94 -8.44
C ASP B 29 -0.48 -14.08 -7.20
N ILE B 30 0.18 -14.44 -6.11
CA ILE B 30 0.03 -13.70 -4.85
C ILE B 30 0.56 -12.27 -4.98
N TYR B 31 1.74 -12.13 -5.56
CA TYR B 31 2.36 -10.81 -5.73
C TYR B 31 1.44 -9.89 -6.52
N LYS B 32 1.10 -10.29 -7.73
CA LYS B 32 0.22 -9.49 -8.60
C LYS B 32 -1.07 -9.14 -7.88
N ALA B 33 -1.67 -10.13 -7.21
CA ALA B 33 -2.91 -9.91 -6.48
C ALA B 33 -2.77 -8.75 -5.51
N PHE B 34 -1.68 -8.73 -4.77
CA PHE B 34 -1.42 -7.67 -3.81
C PHE B 34 -1.36 -6.31 -4.49
N LEU B 35 -0.50 -6.19 -5.50
CA LEU B 35 -0.35 -4.94 -6.24
C LEU B 35 -1.68 -4.55 -6.89
N GLU B 36 -2.52 -5.54 -7.15
CA GLU B 36 -3.82 -5.28 -7.75
C GLU B 36 -4.73 -4.57 -6.76
N ILE B 37 -4.69 -5.02 -5.51
CA ILE B 37 -5.48 -4.42 -4.45
C ILE B 37 -5.05 -2.97 -4.22
N LEU B 38 -3.72 -2.77 -4.22
CA LEU B 38 -3.15 -1.44 -4.04
C LEU B 38 -3.54 -0.52 -5.19
N HIS B 39 -3.45 -1.02 -6.41
CA HIS B 39 -3.79 -0.26 -7.61
C HIS B 39 -5.26 0.16 -7.58
N THR B 40 -6.14 -0.83 -7.46
CA THR B 40 -7.57 -0.57 -7.42
C THR B 40 -7.89 0.44 -6.32
N TYR B 41 -7.18 0.32 -5.20
CA TYR B 41 -7.37 1.23 -4.08
C TYR B 41 -7.02 2.65 -4.49
N GLN B 42 -5.96 2.78 -5.29
CA GLN B 42 -5.52 4.09 -5.76
C GLN B 42 -6.58 4.72 -6.66
N LYS B 43 -7.15 3.92 -7.56
CA LYS B 43 -8.17 4.41 -8.48
C LYS B 43 -9.37 4.96 -7.71
N GLU B 44 -9.90 4.16 -6.79
CA GLU B 44 -11.05 4.57 -5.99
C GLU B 44 -10.72 5.84 -5.22
N GLN B 45 -9.53 5.90 -4.64
CA GLN B 45 -9.10 7.06 -3.87
C GLN B 45 -9.12 8.32 -4.73
N ARG B 46 -8.67 8.19 -5.98
CA ARG B 46 -8.64 9.31 -6.90
C ARG B 46 -10.05 9.83 -7.17
N ASN B 47 -10.94 8.93 -7.55
CA ASN B 47 -12.32 9.29 -7.82
C ASN B 47 -12.99 9.88 -6.59
N ALA B 48 -12.51 9.49 -5.42
CA ALA B 48 -13.06 9.98 -4.16
C ALA B 48 -12.63 11.43 -3.90
N LYS B 49 -11.37 11.72 -4.18
CA LYS B 49 -10.84 13.06 -3.97
C LYS B 49 -11.29 14.00 -5.08
N GLU B 50 -11.61 13.44 -6.24
CA GLU B 50 -12.06 14.23 -7.39
C GLU B 50 -13.55 14.54 -7.27
N ALA B 51 -14.30 13.61 -6.71
CA ALA B 51 -15.74 13.78 -6.53
C ALA B 51 -16.04 14.93 -5.59
N GLY B 52 -15.14 15.16 -4.64
CA GLY B 52 -15.34 16.23 -3.67
C GLY B 52 -16.17 15.80 -2.48
N GLY B 53 -17.22 15.03 -2.74
CA GLY B 53 -18.09 14.56 -1.68
C GLY B 53 -19.20 13.66 -2.19
N ASN B 54 -20.02 13.16 -1.26
CA ASN B 54 -21.14 12.28 -1.62
C ASN B 54 -20.64 11.03 -2.33
N TYR B 55 -19.34 10.76 -2.19
CA TYR B 55 -18.74 9.58 -2.83
C TYR B 55 -18.41 8.52 -1.78
N THR B 56 -18.61 7.26 -2.15
CA THR B 56 -18.32 6.15 -1.24
C THR B 56 -17.28 5.21 -1.85
N PRO B 57 -16.00 5.38 -1.48
CA PRO B 57 -14.91 4.53 -1.98
C PRO B 57 -15.21 3.04 -1.82
N ALA B 58 -15.02 2.28 -2.88
CA ALA B 58 -15.26 0.84 -2.86
C ALA B 58 -14.33 0.14 -1.88
N LEU B 59 -13.04 0.30 -2.07
CA LEU B 59 -12.05 -0.33 -1.19
C LEU B 59 -11.48 0.67 -0.20
N THR B 60 -11.63 0.35 1.09
CA THR B 60 -11.12 1.20 2.15
C THR B 60 -9.99 0.51 2.89
N GLU B 61 -9.55 1.09 4.00
CA GLU B 61 -8.46 0.52 4.78
C GLU B 61 -8.82 -0.91 5.22
N GLN B 62 -10.09 -1.11 5.54
CA GLN B 62 -10.58 -2.42 5.96
C GLN B 62 -10.62 -3.39 4.79
N GLU B 63 -11.04 -2.91 3.63
CA GLU B 63 -11.12 -3.75 2.43
C GLU B 63 -9.76 -4.32 2.08
N VAL B 64 -8.76 -3.45 1.96
CA VAL B 64 -7.42 -3.89 1.62
C VAL B 64 -6.86 -4.83 2.69
N TYR B 65 -6.87 -4.38 3.94
CA TYR B 65 -6.35 -5.19 5.05
C TYR B 65 -7.03 -6.55 5.09
N ALA B 66 -8.27 -6.62 4.61
CA ALA B 66 -9.02 -7.86 4.59
C ALA B 66 -8.48 -8.82 3.54
N GLN B 67 -8.53 -8.37 2.28
CA GLN B 67 -8.04 -9.18 1.17
C GLN B 67 -6.59 -9.59 1.41
N VAL B 68 -5.79 -8.67 1.94
CA VAL B 68 -4.40 -8.93 2.22
C VAL B 68 -4.27 -9.97 3.33
N ALA B 69 -5.14 -9.87 4.33
CA ALA B 69 -5.15 -10.81 5.44
C ALA B 69 -5.37 -12.23 4.92
N ARG B 70 -6.22 -12.34 3.91
CA ARG B 70 -6.52 -13.64 3.30
C ARG B 70 -5.42 -14.03 2.33
N LEU B 71 -4.71 -13.03 1.80
CA LEU B 71 -3.63 -13.26 0.85
C LEU B 71 -2.52 -14.09 1.50
N PHE B 72 -2.38 -13.94 2.81
CA PHE B 72 -1.37 -14.67 3.56
C PHE B 72 -2.04 -15.53 4.64
N LYS B 73 -1.24 -16.11 5.52
CA LYS B 73 -1.77 -16.95 6.59
C LYS B 73 -0.80 -17.05 7.77
N ASN B 74 0.16 -17.97 7.66
CA ASN B 74 1.15 -18.17 8.71
C ASN B 74 2.11 -16.98 8.79
N GLN B 75 2.01 -16.08 7.82
CA GLN B 75 2.86 -14.91 7.77
C GLN B 75 2.07 -13.64 8.06
N GLU B 76 1.93 -13.30 9.33
CA GLU B 76 1.20 -12.11 9.73
C GLU B 76 2.14 -10.91 9.85
N ASP B 77 3.44 -11.19 9.83
CA ASP B 77 4.43 -10.13 9.90
C ASP B 77 4.20 -9.09 8.82
N LEU B 78 3.74 -9.57 7.67
CA LEU B 78 3.44 -8.71 6.53
C LEU B 78 2.22 -7.85 6.82
N LEU B 79 1.24 -8.44 7.50
CA LEU B 79 0.03 -7.74 7.85
C LEU B 79 0.31 -6.58 8.80
N SER B 80 1.27 -6.78 9.70
CA SER B 80 1.65 -5.75 10.66
C SER B 80 2.44 -4.65 9.96
N GLU B 81 3.54 -5.03 9.32
CA GLU B 81 4.39 -4.08 8.60
C GLU B 81 3.54 -3.26 7.63
N PHE B 82 2.61 -3.93 6.95
CA PHE B 82 1.73 -3.25 6.01
C PHE B 82 0.72 -2.39 6.75
N GLY B 83 0.30 -2.86 7.92
CA GLY B 83 -0.64 -2.11 8.72
C GLY B 83 -0.10 -0.75 9.08
N GLN B 84 1.21 -0.67 9.25
CA GLN B 84 1.86 0.59 9.58
C GLN B 84 1.54 1.64 8.51
N PHE B 85 1.47 1.18 7.25
CA PHE B 85 1.15 2.08 6.15
C PHE B 85 -0.28 2.57 6.25
N LEU B 86 -1.18 1.65 6.61
CA LEU B 86 -2.59 1.97 6.74
C LEU B 86 -2.79 3.19 7.65
N PRO B 87 -3.43 4.26 7.13
CA PRO B 87 -3.66 5.48 7.90
C PRO B 87 -4.21 5.20 9.29
N ASP B 88 -3.49 5.67 10.31
CA ASP B 88 -3.90 5.45 11.69
C ASP B 88 -5.26 6.10 11.97
N ALA B 89 -6.15 5.34 12.60
CA ALA B 89 -7.48 5.84 12.92
C ALA B 89 -8.14 4.96 13.99
N ASP A 1 17.71 -1.55 -8.74
CA ASP A 1 17.27 -2.55 -9.75
C ASP A 1 15.75 -2.64 -9.79
N PHE A 2 15.12 -2.66 -8.61
CA PHE A 2 13.67 -2.75 -8.52
C PHE A 2 13.15 -1.89 -7.38
N THR A 3 12.00 -1.24 -7.61
CA THR A 3 11.38 -0.40 -6.60
C THR A 3 9.88 -0.19 -6.89
N PRO A 4 9.51 0.22 -8.12
CA PRO A 4 8.11 0.43 -8.49
C PRO A 4 7.45 -0.84 -9.02
N MET A 5 6.16 -0.77 -9.30
CA MET A 5 5.43 -1.92 -9.83
C MET A 5 5.24 -1.79 -11.34
N ASP A 6 4.37 -0.86 -11.72
CA ASP A 6 4.07 -0.61 -13.14
C ASP A 6 3.22 0.64 -13.28
N SER A 7 2.38 0.89 -12.27
CA SER A 7 1.52 2.07 -12.27
C SER A 7 1.89 2.99 -11.11
N SER A 8 3.11 2.81 -10.60
CA SER A 8 3.62 3.61 -9.50
C SER A 8 2.83 3.36 -8.22
N ALA A 9 3.14 2.25 -7.55
CA ALA A 9 2.47 1.89 -6.30
C ALA A 9 3.01 2.72 -5.14
N VAL A 10 4.20 3.26 -5.32
CA VAL A 10 4.84 4.09 -4.29
C VAL A 10 3.91 5.21 -3.84
N TYR A 11 3.09 5.70 -4.76
CA TYR A 11 2.16 6.78 -4.46
C TYR A 11 1.07 6.28 -3.51
N VAL A 12 0.64 5.04 -3.70
CA VAL A 12 -0.39 4.45 -2.85
C VAL A 12 0.11 4.28 -1.43
N LEU A 13 1.26 3.60 -1.29
CA LEU A 13 1.85 3.37 0.04
C LEU A 13 2.20 4.69 0.71
N SER A 14 2.57 5.68 -0.10
CA SER A 14 2.93 7.00 0.42
C SER A 14 1.75 7.67 1.09
N SER A 15 0.67 7.85 0.32
CA SER A 15 -0.54 8.49 0.84
C SER A 15 -1.10 7.71 2.03
N MET A 16 -0.93 6.40 2.00
CA MET A 16 -1.43 5.54 3.08
C MET A 16 -0.72 5.85 4.40
N ALA A 17 0.60 5.95 4.36
CA ALA A 17 1.39 6.24 5.54
C ALA A 17 1.44 7.74 5.84
N ARG A 18 1.04 8.55 4.87
CA ARG A 18 1.04 10.00 5.03
C ARG A 18 -0.24 10.49 5.68
N GLN A 19 -1.34 9.77 5.44
CA GLN A 19 -2.64 10.14 6.00
C GLN A 19 -2.56 10.27 7.51
N ARG A 20 -2.65 9.15 8.22
CA ARG A 20 -2.60 9.15 9.68
C ARG A 20 -3.67 10.07 10.26
N ARG A 21 -3.55 10.36 11.56
CA ARG A 21 -4.50 11.24 12.23
C ARG A 21 -3.82 12.51 12.73
N ALA A 22 -2.58 12.71 12.31
CA ALA A 22 -1.83 13.89 12.70
C ALA A 22 -2.46 15.16 12.13
N SER A 23 -2.97 15.06 10.90
CA SER A 23 -3.61 16.19 10.24
C SER A 23 -2.66 17.38 10.16
N SER B 1 20.18 25.67 3.74
CA SER B 1 19.04 24.73 3.89
C SER B 1 19.54 23.30 4.06
N LEU B 2 19.50 22.80 5.30
CA LEU B 2 19.94 21.44 5.59
C LEU B 2 18.76 20.56 5.98
N GLN B 3 18.83 19.29 5.61
CA GLN B 3 17.76 18.34 5.92
C GLN B 3 18.18 17.42 7.06
N ASN B 4 17.27 17.18 8.00
CA ASN B 4 17.53 16.32 9.14
C ASN B 4 16.65 15.08 9.09
N ASN B 5 15.35 15.28 8.92
CA ASN B 5 14.40 14.18 8.84
C ASN B 5 14.36 13.59 7.44
N GLN B 6 14.31 12.26 7.35
CA GLN B 6 14.26 11.57 6.07
C GLN B 6 12.83 11.23 5.68
N PRO B 7 12.52 11.25 4.36
CA PRO B 7 11.18 10.93 3.86
C PRO B 7 10.77 9.49 4.17
N VAL B 8 9.56 9.34 4.72
CA VAL B 8 9.05 8.02 5.06
C VAL B 8 8.23 7.44 3.90
N GLU B 9 7.62 8.32 3.12
CA GLU B 9 6.80 7.92 1.99
C GLU B 9 7.54 6.96 1.06
N PHE B 10 8.39 7.51 0.21
CA PHE B 10 9.15 6.72 -0.75
C PHE B 10 9.95 5.60 -0.07
N ASN B 11 10.77 6.00 0.89
CA ASN B 11 11.62 5.05 1.62
C ASN B 11 10.86 3.81 2.09
N HIS B 12 9.97 4.00 3.07
CA HIS B 12 9.21 2.88 3.62
C HIS B 12 8.47 2.09 2.55
N ALA B 13 7.78 2.78 1.65
CA ALA B 13 7.01 2.12 0.60
C ALA B 13 7.88 1.22 -0.28
N ILE B 14 8.85 1.80 -0.96
CA ILE B 14 9.74 1.03 -1.85
C ILE B 14 10.40 -0.13 -1.12
N ASN B 15 10.77 0.09 0.14
CA ASN B 15 11.41 -0.94 0.94
C ASN B 15 10.49 -2.15 1.11
N TYR B 16 9.23 -1.87 1.43
CA TYR B 16 8.25 -2.94 1.62
C TYR B 16 8.07 -3.73 0.33
N VAL B 17 7.65 -3.07 -0.73
CA VAL B 17 7.42 -3.72 -2.01
C VAL B 17 8.67 -4.49 -2.46
N ASN B 18 9.83 -3.98 -2.09
CA ASN B 18 11.10 -4.62 -2.45
C ASN B 18 11.24 -5.99 -1.81
N LYS B 19 11.15 -6.04 -0.48
CA LYS B 19 11.28 -7.30 0.25
C LYS B 19 10.13 -8.25 -0.09
N ILE B 20 9.01 -7.71 -0.53
CA ILE B 20 7.85 -8.53 -0.88
C ILE B 20 8.05 -9.22 -2.24
N LYS B 21 8.69 -8.50 -3.16
CA LYS B 21 8.94 -9.04 -4.50
C LYS B 21 10.08 -10.06 -4.46
N ASN B 22 11.08 -9.79 -3.62
CA ASN B 22 12.24 -10.68 -3.50
C ASN B 22 11.89 -11.95 -2.73
N ARG B 23 11.19 -11.80 -1.62
CA ARG B 23 10.80 -12.95 -0.81
C ARG B 23 9.77 -13.82 -1.51
N PHE B 24 9.01 -13.21 -2.42
CA PHE B 24 7.99 -13.92 -3.17
C PHE B 24 8.30 -13.92 -4.66
N GLN B 25 9.58 -14.04 -5.00
CA GLN B 25 10.01 -14.07 -6.38
C GLN B 25 9.46 -15.28 -7.11
N GLY B 26 8.95 -16.25 -6.34
CA GLY B 26 8.40 -17.45 -6.92
C GLY B 26 6.88 -17.48 -6.87
N GLN B 27 6.30 -16.50 -6.20
CA GLN B 27 4.84 -16.40 -6.08
C GLN B 27 4.31 -15.18 -6.81
N PRO B 28 4.00 -15.31 -8.12
CA PRO B 28 3.47 -14.22 -8.92
C PRO B 28 1.98 -14.00 -8.72
N ASP B 29 1.28 -15.07 -8.35
CA ASP B 29 -0.17 -15.00 -8.14
C ASP B 29 -0.51 -14.13 -6.94
N ILE B 30 0.05 -14.48 -5.77
CA ILE B 30 -0.21 -13.73 -4.55
C ILE B 30 0.34 -12.31 -4.65
N TYR B 31 1.55 -12.18 -5.19
CA TYR B 31 2.18 -10.88 -5.34
C TYR B 31 1.30 -9.94 -6.16
N LYS B 32 0.98 -10.36 -7.38
CA LYS B 32 0.14 -9.56 -8.28
C LYS B 32 -1.16 -9.16 -7.59
N ALA B 33 -1.84 -10.14 -6.99
CA ALA B 33 -3.10 -9.89 -6.29
C ALA B 33 -2.96 -8.73 -5.32
N PHE B 34 -1.89 -8.74 -4.53
CA PHE B 34 -1.65 -7.68 -3.56
C PHE B 34 -1.57 -6.33 -4.27
N LEU B 35 -0.71 -6.25 -5.29
CA LEU B 35 -0.55 -5.04 -6.06
C LEU B 35 -1.87 -4.64 -6.70
N GLU B 36 -2.72 -5.64 -6.95
CA GLU B 36 -4.03 -5.39 -7.56
C GLU B 36 -4.93 -4.65 -6.56
N ILE B 37 -4.83 -5.04 -5.30
CA ILE B 37 -5.63 -4.42 -4.25
C ILE B 37 -5.24 -2.95 -4.10
N LEU B 38 -3.94 -2.70 -3.98
CA LEU B 38 -3.44 -1.33 -3.84
C LEU B 38 -3.68 -0.53 -5.12
N HIS B 39 -3.70 -1.23 -6.26
CA HIS B 39 -3.94 -0.59 -7.55
C HIS B 39 -5.36 -0.05 -7.62
N THR B 40 -6.34 -0.94 -7.50
CA THR B 40 -7.74 -0.56 -7.53
C THR B 40 -8.03 0.48 -6.47
N TYR B 41 -7.33 0.36 -5.34
CA TYR B 41 -7.50 1.29 -4.24
C TYR B 41 -7.06 2.69 -4.65
N GLN B 42 -5.95 2.76 -5.38
CA GLN B 42 -5.42 4.03 -5.86
C GLN B 42 -6.41 4.70 -6.81
N LYS B 43 -6.94 3.93 -7.76
CA LYS B 43 -7.89 4.44 -8.73
C LYS B 43 -9.10 5.06 -8.04
N GLU B 44 -9.74 4.28 -7.17
CA GLU B 44 -10.92 4.75 -6.44
C GLU B 44 -10.59 5.96 -5.57
N GLN B 45 -9.37 5.99 -5.05
CA GLN B 45 -8.93 7.09 -4.20
C GLN B 45 -8.92 8.41 -4.98
N ARG B 46 -8.10 8.45 -6.03
CA ARG B 46 -7.99 9.65 -6.86
C ARG B 46 -9.36 10.11 -7.33
N ASN B 47 -10.12 9.20 -7.94
CA ASN B 47 -11.46 9.51 -8.44
C ASN B 47 -12.32 10.11 -7.35
N ALA B 48 -12.21 9.57 -6.13
CA ALA B 48 -12.99 10.05 -5.00
C ALA B 48 -12.56 11.46 -4.61
N LYS B 49 -11.28 11.76 -4.82
CA LYS B 49 -10.75 13.08 -4.48
C LYS B 49 -11.25 14.14 -5.46
N GLU B 50 -11.18 13.82 -6.75
CA GLU B 50 -11.61 14.75 -7.79
C GLU B 50 -13.13 14.92 -7.78
N ALA B 51 -13.83 13.88 -7.35
CA ALA B 51 -15.29 13.92 -7.28
C ALA B 51 -15.78 15.04 -6.36
N GLY B 52 -14.97 15.37 -5.37
CA GLY B 52 -15.34 16.41 -4.44
C GLY B 52 -15.06 16.03 -2.99
N GLY B 53 -15.01 14.73 -2.73
CA GLY B 53 -14.75 14.25 -1.38
C GLY B 53 -15.94 13.52 -0.79
N ASN B 54 -17.11 13.72 -1.38
CA ASN B 54 -18.33 13.09 -0.91
C ASN B 54 -18.49 11.70 -1.51
N TYR B 55 -17.72 11.41 -2.56
CA TYR B 55 -17.79 10.12 -3.23
C TYR B 55 -17.18 9.02 -2.34
N THR B 56 -17.91 7.93 -2.19
CA THR B 56 -17.45 6.81 -1.36
C THR B 56 -16.73 5.77 -2.22
N PRO B 57 -15.41 5.63 -2.05
CA PRO B 57 -14.61 4.67 -2.82
C PRO B 57 -15.14 3.24 -2.70
N ALA B 58 -14.72 2.38 -3.62
CA ALA B 58 -15.15 0.98 -3.62
C ALA B 58 -14.40 0.19 -2.56
N LEU B 59 -13.10 0.44 -2.45
CA LEU B 59 -12.27 -0.26 -1.48
C LEU B 59 -11.72 0.70 -0.43
N THR B 60 -11.89 0.34 0.84
CA THR B 60 -11.40 1.16 1.94
C THR B 60 -10.25 0.48 2.67
N GLU B 61 -9.81 1.09 3.77
CA GLU B 61 -8.71 0.55 4.55
C GLU B 61 -9.03 -0.87 5.00
N GLN B 62 -10.27 -1.08 5.43
CA GLN B 62 -10.72 -2.38 5.89
C GLN B 62 -10.74 -3.38 4.75
N GLU B 63 -11.15 -2.93 3.56
CA GLU B 63 -11.20 -3.81 2.39
C GLU B 63 -9.82 -4.36 2.05
N VAL B 64 -8.83 -3.47 2.04
CA VAL B 64 -7.45 -3.86 1.73
C VAL B 64 -6.91 -4.83 2.78
N TYR B 65 -6.87 -4.38 4.03
CA TYR B 65 -6.36 -5.20 5.12
C TYR B 65 -7.03 -6.57 5.17
N ALA B 66 -8.31 -6.61 4.77
CA ALA B 66 -9.06 -7.86 4.76
C ALA B 66 -8.53 -8.81 3.69
N GLN B 67 -8.59 -8.39 2.44
CA GLN B 67 -8.11 -9.20 1.33
C GLN B 67 -6.66 -9.62 1.56
N VAL B 68 -5.82 -8.66 1.96
CA VAL B 68 -4.42 -8.94 2.22
C VAL B 68 -4.28 -9.97 3.35
N ALA B 69 -5.16 -9.88 4.33
CA ALA B 69 -5.15 -10.81 5.45
C ALA B 69 -5.44 -12.22 4.96
N ARG B 70 -6.30 -12.31 3.95
CA ARG B 70 -6.66 -13.60 3.38
C ARG B 70 -5.53 -14.11 2.49
N LEU B 71 -4.74 -13.17 1.95
CA LEU B 71 -3.61 -13.52 1.10
C LEU B 71 -2.60 -14.39 1.86
N PHE B 72 -2.11 -13.86 2.96
CA PHE B 72 -1.13 -14.58 3.79
C PHE B 72 -1.79 -15.11 5.05
N LYS B 73 -1.52 -16.37 5.37
CA LYS B 73 -2.10 -17.00 6.55
C LYS B 73 -1.06 -17.14 7.66
N ASN B 74 -0.20 -18.13 7.53
CA ASN B 74 0.85 -18.38 8.53
C ASN B 74 1.87 -17.24 8.54
N GLN B 75 1.86 -16.44 7.47
CA GLN B 75 2.78 -15.32 7.36
C GLN B 75 2.11 -14.02 7.80
N GLU B 76 2.16 -13.75 9.11
CA GLU B 76 1.55 -12.54 9.66
C GLU B 76 2.59 -11.44 9.78
N ASP B 77 3.85 -11.76 9.50
CA ASP B 77 4.93 -10.78 9.58
C ASP B 77 4.67 -9.60 8.65
N LEU B 78 4.61 -9.87 7.35
CA LEU B 78 4.36 -8.83 6.37
C LEU B 78 3.00 -8.17 6.58
N LEU B 79 2.11 -8.90 7.24
CA LEU B 79 0.77 -8.40 7.52
C LEU B 79 0.83 -7.27 8.55
N SER B 80 1.68 -7.45 9.55
CA SER B 80 1.84 -6.45 10.60
C SER B 80 2.59 -5.23 10.04
N GLU B 81 3.69 -5.49 9.36
CA GLU B 81 4.48 -4.42 8.76
C GLU B 81 3.61 -3.56 7.86
N PHE B 82 2.77 -4.21 7.05
CA PHE B 82 1.88 -3.51 6.16
C PHE B 82 0.84 -2.73 6.97
N GLY B 83 0.39 -3.34 8.06
CA GLY B 83 -0.59 -2.70 8.91
C GLY B 83 -0.09 -1.37 9.44
N GLN B 84 1.22 -1.30 9.69
CA GLN B 84 1.83 -0.08 10.18
C GLN B 84 1.64 1.07 9.19
N PHE B 85 1.67 0.73 7.90
CA PHE B 85 1.49 1.73 6.84
C PHE B 85 0.14 2.43 7.00
N LEU B 86 -0.87 1.66 7.40
CA LEU B 86 -2.21 2.19 7.58
C LEU B 86 -2.18 3.40 8.52
N PRO B 87 -3.06 4.39 8.28
CA PRO B 87 -3.13 5.60 9.11
C PRO B 87 -3.23 5.28 10.59
N ASP B 88 -2.14 5.51 11.32
CA ASP B 88 -2.09 5.24 12.76
C ASP B 88 -3.04 6.17 13.51
N ALA B 89 -3.81 5.60 14.43
CA ALA B 89 -4.76 6.37 15.22
C ALA B 89 -4.17 6.75 16.57
N ASP A 1 16.57 1.14 -9.29
CA ASP A 1 17.35 -0.11 -9.33
C ASP A 1 16.44 -1.32 -9.49
N PHE A 2 15.41 -1.39 -8.65
CA PHE A 2 14.46 -2.49 -8.70
C PHE A 2 13.33 -2.18 -9.68
N THR A 3 12.41 -3.13 -9.82
CA THR A 3 11.28 -2.95 -10.73
C THR A 3 10.02 -2.58 -9.95
N PRO A 4 9.30 -1.52 -10.39
CA PRO A 4 8.07 -1.08 -9.72
C PRO A 4 6.89 -2.00 -10.01
N MET A 5 5.71 -1.59 -9.58
CA MET A 5 4.50 -2.38 -9.78
C MET A 5 4.03 -2.27 -11.23
N ASP A 6 3.51 -1.09 -11.59
CA ASP A 6 3.02 -0.82 -12.94
C ASP A 6 2.50 0.61 -13.02
N SER A 7 1.84 1.05 -11.96
CA SER A 7 1.29 2.40 -11.89
C SER A 7 1.84 3.14 -10.67
N SER A 8 3.06 2.77 -10.28
CA SER A 8 3.71 3.38 -9.12
C SER A 8 2.92 3.12 -7.84
N ALA A 9 3.34 2.09 -7.09
CA ALA A 9 2.67 1.73 -5.85
C ALA A 9 3.05 2.71 -4.74
N VAL A 10 4.15 3.43 -4.95
CA VAL A 10 4.63 4.40 -3.98
C VAL A 10 3.57 5.48 -3.71
N TYR A 11 2.62 5.60 -4.63
CA TYR A 11 1.56 6.59 -4.51
C TYR A 11 0.65 6.26 -3.32
N VAL A 12 0.03 5.08 -3.37
CA VAL A 12 -0.87 4.65 -2.29
C VAL A 12 -0.11 4.40 -1.00
N LEU A 13 1.10 3.85 -1.11
CA LEU A 13 1.92 3.56 0.06
C LEU A 13 2.27 4.84 0.83
N SER A 14 2.91 5.77 0.13
CA SER A 14 3.29 7.04 0.73
C SER A 14 2.07 7.79 1.25
N SER A 15 1.07 7.95 0.39
CA SER A 15 -0.15 8.65 0.77
C SER A 15 -0.79 8.05 2.01
N MET A 16 -0.80 6.73 2.09
CA MET A 16 -1.39 6.02 3.23
C MET A 16 -0.64 6.37 4.52
N ALA A 17 0.68 6.41 4.44
CA ALA A 17 1.50 6.73 5.61
C ALA A 17 1.69 8.23 5.80
N ARG A 18 1.22 9.01 4.84
CA ARG A 18 1.35 10.47 4.91
C ARG A 18 0.00 11.14 5.20
N GLN A 19 -1.08 10.37 5.08
CA GLN A 19 -2.42 10.90 5.31
C GLN A 19 -2.74 10.89 6.80
N ARG A 20 -1.72 10.70 7.63
CA ARG A 20 -1.91 10.67 9.07
C ARG A 20 -2.42 12.02 9.59
N ARG A 21 -2.19 13.07 8.81
CA ARG A 21 -2.62 14.41 9.18
C ARG A 21 -2.93 15.25 7.94
N ALA A 22 -4.20 15.57 7.74
CA ALA A 22 -4.63 16.36 6.59
C ALA A 22 -3.97 17.74 6.61
N SER A 23 -3.53 18.19 5.44
CA SER A 23 -2.88 19.50 5.33
C SER A 23 -3.88 20.56 4.88
N SER B 1 21.77 -2.92 9.73
CA SER B 1 21.18 -2.39 10.98
C SER B 1 19.96 -1.52 10.68
N LEU B 2 18.92 -1.66 11.50
CA LEU B 2 17.69 -0.89 11.32
C LEU B 2 17.73 0.40 12.13
N GLN B 3 17.73 1.53 11.42
CA GLN B 3 17.78 2.83 12.07
C GLN B 3 17.08 3.89 11.21
N ASN B 4 16.85 3.54 9.94
CA ASN B 4 16.19 4.45 9.01
C ASN B 4 16.98 5.75 8.86
N ASN B 5 16.44 6.68 8.08
CA ASN B 5 17.08 7.97 7.85
C ASN B 5 16.20 9.11 8.34
N GLN B 6 15.06 9.29 7.69
CA GLN B 6 14.13 10.35 8.05
C GLN B 6 12.78 10.19 7.33
N PRO B 7 12.79 10.04 5.98
CA PRO B 7 11.55 9.88 5.22
C PRO B 7 10.91 8.51 5.41
N VAL B 8 9.60 8.49 5.63
CA VAL B 8 8.87 7.25 5.83
C VAL B 8 8.31 6.74 4.50
N GLU B 9 7.98 7.66 3.62
CA GLU B 9 7.41 7.33 2.31
C GLU B 9 8.30 6.36 1.54
N PHE B 10 9.34 6.90 0.90
CA PHE B 10 10.27 6.11 0.11
C PHE B 10 10.81 4.91 0.89
N ASN B 11 11.28 5.16 2.11
CA ASN B 11 11.85 4.11 2.95
C ASN B 11 10.91 2.90 3.08
N HIS B 12 9.83 3.06 3.82
CA HIS B 12 8.89 1.96 4.06
C HIS B 12 8.29 1.41 2.77
N ALA B 13 7.67 2.28 1.97
CA ALA B 13 7.04 1.86 0.72
C ALA B 13 7.96 1.00 -0.15
N ILE B 14 9.07 1.58 -0.59
CA ILE B 14 10.02 0.86 -1.45
C ILE B 14 10.54 -0.42 -0.79
N ASN B 15 11.06 -0.30 0.43
CA ASN B 15 11.59 -1.45 1.15
C ASN B 15 10.56 -2.57 1.24
N TYR B 16 9.29 -2.21 1.25
CA TYR B 16 8.21 -3.19 1.34
C TYR B 16 8.04 -3.94 0.01
N VAL B 17 7.72 -3.21 -1.04
CA VAL B 17 7.52 -3.81 -2.35
C VAL B 17 8.79 -4.53 -2.80
N ASN B 18 9.93 -4.08 -2.31
CA ASN B 18 11.23 -4.67 -2.67
C ASN B 18 11.41 -6.03 -2.01
N LYS B 19 11.33 -6.08 -0.69
CA LYS B 19 11.51 -7.32 0.04
C LYS B 19 10.54 -8.40 -0.44
N ILE B 20 9.31 -8.00 -0.74
CA ILE B 20 8.30 -8.95 -1.20
C ILE B 20 8.50 -9.33 -2.66
N LYS B 21 9.03 -8.41 -3.46
CA LYS B 21 9.25 -8.67 -4.87
C LYS B 21 10.40 -9.67 -5.09
N ASN B 22 11.40 -9.59 -4.22
CA ASN B 22 12.56 -10.48 -4.32
C ASN B 22 12.33 -11.80 -3.60
N ARG B 23 11.65 -11.75 -2.46
CA ARG B 23 11.38 -12.96 -1.69
C ARG B 23 10.26 -13.79 -2.31
N PHE B 24 9.20 -13.13 -2.73
CA PHE B 24 8.06 -13.83 -3.33
C PHE B 24 8.13 -13.77 -4.86
N GLN B 25 9.33 -13.82 -5.40
CA GLN B 25 9.53 -13.79 -6.84
C GLN B 25 9.01 -15.06 -7.49
N GLY B 26 8.64 -16.05 -6.67
CA GLY B 26 8.14 -17.30 -7.18
C GLY B 26 6.62 -17.35 -7.21
N GLN B 27 5.98 -16.48 -6.44
CA GLN B 27 4.54 -16.42 -6.38
C GLN B 27 3.99 -15.18 -7.08
N PRO B 28 3.66 -15.28 -8.38
CA PRO B 28 3.15 -14.16 -9.16
C PRO B 28 1.66 -13.91 -8.89
N ASP B 29 0.96 -14.96 -8.44
CA ASP B 29 -0.46 -14.86 -8.14
C ASP B 29 -0.70 -13.99 -6.92
N ILE B 30 -0.02 -14.31 -5.82
CA ILE B 30 -0.15 -13.56 -4.59
C ILE B 30 0.45 -12.16 -4.73
N TYR B 31 1.61 -12.08 -5.36
CA TYR B 31 2.30 -10.82 -5.56
C TYR B 31 1.41 -9.84 -6.33
N LYS B 32 0.98 -10.26 -7.52
CA LYS B 32 0.12 -9.44 -8.36
C LYS B 32 -1.16 -9.06 -7.63
N ALA B 33 -1.78 -10.05 -7.00
CA ALA B 33 -3.02 -9.83 -6.26
C ALA B 33 -2.91 -8.63 -5.33
N PHE B 34 -1.88 -8.64 -4.48
CA PHE B 34 -1.65 -7.54 -3.56
C PHE B 34 -1.53 -6.23 -4.33
N LEU B 35 -0.73 -6.27 -5.38
CA LEU B 35 -0.53 -5.09 -6.22
C LEU B 35 -1.84 -4.64 -6.85
N GLU B 36 -2.76 -5.59 -7.01
CA GLU B 36 -4.06 -5.29 -7.60
C GLU B 36 -4.93 -4.58 -6.57
N ILE B 37 -4.75 -4.93 -5.30
CA ILE B 37 -5.50 -4.31 -4.23
C ILE B 37 -5.12 -2.84 -4.09
N LEU B 38 -3.82 -2.57 -4.07
CA LEU B 38 -3.32 -1.21 -3.95
C LEU B 38 -3.62 -0.41 -5.22
N HIS B 39 -3.55 -1.09 -6.36
CA HIS B 39 -3.82 -0.44 -7.64
C HIS B 39 -5.27 0.03 -7.71
N THR B 40 -6.19 -0.89 -7.45
CA THR B 40 -7.61 -0.59 -7.45
C THR B 40 -7.91 0.48 -6.41
N TYR B 41 -7.21 0.40 -5.29
CA TYR B 41 -7.36 1.35 -4.20
C TYR B 41 -7.01 2.75 -4.69
N GLN B 42 -5.99 2.82 -5.54
CA GLN B 42 -5.54 4.09 -6.10
C GLN B 42 -6.61 4.69 -7.01
N LYS B 43 -7.09 3.88 -7.95
CA LYS B 43 -8.12 4.31 -8.88
C LYS B 43 -9.35 4.83 -8.13
N GLU B 44 -9.69 4.17 -7.04
CA GLU B 44 -10.85 4.57 -6.23
C GLU B 44 -10.60 5.92 -5.58
N GLN B 45 -9.39 6.12 -5.06
CA GLN B 45 -9.05 7.38 -4.40
C GLN B 45 -9.15 8.54 -5.39
N ARG B 46 -8.66 8.32 -6.60
CA ARG B 46 -8.69 9.35 -7.63
C ARG B 46 -10.12 9.74 -7.97
N ASN B 47 -10.93 8.75 -8.34
CA ASN B 47 -12.33 8.99 -8.68
C ASN B 47 -13.07 9.66 -7.53
N ALA B 48 -12.69 9.30 -6.31
CA ALA B 48 -13.32 9.88 -5.12
C ALA B 48 -13.00 11.36 -4.99
N LYS B 49 -11.75 11.72 -5.24
CA LYS B 49 -11.31 13.11 -5.16
C LYS B 49 -12.01 13.95 -6.22
N GLU B 50 -12.02 13.45 -7.45
CA GLU B 50 -12.65 14.14 -8.56
C GLU B 50 -14.15 14.30 -8.33
N ALA B 51 -14.74 13.31 -7.66
CA ALA B 51 -16.17 13.32 -7.38
C ALA B 51 -16.52 14.44 -6.39
N GLY B 52 -15.52 14.86 -5.61
CA GLY B 52 -15.74 15.91 -4.64
C GLY B 52 -15.64 15.42 -3.21
N GLY B 53 -16.59 14.58 -2.81
CA GLY B 53 -16.58 14.05 -1.46
C GLY B 53 -17.84 13.26 -1.14
N ASN B 54 -18.88 13.48 -1.93
CA ASN B 54 -20.15 12.79 -1.74
C ASN B 54 -20.04 11.32 -2.16
N TYR B 55 -18.93 10.98 -2.81
CA TYR B 55 -18.70 9.63 -3.27
C TYR B 55 -18.10 8.77 -2.15
N THR B 56 -18.39 7.46 -2.21
CA THR B 56 -17.87 6.54 -1.20
C THR B 56 -17.01 5.46 -1.87
N PRO B 57 -15.67 5.53 -1.71
CA PRO B 57 -14.75 4.55 -2.30
C PRO B 57 -15.12 3.12 -1.95
N ALA B 58 -15.10 2.25 -2.95
CA ALA B 58 -15.44 0.84 -2.75
C ALA B 58 -14.48 0.19 -1.77
N LEU B 59 -13.19 0.20 -2.11
CA LEU B 59 -12.16 -0.40 -1.25
C LEU B 59 -11.62 0.63 -0.26
N THR B 60 -11.82 0.36 1.02
CA THR B 60 -11.34 1.24 2.08
C THR B 60 -10.21 0.58 2.85
N GLU B 61 -9.79 1.20 3.94
CA GLU B 61 -8.72 0.67 4.77
C GLU B 61 -9.03 -0.77 5.18
N GLN B 62 -10.28 -1.00 5.57
CA GLN B 62 -10.73 -2.32 6.00
C GLN B 62 -10.70 -3.30 4.83
N GLU B 63 -11.04 -2.82 3.64
CA GLU B 63 -11.05 -3.68 2.45
C GLU B 63 -9.67 -4.23 2.16
N VAL B 64 -8.68 -3.34 2.05
CA VAL B 64 -7.32 -3.75 1.77
C VAL B 64 -6.79 -4.68 2.86
N TYR B 65 -6.81 -4.21 4.10
CA TYR B 65 -6.32 -5.01 5.21
C TYR B 65 -6.98 -6.39 5.22
N ALA B 66 -8.25 -6.45 4.82
CA ALA B 66 -8.98 -7.72 4.79
C ALA B 66 -8.43 -8.65 3.70
N GLN B 67 -8.46 -8.18 2.46
CA GLN B 67 -7.98 -8.97 1.33
C GLN B 67 -6.54 -9.45 1.58
N VAL B 68 -5.71 -8.56 2.10
CA VAL B 68 -4.33 -8.88 2.39
C VAL B 68 -4.22 -9.87 3.54
N ALA B 69 -5.10 -9.70 4.53
CA ALA B 69 -5.12 -10.58 5.69
C ALA B 69 -5.36 -12.03 5.27
N ARG B 70 -6.24 -12.19 4.28
CA ARG B 70 -6.57 -13.52 3.77
C ARG B 70 -5.63 -13.91 2.62
N LEU B 71 -4.98 -12.91 2.04
CA LEU B 71 -4.05 -13.15 0.94
C LEU B 71 -2.98 -14.14 1.35
N PHE B 72 -2.64 -14.13 2.63
CA PHE B 72 -1.63 -15.04 3.16
C PHE B 72 -2.27 -16.05 4.11
N LYS B 73 -1.58 -17.16 4.34
CA LYS B 73 -2.10 -18.22 5.20
C LYS B 73 -1.68 -17.99 6.66
N ASN B 74 -0.42 -18.27 6.97
CA ASN B 74 0.09 -18.10 8.32
C ASN B 74 1.17 -17.03 8.38
N GLN B 75 1.25 -16.23 7.33
CA GLN B 75 2.25 -15.16 7.25
C GLN B 75 1.70 -13.88 7.84
N GLU B 76 1.90 -13.69 9.14
CA GLU B 76 1.43 -12.49 9.83
C GLU B 76 2.51 -11.42 9.84
N ASP B 77 3.72 -11.79 9.45
CA ASP B 77 4.84 -10.85 9.40
C ASP B 77 4.53 -9.69 8.47
N LEU B 78 4.23 -9.99 7.22
CA LEU B 78 3.90 -8.96 6.24
C LEU B 78 2.67 -8.19 6.65
N LEU B 79 1.69 -8.91 7.22
CA LEU B 79 0.45 -8.31 7.67
C LEU B 79 0.72 -7.20 8.67
N SER B 80 1.71 -7.43 9.54
CA SER B 80 2.09 -6.44 10.55
C SER B 80 2.84 -5.28 9.89
N GLU B 81 3.77 -5.61 9.01
CA GLU B 81 4.55 -4.60 8.30
C GLU B 81 3.63 -3.66 7.55
N PHE B 82 2.52 -4.19 7.06
CA PHE B 82 1.54 -3.39 6.33
C PHE B 82 0.62 -2.69 7.32
N GLY B 83 0.41 -3.32 8.47
CA GLY B 83 -0.44 -2.73 9.50
C GLY B 83 0.14 -1.44 10.04
N GLN B 84 1.47 -1.36 10.07
CA GLN B 84 2.16 -0.17 10.55
C GLN B 84 1.71 1.06 9.79
N PHE B 85 1.28 0.85 8.55
CA PHE B 85 0.81 1.93 7.70
C PHE B 85 -0.56 2.42 8.16
N LEU B 86 -1.38 2.89 7.21
CA LEU B 86 -2.72 3.38 7.53
C LEU B 86 -2.65 4.68 8.34
N PRO B 87 -3.39 5.72 7.94
CA PRO B 87 -3.40 7.00 8.66
C PRO B 87 -3.66 6.84 10.15
N ASP B 88 -2.76 7.37 10.97
CA ASP B 88 -2.89 7.28 12.42
C ASP B 88 -2.68 8.64 13.07
N ALA B 89 -2.77 8.68 14.39
CA ALA B 89 -2.58 9.93 15.13
C ALA B 89 -1.54 9.76 16.24
N ASP A 1 16.05 -4.18 -14.94
CA ASP A 1 14.67 -3.70 -15.21
C ASP A 1 13.74 -3.99 -14.04
N PHE A 2 13.13 -2.95 -13.51
CA PHE A 2 12.22 -3.10 -12.38
C PHE A 2 10.76 -2.93 -12.84
N THR A 3 9.87 -3.68 -12.21
CA THR A 3 8.45 -3.62 -12.55
C THR A 3 7.89 -2.21 -12.38
N PRO A 4 6.79 -1.89 -13.07
CA PRO A 4 6.16 -0.55 -12.99
C PRO A 4 5.64 -0.24 -11.59
N MET A 5 5.73 -1.22 -10.68
CA MET A 5 5.28 -1.04 -9.31
C MET A 5 6.32 -0.27 -8.49
N ASP A 6 7.31 0.28 -9.18
CA ASP A 6 8.37 1.05 -8.53
C ASP A 6 7.93 2.49 -8.28
N SER A 7 6.75 2.84 -8.80
CA SER A 7 6.21 4.18 -8.63
C SER A 7 4.70 4.13 -8.41
N SER A 8 4.07 3.04 -8.85
CA SER A 8 2.63 2.87 -8.70
C SER A 8 2.27 2.57 -7.25
N ALA A 9 2.77 1.43 -6.75
CA ALA A 9 2.49 1.02 -5.38
C ALA A 9 3.11 2.00 -4.38
N VAL A 10 4.05 2.80 -4.86
CA VAL A 10 4.73 3.79 -4.01
C VAL A 10 3.80 4.96 -3.70
N TYR A 11 2.91 5.27 -4.64
CA TYR A 11 1.97 6.37 -4.46
C TYR A 11 0.92 6.02 -3.41
N VAL A 12 0.41 4.79 -3.46
CA VAL A 12 -0.60 4.34 -2.52
C VAL A 12 -0.01 4.16 -1.12
N LEU A 13 1.14 3.49 -1.04
CA LEU A 13 1.81 3.26 0.23
C LEU A 13 2.16 4.58 0.91
N SER A 14 2.69 5.52 0.13
CA SER A 14 3.07 6.83 0.65
C SER A 14 1.85 7.57 1.21
N SER A 15 0.84 7.76 0.36
CA SER A 15 -0.38 8.45 0.76
C SER A 15 -0.96 7.85 2.04
N MET A 16 -1.13 6.54 2.05
CA MET A 16 -1.67 5.84 3.21
C MET A 16 -0.90 6.18 4.49
N ALA A 17 0.44 6.14 4.40
CA ALA A 17 1.28 6.45 5.54
C ALA A 17 1.41 7.95 5.77
N ARG A 18 0.92 8.75 4.82
CA ARG A 18 0.98 10.20 4.93
C ARG A 18 -0.36 10.78 5.37
N GLN A 19 -1.40 9.95 5.34
CA GLN A 19 -2.74 10.39 5.73
C GLN A 19 -2.87 10.43 7.25
N ARG A 20 -1.86 9.93 7.95
CA ARG A 20 -1.87 9.91 9.41
C ARG A 20 -1.89 11.33 9.97
N ARG A 21 -2.92 11.63 10.77
CA ARG A 21 -3.06 12.94 11.39
C ARG A 21 -2.99 14.06 10.34
N ALA A 22 -3.34 13.72 9.10
CA ALA A 22 -3.31 14.70 8.02
C ALA A 22 -4.57 15.55 8.01
N SER A 23 -5.61 15.08 8.71
CA SER A 23 -6.88 15.80 8.78
C SER A 23 -7.65 15.40 10.03
N SER B 1 14.21 14.49 -0.30
CA SER B 1 13.26 15.64 -0.26
C SER B 1 13.88 16.84 0.44
N LEU B 2 13.11 17.91 0.55
CA LEU B 2 13.57 19.13 1.20
C LEU B 2 12.81 19.38 2.49
N GLN B 3 11.82 18.54 2.78
CA GLN B 3 11.01 18.68 3.98
C GLN B 3 11.29 17.54 4.96
N ASN B 4 11.01 17.78 6.24
CA ASN B 4 11.23 16.77 7.28
C ASN B 4 12.69 16.34 7.33
N ASN B 5 12.99 15.40 8.22
CA ASN B 5 14.35 14.90 8.37
C ASN B 5 14.46 13.45 7.90
N GLN B 6 13.45 12.64 8.24
CA GLN B 6 13.43 11.24 7.86
C GLN B 6 12.20 10.92 7.00
N PRO B 7 12.37 10.83 5.67
CA PRO B 7 11.27 10.53 4.75
C PRO B 7 10.74 9.11 4.96
N VAL B 8 9.49 9.00 5.41
CA VAL B 8 8.87 7.71 5.65
C VAL B 8 8.29 7.13 4.35
N GLU B 9 7.81 8.01 3.48
CA GLU B 9 7.23 7.61 2.21
C GLU B 9 8.13 6.68 1.42
N PHE B 10 9.19 7.25 0.84
CA PHE B 10 10.15 6.48 0.04
C PHE B 10 10.63 5.23 0.75
N ASN B 11 11.38 5.42 1.84
CA ASN B 11 11.94 4.30 2.61
C ASN B 11 10.95 3.15 2.78
N HIS B 12 9.82 3.42 3.45
CA HIS B 12 8.82 2.39 3.70
C HIS B 12 8.26 1.79 2.41
N ALA B 13 7.51 2.59 1.65
CA ALA B 13 6.89 2.12 0.41
C ALA B 13 7.87 1.37 -0.49
N ILE B 14 8.96 2.05 -0.87
CA ILE B 14 9.96 1.44 -1.75
C ILE B 14 10.46 0.10 -1.22
N ASN B 15 11.04 0.11 -0.02
CA ASN B 15 11.56 -1.11 0.59
C ASN B 15 10.48 -2.18 0.74
N TYR B 16 9.22 -1.75 0.81
CA TYR B 16 8.11 -2.68 0.96
C TYR B 16 7.89 -3.49 -0.32
N VAL B 17 7.70 -2.80 -1.43
CA VAL B 17 7.48 -3.46 -2.71
C VAL B 17 8.67 -4.34 -3.07
N ASN B 18 9.87 -3.81 -2.87
CA ASN B 18 11.10 -4.55 -3.16
C ASN B 18 11.19 -5.81 -2.31
N LYS B 19 10.81 -5.69 -1.05
CA LYS B 19 10.85 -6.82 -0.13
C LYS B 19 9.97 -7.97 -0.61
N ILE B 20 8.67 -7.69 -0.75
CA ILE B 20 7.72 -8.69 -1.20
C ILE B 20 8.10 -9.23 -2.59
N LYS B 21 8.78 -8.40 -3.38
CA LYS B 21 9.20 -8.80 -4.72
C LYS B 21 10.30 -9.85 -4.65
N ASN B 22 11.24 -9.66 -3.73
CA ASN B 22 12.36 -10.59 -3.57
C ASN B 22 12.00 -11.72 -2.60
N ARG B 23 10.85 -11.58 -1.94
CA ARG B 23 10.40 -12.58 -0.99
C ARG B 23 9.44 -13.57 -1.64
N PHE B 24 8.31 -13.06 -2.12
CA PHE B 24 7.30 -13.90 -2.77
C PHE B 24 7.50 -13.92 -4.28
N GLN B 25 8.75 -13.87 -4.72
CA GLN B 25 9.06 -13.89 -6.15
C GLN B 25 8.58 -15.20 -6.77
N GLY B 26 8.58 -16.26 -5.97
CA GLY B 26 8.15 -17.56 -6.46
C GLY B 26 6.71 -17.55 -6.94
N GLN B 27 5.78 -17.27 -6.02
CA GLN B 27 4.36 -17.24 -6.35
C GLN B 27 3.99 -15.92 -7.03
N PRO B 28 3.64 -15.97 -8.34
CA PRO B 28 3.26 -14.77 -9.09
C PRO B 28 1.79 -14.39 -8.90
N ASP B 29 0.98 -15.37 -8.53
CA ASP B 29 -0.45 -15.14 -8.32
C ASP B 29 -0.69 -14.29 -7.07
N ILE B 30 -0.07 -14.66 -5.97
CA ILE B 30 -0.22 -13.94 -4.71
C ILE B 30 0.35 -12.53 -4.82
N TYR B 31 1.56 -12.42 -5.36
CA TYR B 31 2.21 -11.12 -5.52
C TYR B 31 1.38 -10.19 -6.41
N LYS B 32 1.01 -10.68 -7.59
CA LYS B 32 0.22 -9.89 -8.52
C LYS B 32 -1.12 -9.49 -7.90
N ALA B 33 -1.68 -10.38 -7.09
CA ALA B 33 -2.95 -10.12 -6.43
C ALA B 33 -2.84 -8.90 -5.53
N PHE B 34 -1.84 -8.91 -4.65
CA PHE B 34 -1.62 -7.80 -3.73
C PHE B 34 -1.47 -6.49 -4.49
N LEU B 35 -0.62 -6.50 -5.51
CA LEU B 35 -0.38 -5.32 -6.32
C LEU B 35 -1.67 -4.81 -6.94
N GLU B 36 -2.53 -5.74 -7.36
CA GLU B 36 -3.80 -5.38 -7.97
C GLU B 36 -4.73 -4.72 -6.96
N ILE B 37 -4.67 -5.16 -5.72
CA ILE B 37 -5.50 -4.59 -4.66
C ILE B 37 -5.13 -3.14 -4.43
N LEU B 38 -3.84 -2.89 -4.22
CA LEU B 38 -3.36 -1.53 -3.99
C LEU B 38 -3.55 -0.67 -5.22
N HIS B 39 -3.48 -1.28 -6.40
CA HIS B 39 -3.66 -0.56 -7.65
C HIS B 39 -5.08 -0.03 -7.73
N THR B 40 -6.05 -0.94 -7.66
CA THR B 40 -7.45 -0.56 -7.70
C THR B 40 -7.78 0.42 -6.58
N TYR B 41 -7.08 0.26 -5.46
CA TYR B 41 -7.28 1.14 -4.32
C TYR B 41 -6.90 2.57 -4.67
N GLN B 42 -5.76 2.70 -5.37
CA GLN B 42 -5.27 4.01 -5.78
C GLN B 42 -6.26 4.65 -6.77
N LYS B 43 -6.82 3.83 -7.65
CA LYS B 43 -7.78 4.30 -8.63
C LYS B 43 -9.00 4.94 -7.95
N GLU B 44 -9.67 4.15 -7.14
CA GLU B 44 -10.86 4.63 -6.42
C GLU B 44 -10.51 5.79 -5.50
N GLN B 45 -9.28 5.80 -4.99
CA GLN B 45 -8.83 6.86 -4.10
C GLN B 45 -8.79 8.20 -4.84
N ARG B 46 -8.23 8.18 -6.04
CA ARG B 46 -8.13 9.39 -6.87
C ARG B 46 -9.50 9.90 -7.26
N ASN B 47 -10.32 9.01 -7.84
CA ASN B 47 -11.66 9.37 -8.27
C ASN B 47 -12.47 9.96 -7.13
N ALA B 48 -12.30 9.39 -5.93
CA ALA B 48 -13.02 9.86 -4.75
C ALA B 48 -12.53 11.24 -4.32
N LYS B 49 -11.22 11.45 -4.41
CA LYS B 49 -10.62 12.72 -4.03
C LYS B 49 -11.10 13.84 -4.93
N GLU B 50 -11.13 13.57 -6.24
CA GLU B 50 -11.58 14.55 -7.22
C GLU B 50 -13.08 14.81 -7.10
N ALA B 51 -13.82 13.76 -6.79
CA ALA B 51 -15.28 13.87 -6.66
C ALA B 51 -15.65 14.82 -5.52
N GLY B 52 -14.85 14.81 -4.46
CA GLY B 52 -15.12 15.68 -3.33
C GLY B 52 -15.27 14.91 -2.03
N GLY B 53 -16.40 14.22 -1.88
CA GLY B 53 -16.65 13.45 -0.67
C GLY B 53 -17.95 12.70 -0.73
N ASN B 54 -18.79 13.03 -1.71
CA ASN B 54 -20.08 12.36 -1.87
C ASN B 54 -19.91 11.01 -2.53
N TYR B 55 -18.82 10.84 -3.26
CA TYR B 55 -18.54 9.58 -3.95
C TYR B 55 -18.21 8.48 -2.95
N THR B 56 -18.68 7.27 -3.23
CA THR B 56 -18.44 6.13 -2.36
C THR B 56 -17.42 5.16 -2.98
N PRO B 57 -16.16 5.18 -2.50
CA PRO B 57 -15.11 4.29 -3.01
C PRO B 57 -15.49 2.83 -2.92
N ALA B 58 -14.87 2.00 -3.75
CA ALA B 58 -15.14 0.57 -3.76
C ALA B 58 -14.28 -0.17 -2.73
N LEU B 59 -13.01 0.20 -2.66
CA LEU B 59 -12.09 -0.43 -1.72
C LEU B 59 -11.58 0.58 -0.69
N THR B 60 -11.75 0.24 0.58
CA THR B 60 -11.30 1.09 1.67
C THR B 60 -10.18 0.43 2.46
N GLU B 61 -9.81 1.01 3.59
CA GLU B 61 -8.76 0.46 4.43
C GLU B 61 -9.12 -0.95 4.88
N GLN B 62 -10.41 -1.19 5.09
CA GLN B 62 -10.90 -2.50 5.53
C GLN B 62 -10.86 -3.51 4.38
N GLU B 63 -11.30 -3.09 3.20
CA GLU B 63 -11.32 -3.98 2.04
C GLU B 63 -9.92 -4.51 1.76
N VAL B 64 -8.95 -3.61 1.72
CA VAL B 64 -7.56 -3.97 1.46
C VAL B 64 -7.01 -4.86 2.57
N TYR B 65 -7.03 -4.36 3.80
CA TYR B 65 -6.51 -5.12 4.93
C TYR B 65 -7.17 -6.49 5.02
N ALA B 66 -8.39 -6.60 4.50
CA ALA B 66 -9.11 -7.87 4.52
C ALA B 66 -8.52 -8.86 3.53
N GLN B 67 -8.52 -8.48 2.25
CA GLN B 67 -7.98 -9.34 1.20
C GLN B 67 -6.52 -9.70 1.48
N VAL B 68 -5.77 -8.71 1.98
CA VAL B 68 -4.36 -8.92 2.29
C VAL B 68 -4.21 -9.86 3.49
N ALA B 69 -5.10 -9.71 4.46
CA ALA B 69 -5.08 -10.56 5.66
C ALA B 69 -5.22 -12.03 5.27
N ARG B 70 -6.14 -12.29 4.35
CA ARG B 70 -6.39 -13.65 3.89
C ARG B 70 -5.35 -14.05 2.85
N LEU B 71 -4.72 -13.06 2.23
CA LEU B 71 -3.70 -13.29 1.22
C LEU B 71 -2.55 -14.10 1.81
N PHE B 72 -2.38 -13.99 3.13
CA PHE B 72 -1.33 -14.71 3.83
C PHE B 72 -1.91 -15.47 5.03
N LYS B 73 -1.10 -16.35 5.62
CA LYS B 73 -1.54 -17.12 6.77
C LYS B 73 -0.51 -17.08 7.89
N ASN B 74 0.53 -17.89 7.76
CA ASN B 74 1.59 -17.96 8.76
C ASN B 74 2.48 -16.71 8.70
N GLN B 75 2.33 -15.94 7.62
CA GLN B 75 3.10 -14.72 7.43
C GLN B 75 2.32 -13.50 7.90
N GLU B 76 2.39 -13.22 9.20
CA GLU B 76 1.70 -12.06 9.76
C GLU B 76 2.64 -10.87 9.83
N ASP B 77 3.92 -11.10 9.56
CA ASP B 77 4.93 -10.05 9.60
C ASP B 77 4.55 -8.92 8.65
N LEU B 78 4.52 -9.23 7.36
CA LEU B 78 4.18 -8.23 6.35
C LEU B 78 2.80 -7.63 6.62
N LEU B 79 1.97 -8.36 7.34
CA LEU B 79 0.63 -7.90 7.67
C LEU B 79 0.69 -6.79 8.71
N SER B 80 1.59 -6.95 9.68
CA SER B 80 1.78 -5.96 10.73
C SER B 80 2.40 -4.70 10.15
N GLU B 81 3.51 -4.88 9.42
CA GLU B 81 4.19 -3.76 8.80
C GLU B 81 3.21 -2.98 7.94
N PHE B 82 2.39 -3.71 7.20
CA PHE B 82 1.38 -3.09 6.34
C PHE B 82 0.38 -2.31 7.18
N GLY B 83 0.02 -2.87 8.33
CA GLY B 83 -0.92 -2.21 9.22
C GLY B 83 -0.40 -0.85 9.66
N GLN B 84 0.91 -0.76 9.83
CA GLN B 84 1.54 0.50 10.24
C GLN B 84 1.32 1.59 9.19
N PHE B 85 1.23 1.18 7.93
CA PHE B 85 1.01 2.12 6.83
C PHE B 85 -0.32 2.86 7.00
N LEU B 86 -1.31 2.14 7.52
CA LEU B 86 -2.63 2.71 7.74
C LEU B 86 -2.54 3.96 8.62
N PRO B 87 -3.30 5.02 8.28
CA PRO B 87 -3.30 6.27 9.05
C PRO B 87 -3.52 6.03 10.54
N ASP B 88 -2.71 6.68 11.37
CA ASP B 88 -2.81 6.54 12.82
C ASP B 88 -3.22 7.86 13.46
N ALA B 89 -4.45 7.91 13.96
CA ALA B 89 -4.97 9.11 14.60
C ALA B 89 -5.31 8.85 16.06
N ASP A 1 20.29 -1.41 -9.31
CA ASP A 1 19.02 -1.18 -8.57
C ASP A 1 17.90 -2.03 -9.14
N PHE A 2 16.75 -2.02 -8.47
CA PHE A 2 15.59 -2.79 -8.91
C PHE A 2 14.48 -1.86 -9.37
N THR A 3 13.32 -2.45 -9.68
CA THR A 3 12.18 -1.68 -10.13
C THR A 3 10.90 -2.07 -9.37
N PRO A 4 9.98 -1.12 -9.17
CA PRO A 4 8.72 -1.38 -8.47
C PRO A 4 7.74 -2.19 -9.31
N MET A 5 6.45 -2.04 -9.03
CA MET A 5 5.42 -2.76 -9.77
C MET A 5 5.53 -2.47 -11.27
N ASP A 6 5.17 -1.25 -11.65
CA ASP A 6 5.22 -0.84 -13.06
C ASP A 6 5.00 0.66 -13.18
N SER A 7 3.89 1.13 -12.63
CA SER A 7 3.56 2.55 -12.67
C SER A 7 3.90 3.23 -11.35
N SER A 8 4.93 2.73 -10.68
CA SER A 8 5.37 3.26 -9.41
C SER A 8 4.29 3.13 -8.35
N ALA A 9 4.35 2.05 -7.58
CA ALA A 9 3.37 1.80 -6.53
C ALA A 9 3.57 2.76 -5.35
N VAL A 10 4.72 3.43 -5.35
CA VAL A 10 5.05 4.38 -4.29
C VAL A 10 3.93 5.38 -4.06
N TYR A 11 3.07 5.56 -5.07
CA TYR A 11 1.95 6.50 -4.96
C TYR A 11 0.96 6.03 -3.89
N VAL A 12 0.38 4.84 -4.09
CA VAL A 12 -0.58 4.30 -3.15
C VAL A 12 0.05 4.01 -1.79
N LEU A 13 1.26 3.43 -1.80
CA LEU A 13 1.96 3.11 -0.56
C LEU A 13 2.19 4.36 0.29
N SER A 14 2.90 5.34 -0.28
CA SER A 14 3.19 6.57 0.42
C SER A 14 1.90 7.30 0.81
N SER A 15 0.87 7.16 -0.02
CA SER A 15 -0.42 7.79 0.25
C SER A 15 -1.00 7.33 1.58
N MET A 16 -1.03 6.01 1.77
CA MET A 16 -1.56 5.43 3.00
C MET A 16 -0.68 5.76 4.20
N ALA A 17 0.63 5.82 3.98
CA ALA A 17 1.57 6.12 5.06
C ALA A 17 1.71 7.61 5.31
N ARG A 18 1.19 8.44 4.39
CA ARG A 18 1.28 9.89 4.54
C ARG A 18 -0.08 10.49 4.86
N GLN A 19 -1.14 9.68 4.70
CA GLN A 19 -2.50 10.13 4.97
C GLN A 19 -2.72 10.26 6.48
N ARG A 20 -1.67 10.01 7.25
CA ARG A 20 -1.74 10.10 8.71
C ARG A 20 -2.23 11.47 9.14
N ARG A 21 -1.86 12.49 8.39
CA ARG A 21 -2.27 13.86 8.71
C ARG A 21 -3.11 14.46 7.58
N ALA A 22 -2.73 14.16 6.34
CA ALA A 22 -3.46 14.67 5.18
C ALA A 22 -4.73 13.86 4.91
N SER A 23 -5.57 14.38 4.03
CA SER A 23 -6.83 13.71 3.69
C SER A 23 -7.19 13.96 2.23
N SER B 1 11.81 18.17 15.32
CA SER B 1 13.05 17.88 16.09
C SER B 1 12.90 16.62 16.95
N LEU B 2 11.68 16.39 17.42
CA LEU B 2 11.39 15.22 18.25
C LEU B 2 11.03 14.02 17.40
N GLN B 3 10.82 14.25 16.10
CA GLN B 3 10.47 13.17 15.18
C GLN B 3 11.71 12.44 14.69
N ASN B 4 11.50 11.30 14.02
CA ASN B 4 12.60 10.51 13.51
C ASN B 4 12.23 9.86 12.17
N ASN B 5 11.07 10.23 11.64
CA ASN B 5 10.60 9.68 10.37
C ASN B 5 9.92 10.77 9.54
N GLN B 6 10.64 11.30 8.55
CA GLN B 6 10.10 12.33 7.68
C GLN B 6 9.87 11.81 6.25
N PRO B 7 10.88 11.16 5.63
CA PRO B 7 10.75 10.64 4.28
C PRO B 7 10.19 9.21 4.27
N VAL B 8 9.41 8.89 5.30
CA VAL B 8 8.81 7.57 5.44
C VAL B 8 8.00 7.18 4.21
N GLU B 9 7.64 8.17 3.39
CA GLU B 9 6.85 7.94 2.19
C GLU B 9 7.54 6.94 1.26
N PHE B 10 8.40 7.44 0.39
CA PHE B 10 9.11 6.58 -0.57
C PHE B 10 10.06 5.61 0.13
N ASN B 11 10.44 5.94 1.36
CA ASN B 11 11.35 5.08 2.11
C ASN B 11 10.68 3.76 2.48
N HIS B 12 9.64 3.84 3.31
CA HIS B 12 8.92 2.66 3.76
C HIS B 12 8.21 1.97 2.59
N ALA B 13 7.73 2.76 1.64
CA ALA B 13 7.04 2.22 0.47
C ALA B 13 7.97 1.35 -0.37
N ILE B 14 9.05 1.94 -0.88
CA ILE B 14 10.00 1.23 -1.71
C ILE B 14 10.55 0.00 -0.98
N ASN B 15 11.01 0.19 0.25
CA ASN B 15 11.56 -0.90 1.04
C ASN B 15 10.55 -2.04 1.16
N TYR B 16 9.29 -1.70 1.35
CA TYR B 16 8.23 -2.69 1.49
C TYR B 16 8.09 -3.50 0.20
N VAL B 17 7.71 -2.85 -0.89
CA VAL B 17 7.55 -3.51 -2.17
C VAL B 17 8.80 -4.30 -2.54
N ASN B 18 9.94 -3.89 -1.98
CA ASN B 18 11.20 -4.56 -2.25
C ASN B 18 11.23 -5.95 -1.61
N LYS B 19 11.03 -6.00 -0.29
CA LYS B 19 11.05 -7.27 0.43
C LYS B 19 9.88 -8.16 -0.01
N ILE B 20 8.82 -7.54 -0.52
CA ILE B 20 7.65 -8.27 -0.96
C ILE B 20 7.92 -8.98 -2.29
N LYS B 21 8.57 -8.28 -3.20
CA LYS B 21 8.90 -8.84 -4.50
C LYS B 21 10.03 -9.85 -4.39
N ASN B 22 10.89 -9.67 -3.38
CA ASN B 22 12.01 -10.56 -3.16
C ASN B 22 11.54 -11.90 -2.57
N ARG B 23 10.74 -11.82 -1.50
CA ARG B 23 10.23 -13.02 -0.86
C ARG B 23 9.35 -13.83 -1.80
N PHE B 24 8.36 -13.18 -2.40
CA PHE B 24 7.45 -13.84 -3.33
C PHE B 24 7.97 -13.74 -4.76
N GLN B 25 9.29 -13.72 -4.91
CA GLN B 25 9.90 -13.62 -6.23
C GLN B 25 9.55 -14.83 -7.09
N GLY B 26 9.23 -15.95 -6.43
CA GLY B 26 8.87 -17.16 -7.14
C GLY B 26 7.37 -17.30 -7.31
N GLN B 27 6.61 -16.57 -6.50
CA GLN B 27 5.15 -16.62 -6.56
C GLN B 27 4.59 -15.31 -7.12
N PRO B 28 4.40 -15.23 -8.45
CA PRO B 28 3.86 -14.04 -9.10
C PRO B 28 2.36 -13.88 -8.90
N ASP B 29 1.72 -14.94 -8.42
CA ASP B 29 0.28 -14.93 -8.19
C ASP B 29 -0.07 -14.04 -7.00
N ILE B 30 0.52 -14.33 -5.85
CA ILE B 30 0.26 -13.56 -4.64
C ILE B 30 0.70 -12.11 -4.81
N TYR B 31 1.84 -11.91 -5.45
CA TYR B 31 2.37 -10.57 -5.68
C TYR B 31 1.43 -9.77 -6.57
N LYS B 32 1.01 -10.37 -7.67
CA LYS B 32 0.10 -9.72 -8.61
C LYS B 32 -1.22 -9.36 -7.92
N ALA B 33 -1.67 -10.26 -7.04
CA ALA B 33 -2.92 -10.04 -6.32
C ALA B 33 -2.84 -8.78 -5.44
N PHE B 34 -1.82 -8.72 -4.59
CA PHE B 34 -1.63 -7.58 -3.70
C PHE B 34 -1.61 -6.28 -4.50
N LEU B 35 -0.87 -6.29 -5.61
CA LEU B 35 -0.76 -5.13 -6.47
C LEU B 35 -2.13 -4.72 -7.00
N GLU B 36 -2.92 -5.71 -7.41
CA GLU B 36 -4.26 -5.46 -7.93
C GLU B 36 -5.12 -4.76 -6.88
N ILE B 37 -4.95 -5.16 -5.62
CA ILE B 37 -5.71 -4.56 -4.53
C ILE B 37 -5.38 -3.08 -4.39
N LEU B 38 -4.10 -2.77 -4.20
CA LEU B 38 -3.67 -1.39 -4.05
C LEU B 38 -3.88 -0.60 -5.33
N HIS B 39 -4.03 -1.31 -6.45
CA HIS B 39 -4.25 -0.66 -7.74
C HIS B 39 -5.65 -0.08 -7.79
N THR B 40 -6.65 -0.94 -7.64
CA THR B 40 -8.03 -0.52 -7.66
C THR B 40 -8.30 0.44 -6.51
N TYR B 41 -7.56 0.25 -5.42
CA TYR B 41 -7.69 1.10 -4.24
C TYR B 41 -7.19 2.51 -4.53
N GLN B 42 -6.07 2.59 -5.25
CA GLN B 42 -5.48 3.87 -5.59
C GLN B 42 -6.36 4.62 -6.59
N LYS B 43 -7.03 3.87 -7.45
CA LYS B 43 -7.92 4.46 -8.46
C LYS B 43 -9.20 4.99 -7.81
N GLU B 44 -9.82 4.17 -6.97
CA GLU B 44 -11.05 4.59 -6.31
C GLU B 44 -10.74 5.74 -5.34
N GLN B 45 -9.51 5.76 -4.84
CA GLN B 45 -9.07 6.80 -3.92
C GLN B 45 -8.85 8.12 -4.67
N ARG B 46 -8.11 8.06 -5.78
CA ARG B 46 -7.83 9.25 -6.57
C ARG B 46 -9.12 9.91 -7.00
N ASN B 47 -10.01 9.13 -7.60
CA ASN B 47 -11.30 9.63 -8.06
C ASN B 47 -12.09 10.22 -6.90
N ALA B 48 -12.16 9.49 -5.79
CA ALA B 48 -12.88 9.95 -4.61
C ALA B 48 -12.25 11.21 -4.03
N LYS B 49 -10.98 11.41 -4.34
CA LYS B 49 -10.25 12.58 -3.86
C LYS B 49 -10.59 13.81 -4.68
N GLU B 50 -10.72 13.61 -6.00
CA GLU B 50 -11.04 14.70 -6.91
C GLU B 50 -12.53 15.07 -6.80
N ALA B 51 -13.34 14.10 -6.41
CA ALA B 51 -14.77 14.32 -6.27
C ALA B 51 -15.07 15.33 -5.17
N GLY B 52 -14.32 15.23 -4.07
CA GLY B 52 -14.52 16.14 -2.95
C GLY B 52 -15.58 15.65 -1.99
N GLY B 53 -16.62 15.03 -2.53
CA GLY B 53 -17.69 14.52 -1.68
C GLY B 53 -18.82 13.91 -2.50
N ASN B 54 -19.83 13.40 -1.80
CA ASN B 54 -20.99 12.78 -2.45
C ASN B 54 -20.57 11.61 -3.33
N TYR B 55 -19.37 11.08 -3.06
CA TYR B 55 -18.85 9.95 -3.83
C TYR B 55 -18.59 8.75 -2.93
N THR B 56 -18.98 7.57 -3.40
CA THR B 56 -18.79 6.34 -2.62
C THR B 56 -17.63 5.51 -3.21
N PRO B 57 -16.47 5.49 -2.53
CA PRO B 57 -15.31 4.72 -3.00
C PRO B 57 -15.61 3.24 -3.16
N ALA B 58 -14.61 2.49 -3.64
CA ALA B 58 -14.77 1.05 -3.86
C ALA B 58 -14.20 0.25 -2.70
N LEU B 59 -12.87 0.19 -2.61
CA LEU B 59 -12.20 -0.56 -1.54
C LEU B 59 -11.76 0.37 -0.43
N THR B 60 -12.04 -0.03 0.81
CA THR B 60 -11.66 0.77 1.97
C THR B 60 -10.46 0.15 2.68
N GLU B 61 -10.03 0.76 3.78
CA GLU B 61 -8.89 0.27 4.54
C GLU B 61 -9.15 -1.14 5.05
N GLN B 62 -10.38 -1.39 5.49
CA GLN B 62 -10.77 -2.70 6.00
C GLN B 62 -10.83 -3.73 4.88
N GLU B 63 -11.33 -3.31 3.72
CA GLU B 63 -11.45 -4.21 2.57
C GLU B 63 -10.07 -4.70 2.15
N VAL B 64 -9.13 -3.77 1.98
CA VAL B 64 -7.78 -4.13 1.59
C VAL B 64 -7.12 -5.03 2.61
N TYR B 65 -7.07 -4.58 3.86
CA TYR B 65 -6.46 -5.36 4.93
C TYR B 65 -7.08 -6.75 5.00
N ALA B 66 -8.36 -6.85 4.63
CA ALA B 66 -9.07 -8.12 4.65
C ALA B 66 -8.51 -9.09 3.61
N GLN B 67 -8.56 -8.68 2.35
CA GLN B 67 -8.05 -9.51 1.26
C GLN B 67 -6.58 -9.84 1.49
N VAL B 68 -5.84 -8.86 1.98
CA VAL B 68 -4.42 -9.04 2.25
C VAL B 68 -4.22 -10.02 3.39
N ALA B 69 -5.16 -10.02 4.34
CA ALA B 69 -5.11 -10.93 5.48
C ALA B 69 -5.23 -12.37 5.00
N ARG B 70 -6.15 -12.60 4.07
CA ARG B 70 -6.36 -13.92 3.50
C ARG B 70 -5.31 -14.21 2.44
N LEU B 71 -4.66 -13.16 1.96
CA LEU B 71 -3.63 -13.28 0.94
C LEU B 71 -2.38 -13.98 1.49
N PHE B 72 -2.01 -13.64 2.73
CA PHE B 72 -0.84 -14.23 3.36
C PHE B 72 -1.23 -15.24 4.44
N LYS B 73 -2.38 -15.01 5.06
CA LYS B 73 -2.88 -15.87 6.11
C LYS B 73 -1.86 -16.08 7.23
N ASN B 74 -1.11 -17.18 7.16
CA ASN B 74 -0.12 -17.51 8.17
C ASN B 74 0.88 -16.37 8.36
N GLN B 75 1.38 -15.83 7.26
CA GLN B 75 2.35 -14.74 7.32
C GLN B 75 1.71 -13.48 7.89
N GLU B 76 1.91 -13.25 9.18
CA GLU B 76 1.36 -12.07 9.85
C GLU B 76 2.36 -10.92 9.86
N ASP B 77 3.63 -11.25 9.63
CA ASP B 77 4.69 -10.24 9.61
C ASP B 77 4.36 -9.13 8.62
N LEU B 78 3.90 -9.52 7.43
CA LEU B 78 3.54 -8.57 6.40
C LEU B 78 2.34 -7.74 6.84
N LEU B 79 1.37 -8.40 7.46
CA LEU B 79 0.17 -7.73 7.94
C LEU B 79 0.52 -6.67 8.98
N SER B 80 1.58 -6.93 9.75
CA SER B 80 2.02 -5.98 10.76
C SER B 80 2.65 -4.76 10.10
N GLU B 81 3.61 -5.01 9.21
CA GLU B 81 4.28 -3.94 8.49
C GLU B 81 3.26 -3.11 7.73
N PHE B 82 2.21 -3.77 7.26
CA PHE B 82 1.14 -3.10 6.52
C PHE B 82 0.21 -2.40 7.49
N GLY B 83 0.13 -2.93 8.71
CA GLY B 83 -0.71 -2.32 9.72
C GLY B 83 -0.23 -0.94 10.08
N GLN B 84 1.09 -0.80 10.21
CA GLN B 84 1.68 0.49 10.54
C GLN B 84 1.58 1.44 9.35
N PHE B 85 1.44 0.87 8.15
CA PHE B 85 1.32 1.66 6.93
C PHE B 85 0.06 2.51 6.98
N LEU B 86 -0.97 2.00 7.64
CA LEU B 86 -2.24 2.70 7.76
C LEU B 86 -2.05 4.03 8.50
N PRO B 87 -2.84 5.06 8.15
CA PRO B 87 -2.76 6.37 8.79
C PRO B 87 -2.84 6.29 10.31
N ASP B 88 -1.97 7.02 11.00
CA ASP B 88 -1.96 7.02 12.45
C ASP B 88 -2.80 8.17 13.01
N ALA B 89 -3.69 7.83 13.94
CA ALA B 89 -4.56 8.83 14.55
C ALA B 89 -3.88 9.51 15.73
N ASP A 1 18.05 -4.20 -9.81
CA ASP A 1 17.27 -4.91 -10.86
C ASP A 1 15.84 -4.38 -10.93
N PHE A 2 15.15 -4.41 -9.79
CA PHE A 2 13.77 -3.92 -9.73
C PHE A 2 13.53 -3.16 -8.44
N THR A 3 12.65 -2.17 -8.50
CA THR A 3 12.33 -1.35 -7.33
C THR A 3 10.93 -0.72 -7.45
N PRO A 4 10.63 -0.01 -8.57
CA PRO A 4 9.33 0.63 -8.77
C PRO A 4 8.30 -0.30 -9.39
N MET A 5 7.13 -0.38 -8.76
CA MET A 5 6.05 -1.22 -9.26
C MET A 5 5.67 -0.82 -10.69
N ASP A 6 5.08 0.35 -10.83
CA ASP A 6 4.66 0.87 -12.13
C ASP A 6 4.13 2.29 -11.98
N SER A 7 4.67 3.03 -11.01
CA SER A 7 4.24 4.40 -10.75
C SER A 7 2.78 4.43 -10.33
N SER A 8 2.37 3.43 -9.54
CA SER A 8 1.00 3.35 -9.07
C SER A 8 0.94 2.88 -7.61
N ALA A 9 1.41 1.66 -7.37
CA ALA A 9 1.41 1.10 -6.01
C ALA A 9 2.17 1.98 -5.03
N VAL A 10 3.33 2.46 -5.46
CA VAL A 10 4.16 3.31 -4.62
C VAL A 10 3.37 4.52 -4.13
N TYR A 11 2.48 5.02 -4.98
CA TYR A 11 1.65 6.17 -4.63
C TYR A 11 0.62 5.78 -3.59
N VAL A 12 0.28 4.49 -3.54
CA VAL A 12 -0.70 3.98 -2.59
C VAL A 12 -0.09 3.95 -1.19
N LEU A 13 1.03 3.23 -1.06
CA LEU A 13 1.71 3.12 0.22
C LEU A 13 2.12 4.50 0.74
N SER A 14 2.53 5.37 -0.18
CA SER A 14 2.94 6.71 0.17
C SER A 14 1.78 7.50 0.76
N SER A 15 0.69 7.58 0.00
CA SER A 15 -0.49 8.32 0.43
C SER A 15 -0.97 7.83 1.79
N MET A 16 -0.82 6.53 2.04
CA MET A 16 -1.24 5.94 3.31
C MET A 16 -0.40 6.45 4.48
N ALA A 17 0.91 6.37 4.34
CA ALA A 17 1.83 6.81 5.40
C ALA A 17 2.06 8.31 5.38
N ARG A 18 1.55 8.99 4.37
CA ARG A 18 1.71 10.44 4.25
C ARG A 18 0.50 11.18 4.84
N GLN A 19 -0.69 10.67 4.55
CA GLN A 19 -1.93 11.27 5.04
C GLN A 19 -2.24 10.81 6.46
N ARG A 20 -1.20 10.61 7.26
CA ARG A 20 -1.37 10.16 8.64
C ARG A 20 -1.78 11.32 9.54
N ARG A 21 -1.99 12.48 8.95
CA ARG A 21 -2.39 13.67 9.70
C ARG A 21 -3.89 13.90 9.62
N ALA A 22 -4.50 13.40 8.55
CA ALA A 22 -5.94 13.55 8.35
C ALA A 22 -6.73 12.78 9.41
N SER A 23 -7.87 13.33 9.81
CA SER A 23 -8.72 12.70 10.82
C SER A 23 -7.95 12.47 12.12
N SER B 1 17.53 0.86 9.83
CA SER B 1 16.15 0.45 10.20
C SER B 1 15.65 1.23 11.41
N LEU B 2 16.43 2.24 11.82
CA LEU B 2 16.07 3.06 12.96
C LEU B 2 16.27 4.54 12.66
N GLN B 3 16.51 4.85 11.39
CA GLN B 3 16.71 6.22 10.96
C GLN B 3 15.37 6.92 10.73
N ASN B 4 15.38 8.25 10.81
CA ASN B 4 14.17 9.03 10.62
C ASN B 4 14.45 10.29 9.79
N ASN B 5 15.70 10.47 9.40
CA ASN B 5 16.09 11.63 8.61
C ASN B 5 15.45 11.57 7.23
N GLN B 6 15.58 10.43 6.56
CA GLN B 6 15.01 10.24 5.24
C GLN B 6 13.50 9.99 5.33
N PRO B 7 12.76 10.21 4.21
CA PRO B 7 11.32 10.01 4.18
C PRO B 7 10.90 8.67 4.81
N VAL B 8 9.65 8.60 5.27
CA VAL B 8 9.14 7.39 5.89
C VAL B 8 8.49 6.45 4.87
N GLU B 9 7.47 6.95 4.17
CA GLU B 9 6.76 6.16 3.18
C GLU B 9 7.66 5.72 2.04
N PHE B 10 8.68 6.52 1.74
CA PHE B 10 9.61 6.19 0.66
C PHE B 10 10.37 4.91 0.96
N ASN B 11 11.28 4.95 1.92
CA ASN B 11 12.08 3.80 2.29
C ASN B 11 11.20 2.59 2.61
N HIS B 12 10.12 2.82 3.36
CA HIS B 12 9.22 1.74 3.75
C HIS B 12 8.56 1.07 2.53
N ALA B 13 7.70 1.81 1.84
CA ALA B 13 6.98 1.29 0.67
C ALA B 13 7.92 0.62 -0.33
N ILE B 14 8.97 1.34 -0.74
CA ILE B 14 9.92 0.80 -1.70
C ILE B 14 10.50 -0.54 -1.23
N ASN B 15 11.14 -0.53 -0.07
CA ASN B 15 11.74 -1.74 0.49
C ASN B 15 10.68 -2.82 0.74
N TYR B 16 9.42 -2.40 0.82
CA TYR B 16 8.32 -3.33 1.08
C TYR B 16 7.99 -4.14 -0.17
N VAL B 17 7.67 -3.46 -1.27
CA VAL B 17 7.33 -4.14 -2.51
C VAL B 17 8.52 -4.94 -3.03
N ASN B 18 9.72 -4.42 -2.79
CA ASN B 18 10.94 -5.09 -3.22
C ASN B 18 11.18 -6.35 -2.41
N LYS B 19 10.97 -6.26 -1.10
CA LYS B 19 11.16 -7.39 -0.20
C LYS B 19 10.24 -8.54 -0.59
N ILE B 20 8.96 -8.24 -0.76
CA ILE B 20 7.97 -9.26 -1.12
C ILE B 20 8.25 -9.85 -2.50
N LYS B 21 8.65 -9.01 -3.45
CA LYS B 21 8.95 -9.48 -4.79
C LYS B 21 10.15 -10.42 -4.81
N ASN B 22 11.16 -10.10 -4.01
CA ASN B 22 12.38 -10.91 -3.95
C ASN B 22 12.10 -12.26 -3.28
N ARG B 23 11.47 -12.22 -2.11
CA ARG B 23 11.16 -13.44 -1.37
C ARG B 23 10.24 -14.34 -2.18
N PHE B 24 9.08 -13.82 -2.54
CA PHE B 24 8.10 -14.59 -3.32
C PHE B 24 8.37 -14.43 -4.81
N GLN B 25 9.63 -14.46 -5.19
CA GLN B 25 10.03 -14.32 -6.59
C GLN B 25 9.42 -15.43 -7.43
N GLY B 26 9.27 -16.61 -6.85
CA GLY B 26 8.70 -17.74 -7.56
C GLY B 26 7.18 -17.67 -7.60
N GLN B 27 6.60 -16.82 -6.76
CA GLN B 27 5.16 -16.66 -6.69
C GLN B 27 4.75 -15.24 -7.07
N PRO B 28 4.62 -14.94 -8.38
CA PRO B 28 4.24 -13.62 -8.86
C PRO B 28 2.74 -13.37 -8.72
N ASP B 29 2.00 -14.43 -8.41
CA ASP B 29 0.56 -14.32 -8.27
C ASP B 29 0.18 -13.54 -7.01
N ILE B 30 0.73 -13.95 -5.87
CA ILE B 30 0.46 -13.28 -4.60
C ILE B 30 0.95 -11.84 -4.61
N TYR B 31 2.18 -11.65 -5.09
CA TYR B 31 2.78 -10.32 -5.15
C TYR B 31 1.94 -9.38 -6.00
N LYS B 32 1.72 -9.74 -7.26
CA LYS B 32 0.93 -8.93 -8.17
C LYS B 32 -0.47 -8.68 -7.62
N ALA B 33 -1.07 -9.70 -7.03
CA ALA B 33 -2.41 -9.58 -6.45
C ALA B 33 -2.46 -8.48 -5.40
N PHE B 34 -1.49 -8.49 -4.50
CA PHE B 34 -1.42 -7.49 -3.44
C PHE B 34 -1.32 -6.09 -4.03
N LEU B 35 -0.34 -5.89 -4.91
CA LEU B 35 -0.14 -4.59 -5.54
C LEU B 35 -1.36 -4.18 -6.34
N GLU B 36 -2.12 -5.17 -6.81
CA GLU B 36 -3.33 -4.89 -7.58
C GLU B 36 -4.41 -4.30 -6.68
N ILE B 37 -4.55 -4.86 -5.48
CA ILE B 37 -5.52 -4.38 -4.52
C ILE B 37 -5.23 -2.93 -4.16
N LEU B 38 -3.97 -2.66 -3.85
CA LEU B 38 -3.54 -1.31 -3.49
C LEU B 38 -3.70 -0.37 -4.68
N HIS B 39 -3.49 -0.91 -5.88
CA HIS B 39 -3.63 -0.12 -7.11
C HIS B 39 -5.06 0.40 -7.23
N THR B 40 -6.02 -0.51 -7.16
CA THR B 40 -7.42 -0.15 -7.24
C THR B 40 -7.80 0.77 -6.09
N TYR B 41 -7.12 0.61 -4.97
CA TYR B 41 -7.39 1.44 -3.79
C TYR B 41 -7.12 2.91 -4.08
N GLN B 42 -5.94 3.22 -4.59
CA GLN B 42 -5.58 4.60 -4.91
C GLN B 42 -6.43 5.13 -6.05
N LYS B 43 -6.74 4.26 -7.01
CA LYS B 43 -7.55 4.65 -8.16
C LYS B 43 -8.91 5.19 -7.71
N GLU B 44 -9.64 4.37 -6.96
CA GLU B 44 -10.96 4.75 -6.47
C GLU B 44 -10.86 5.95 -5.52
N GLN B 45 -9.80 5.98 -4.72
CA GLN B 45 -9.60 7.06 -3.76
C GLN B 45 -9.48 8.41 -4.48
N ARG B 46 -8.69 8.44 -5.54
CA ARG B 46 -8.51 9.67 -6.32
C ARG B 46 -9.82 10.10 -6.97
N ASN B 47 -10.46 9.17 -7.67
CA ASN B 47 -11.73 9.44 -8.33
C ASN B 47 -12.76 9.95 -7.34
N ALA B 48 -12.68 9.44 -6.11
CA ALA B 48 -13.61 9.84 -5.05
C ALA B 48 -13.31 11.26 -4.58
N LYS B 49 -12.03 11.60 -4.52
CA LYS B 49 -11.60 12.93 -4.08
C LYS B 49 -11.93 13.97 -5.14
N GLU B 50 -11.96 13.53 -6.40
CA GLU B 50 -12.27 14.41 -7.51
C GLU B 50 -13.77 14.67 -7.59
N ALA B 51 -14.56 13.62 -7.39
CA ALA B 51 -16.01 13.74 -7.44
C ALA B 51 -16.53 14.72 -6.39
N GLY B 52 -15.84 14.78 -5.25
CA GLY B 52 -16.25 15.68 -4.19
C GLY B 52 -17.55 15.26 -3.54
N GLY B 53 -17.77 13.95 -3.46
CA GLY B 53 -18.98 13.43 -2.87
C GLY B 53 -19.89 12.74 -3.87
N ASN B 54 -20.99 12.18 -3.39
CA ASN B 54 -21.95 11.49 -4.25
C ASN B 54 -21.29 10.34 -4.99
N TYR B 55 -20.10 9.95 -4.53
CA TYR B 55 -19.36 8.85 -5.16
C TYR B 55 -19.18 7.69 -4.19
N THR B 56 -19.22 6.48 -4.72
CA THR B 56 -19.05 5.28 -3.90
C THR B 56 -17.86 4.45 -4.37
N PRO B 57 -16.69 4.61 -3.71
CA PRO B 57 -15.48 3.86 -4.08
C PRO B 57 -15.70 2.35 -4.05
N ALA B 58 -14.83 1.62 -4.75
CA ALA B 58 -14.93 0.16 -4.80
C ALA B 58 -14.56 -0.46 -3.47
N LEU B 59 -13.27 -0.52 -3.18
CA LEU B 59 -12.79 -1.09 -1.92
C LEU B 59 -12.28 -0.03 -0.97
N THR B 60 -12.32 -0.33 0.32
CA THR B 60 -11.85 0.59 1.35
C THR B 60 -10.62 0.04 2.07
N GLU B 61 -10.19 0.73 3.13
CA GLU B 61 -9.03 0.28 3.89
C GLU B 61 -9.28 -1.11 4.44
N GLN B 62 -10.48 -1.32 4.95
CA GLN B 62 -10.86 -2.62 5.51
C GLN B 62 -10.86 -3.70 4.43
N GLU B 63 -11.31 -3.34 3.23
CA GLU B 63 -11.36 -4.31 2.13
C GLU B 63 -9.95 -4.81 1.80
N VAL B 64 -9.02 -3.88 1.64
CA VAL B 64 -7.65 -4.22 1.33
C VAL B 64 -7.05 -5.11 2.41
N TYR B 65 -6.99 -4.60 3.63
CA TYR B 65 -6.43 -5.35 4.75
C TYR B 65 -7.07 -6.73 4.86
N ALA B 66 -8.35 -6.82 4.51
CA ALA B 66 -9.07 -8.09 4.57
C ALA B 66 -8.50 -9.10 3.57
N GLN B 67 -8.57 -8.74 2.29
CA GLN B 67 -8.05 -9.61 1.24
C GLN B 67 -6.57 -9.92 1.47
N VAL B 68 -5.85 -8.93 1.97
CA VAL B 68 -4.43 -9.09 2.25
C VAL B 68 -4.25 -10.01 3.46
N ALA B 69 -5.20 -9.96 4.38
CA ALA B 69 -5.16 -10.80 5.57
C ALA B 69 -5.27 -12.26 5.17
N ARG B 70 -6.13 -12.52 4.19
CA ARG B 70 -6.33 -13.88 3.70
C ARG B 70 -5.22 -14.24 2.72
N LEU B 71 -4.59 -13.23 2.13
CA LEU B 71 -3.51 -13.43 1.18
C LEU B 71 -2.38 -14.21 1.84
N PHE B 72 -2.31 -14.12 3.17
CA PHE B 72 -1.29 -14.82 3.94
C PHE B 72 -1.92 -15.61 5.08
N LYS B 73 -1.09 -16.30 5.87
CA LYS B 73 -1.59 -17.09 6.98
C LYS B 73 -0.70 -16.94 8.22
N ASN B 74 0.41 -17.67 8.23
CA ASN B 74 1.36 -17.62 9.35
C ASN B 74 2.25 -16.39 9.24
N GLN B 75 1.95 -15.52 8.29
CA GLN B 75 2.72 -14.31 8.07
C GLN B 75 2.01 -13.09 8.62
N GLU B 76 2.30 -12.75 9.87
CA GLU B 76 1.69 -11.59 10.50
C GLU B 76 2.59 -10.36 10.37
N ASP B 77 3.87 -10.60 10.12
CA ASP B 77 4.83 -9.52 9.96
C ASP B 77 4.42 -8.60 8.82
N LEU B 78 4.04 -9.19 7.70
CA LEU B 78 3.62 -8.43 6.53
C LEU B 78 2.37 -7.60 6.85
N LEU B 79 1.36 -8.28 7.38
CA LEU B 79 0.10 -7.62 7.73
C LEU B 79 0.33 -6.45 8.68
N SER B 80 1.28 -6.61 9.60
CA SER B 80 1.59 -5.55 10.56
C SER B 80 2.26 -4.38 9.86
N GLU B 81 3.32 -4.66 9.12
CA GLU B 81 4.05 -3.62 8.39
C GLU B 81 3.09 -2.82 7.53
N PHE B 82 2.10 -3.50 6.96
CA PHE B 82 1.11 -2.87 6.13
C PHE B 82 0.19 -1.97 6.96
N GLY B 83 -0.18 -2.48 8.14
CA GLY B 83 -1.04 -1.72 9.03
C GLY B 83 -0.42 -0.42 9.44
N GLN B 84 0.90 -0.40 9.56
CA GLN B 84 1.63 0.81 9.94
C GLN B 84 1.38 1.92 8.93
N PHE B 85 1.14 1.55 7.68
CA PHE B 85 0.89 2.52 6.63
C PHE B 85 -0.46 3.18 6.82
N LEU B 86 -1.43 2.43 7.33
CA LEU B 86 -2.77 2.95 7.58
C LEU B 86 -2.71 4.24 8.39
N PRO B 87 -3.10 5.39 7.78
CA PRO B 87 -3.07 6.68 8.46
C PRO B 87 -3.90 6.68 9.74
N ASP B 88 -3.23 6.86 10.87
CA ASP B 88 -3.91 6.89 12.17
C ASP B 88 -3.37 8.01 13.05
N ALA B 89 -4.27 8.72 13.71
CA ALA B 89 -3.88 9.82 14.58
C ALA B 89 -4.91 10.05 15.68
N ASP A 1 9.96 -5.56 -16.08
CA ASP A 1 9.80 -6.46 -14.91
C ASP A 1 9.35 -5.67 -13.69
N PHE A 2 10.17 -4.70 -13.28
CA PHE A 2 9.86 -3.86 -12.13
C PHE A 2 9.88 -2.39 -12.50
N THR A 3 8.69 -1.83 -12.69
CA THR A 3 8.56 -0.42 -13.05
C THR A 3 7.17 0.14 -12.69
N PRO A 4 6.07 -0.56 -13.06
CA PRO A 4 4.71 -0.09 -12.74
C PRO A 4 4.49 0.05 -11.24
N MET A 5 4.83 -1.00 -10.50
CA MET A 5 4.66 -1.00 -9.05
C MET A 5 5.69 -0.11 -8.37
N ASP A 6 6.55 0.52 -9.17
CA ASP A 6 7.57 1.41 -8.63
C ASP A 6 7.03 2.84 -8.51
N SER A 7 5.83 3.05 -8.99
CA SER A 7 5.19 4.36 -8.93
C SER A 7 3.68 4.23 -8.73
N SER A 8 3.19 3.00 -8.75
CA SER A 8 1.76 2.75 -8.58
C SER A 8 1.44 2.48 -7.11
N ALA A 9 1.93 1.34 -6.61
CA ALA A 9 1.69 0.98 -5.21
C ALA A 9 2.34 1.97 -4.26
N VAL A 10 3.35 2.68 -4.76
CA VAL A 10 4.06 3.67 -3.96
C VAL A 10 3.15 4.86 -3.64
N TYR A 11 2.11 5.03 -4.45
CA TYR A 11 1.16 6.11 -4.26
C TYR A 11 0.26 5.87 -3.05
N VAL A 12 -0.31 4.66 -2.99
CA VAL A 12 -1.19 4.29 -1.88
C VAL A 12 -0.42 4.13 -0.58
N LEU A 13 0.80 3.60 -0.68
CA LEU A 13 1.64 3.39 0.50
C LEU A 13 2.11 4.73 1.07
N SER A 14 2.60 5.61 0.20
CA SER A 14 3.09 6.92 0.62
C SER A 14 1.96 7.77 1.19
N SER A 15 0.78 7.67 0.58
CA SER A 15 -0.38 8.45 1.03
C SER A 15 -0.91 7.92 2.36
N MET A 16 -1.36 6.67 2.36
CA MET A 16 -1.90 6.05 3.56
C MET A 16 -0.98 6.23 4.77
N ALA A 17 0.32 6.08 4.55
CA ALA A 17 1.30 6.22 5.63
C ALA A 17 1.48 7.69 6.06
N ARG A 18 1.53 8.59 5.08
CA ARG A 18 1.70 10.01 5.37
C ARG A 18 0.46 10.60 6.02
N GLN A 19 -0.69 9.97 5.79
CA GLN A 19 -1.96 10.44 6.35
C GLN A 19 -2.20 9.83 7.73
N ARG A 20 -1.17 9.23 8.30
CA ARG A 20 -1.28 8.61 9.62
C ARG A 20 -1.41 9.67 10.71
N ARG A 21 -0.35 10.45 10.89
CA ARG A 21 -0.34 11.50 11.91
C ARG A 21 0.62 12.62 11.54
N ALA A 22 1.91 12.38 11.76
CA ALA A 22 2.94 13.36 11.46
C ALA A 22 4.25 12.69 11.08
N SER A 23 4.45 11.48 11.61
CA SER A 23 5.67 10.71 11.33
C SER A 23 6.92 11.49 11.75
N SER B 1 28.17 19.86 6.63
CA SER B 1 27.31 18.66 6.73
C SER B 1 27.46 17.78 5.48
N LEU B 2 27.15 16.50 5.64
CA LEU B 2 27.25 15.55 4.54
C LEU B 2 25.99 14.70 4.44
N GLN B 3 25.24 14.63 5.53
CA GLN B 3 24.00 13.85 5.56
C GLN B 3 22.89 14.56 4.80
N ASN B 4 21.88 13.80 4.39
CA ASN B 4 20.75 14.37 3.65
C ASN B 4 19.42 13.95 4.28
N ASN B 5 18.33 14.47 3.74
CA ASN B 5 17.00 14.17 4.26
C ASN B 5 16.27 13.18 3.35
N GLN B 6 15.86 12.06 3.93
CA GLN B 6 15.15 11.03 3.17
C GLN B 6 13.73 10.82 3.71
N PRO B 7 12.70 11.23 2.95
CA PRO B 7 11.30 11.08 3.39
C PRO B 7 10.97 9.65 3.78
N VAL B 8 9.91 9.48 4.56
CA VAL B 8 9.49 8.16 5.00
C VAL B 8 8.46 7.55 4.05
N GLU B 9 7.77 8.41 3.32
CA GLU B 9 6.75 7.98 2.37
C GLU B 9 7.33 7.03 1.32
N PHE B 10 8.01 7.61 0.33
CA PHE B 10 8.60 6.83 -0.75
C PHE B 10 9.61 5.81 -0.23
N ASN B 11 10.28 6.14 0.86
CA ASN B 11 11.27 5.24 1.43
C ASN B 11 10.65 3.92 1.89
N HIS B 12 9.88 3.98 2.98
CA HIS B 12 9.23 2.79 3.53
C HIS B 12 8.41 2.06 2.47
N ALA B 13 7.70 2.82 1.65
CA ALA B 13 6.86 2.24 0.60
C ALA B 13 7.69 1.41 -0.39
N ILE B 14 8.71 2.03 -0.97
CA ILE B 14 9.57 1.35 -1.94
C ILE B 14 10.19 0.10 -1.34
N ASN B 15 10.83 0.25 -0.19
CA ASN B 15 11.48 -0.88 0.48
C ASN B 15 10.49 -2.02 0.73
N TYR B 16 9.24 -1.67 0.99
CA TYR B 16 8.21 -2.67 1.24
C TYR B 16 7.91 -3.48 -0.01
N VAL B 17 7.55 -2.78 -1.09
CA VAL B 17 7.24 -3.43 -2.37
C VAL B 17 8.40 -4.31 -2.84
N ASN B 18 9.60 -3.73 -2.83
CA ASN B 18 10.80 -4.45 -3.26
C ASN B 18 11.06 -5.66 -2.36
N LYS B 19 10.81 -5.48 -1.06
CA LYS B 19 11.02 -6.55 -0.09
C LYS B 19 10.23 -7.79 -0.49
N ILE B 20 8.90 -7.64 -0.56
CA ILE B 20 8.03 -8.75 -0.92
C ILE B 20 8.32 -9.24 -2.34
N LYS B 21 8.81 -8.34 -3.19
CA LYS B 21 9.12 -8.68 -4.58
C LYS B 21 10.29 -9.65 -4.64
N ASN B 22 11.23 -9.52 -3.72
CA ASN B 22 12.41 -10.38 -3.68
C ASN B 22 12.14 -11.65 -2.87
N ARG B 23 11.62 -11.48 -1.66
CA ARG B 23 11.31 -12.61 -0.78
C ARG B 23 10.35 -13.58 -1.45
N PHE B 24 9.18 -13.08 -1.85
CA PHE B 24 8.17 -13.90 -2.49
C PHE B 24 8.38 -13.93 -4.01
N GLN B 25 9.64 -14.00 -4.42
CA GLN B 25 9.98 -14.03 -5.84
C GLN B 25 9.47 -15.32 -6.48
N GLY B 26 9.17 -16.31 -5.65
CA GLY B 26 8.68 -17.57 -6.15
C GLY B 26 7.16 -17.63 -6.22
N GLN B 27 6.52 -16.62 -5.64
CA GLN B 27 5.06 -16.55 -5.65
C GLN B 27 4.57 -15.39 -6.51
N PRO B 28 4.38 -15.62 -7.82
CA PRO B 28 3.91 -14.58 -8.74
C PRO B 28 2.41 -14.33 -8.62
N ASP B 29 1.66 -15.38 -8.33
CA ASP B 29 0.21 -15.27 -8.19
C ASP B 29 -0.17 -14.40 -7.00
N ILE B 30 0.33 -14.78 -5.82
CA ILE B 30 0.04 -14.03 -4.60
C ILE B 30 0.51 -12.58 -4.70
N TYR B 31 1.78 -12.40 -5.05
CA TYR B 31 2.35 -11.05 -5.18
C TYR B 31 1.51 -10.20 -6.13
N LYS B 32 1.16 -10.76 -7.28
CA LYS B 32 0.37 -10.06 -8.28
C LYS B 32 -0.98 -9.65 -7.70
N ALA B 33 -1.59 -10.54 -6.93
CA ALA B 33 -2.89 -10.29 -6.32
C ALA B 33 -2.84 -9.05 -5.42
N PHE B 34 -1.88 -9.05 -4.50
CA PHE B 34 -1.72 -7.94 -3.57
C PHE B 34 -1.57 -6.62 -4.32
N LEU B 35 -0.64 -6.60 -5.27
CA LEU B 35 -0.38 -5.41 -6.07
C LEU B 35 -1.65 -4.93 -6.76
N GLU B 36 -2.46 -5.87 -7.23
CA GLU B 36 -3.71 -5.54 -7.90
C GLU B 36 -4.67 -4.84 -6.95
N ILE B 37 -4.70 -5.31 -5.70
CA ILE B 37 -5.57 -4.71 -4.69
C ILE B 37 -5.20 -3.26 -4.46
N LEU B 38 -3.90 -3.00 -4.32
CA LEU B 38 -3.40 -1.65 -4.12
C LEU B 38 -3.69 -0.76 -5.32
N HIS B 39 -3.64 -1.35 -6.51
CA HIS B 39 -3.91 -0.61 -7.74
C HIS B 39 -5.35 -0.10 -7.74
N THR B 40 -6.28 -0.98 -7.43
CA THR B 40 -7.69 -0.62 -7.37
C THR B 40 -7.93 0.41 -6.28
N TYR B 41 -7.24 0.23 -5.16
CA TYR B 41 -7.36 1.15 -4.03
C TYR B 41 -6.88 2.53 -4.44
N GLN B 42 -5.90 2.56 -5.33
CA GLN B 42 -5.34 3.83 -5.82
C GLN B 42 -6.34 4.54 -6.72
N LYS B 43 -6.96 3.79 -7.62
CA LYS B 43 -7.93 4.35 -8.55
C LYS B 43 -9.12 4.95 -7.79
N GLU B 44 -9.56 4.26 -6.74
CA GLU B 44 -10.68 4.72 -5.94
C GLU B 44 -10.35 5.99 -5.17
N GLN B 45 -9.21 5.99 -4.49
CA GLN B 45 -8.78 7.14 -3.72
C GLN B 45 -8.58 8.37 -4.62
N ARG B 46 -7.88 8.18 -5.73
CA ARG B 46 -7.63 9.25 -6.68
C ARG B 46 -8.93 9.86 -7.20
N ASN B 47 -9.81 9.00 -7.69
CA ASN B 47 -11.09 9.46 -8.22
C ASN B 47 -11.91 10.18 -7.15
N ALA B 48 -11.84 9.68 -5.92
CA ALA B 48 -12.56 10.29 -4.82
C ALA B 48 -12.05 11.70 -4.52
N LYS B 49 -10.74 11.89 -4.67
CA LYS B 49 -10.12 13.17 -4.42
C LYS B 49 -10.48 14.18 -5.52
N GLU B 50 -10.54 13.70 -6.76
CA GLU B 50 -10.87 14.55 -7.89
C GLU B 50 -12.36 14.90 -7.89
N ALA B 51 -13.18 14.02 -7.33
CA ALA B 51 -14.61 14.24 -7.27
C ALA B 51 -14.97 15.28 -6.22
N GLY B 52 -14.07 15.47 -5.27
CA GLY B 52 -14.31 16.45 -4.21
C GLY B 52 -15.55 16.14 -3.40
N GLY B 53 -15.55 14.99 -2.75
CA GLY B 53 -16.69 14.59 -1.95
C GLY B 53 -17.87 14.16 -2.79
N ASN B 54 -19.00 13.87 -2.14
CA ASN B 54 -20.21 13.45 -2.83
C ASN B 54 -19.98 12.15 -3.60
N TYR B 55 -18.85 11.50 -3.33
CA TYR B 55 -18.52 10.25 -4.00
C TYR B 55 -18.22 9.15 -2.98
N THR B 56 -18.63 7.93 -3.31
CA THR B 56 -18.42 6.79 -2.42
C THR B 56 -17.48 5.75 -3.05
N PRO B 57 -16.22 5.68 -2.59
CA PRO B 57 -15.24 4.72 -3.12
C PRO B 57 -15.69 3.27 -2.96
N ALA B 58 -14.86 2.34 -3.41
CA ALA B 58 -15.18 0.92 -3.31
C ALA B 58 -14.35 0.24 -2.22
N LEU B 59 -13.06 0.08 -2.46
CA LEU B 59 -12.17 -0.55 -1.50
C LEU B 59 -11.67 0.45 -0.46
N THR B 60 -11.86 0.11 0.81
CA THR B 60 -11.42 0.96 1.90
C THR B 60 -10.27 0.30 2.66
N GLU B 61 -9.84 0.94 3.75
CA GLU B 61 -8.74 0.41 4.55
C GLU B 61 -9.03 -1.03 4.98
N GLN B 62 -10.25 -1.28 5.42
CA GLN B 62 -10.66 -2.61 5.85
C GLN B 62 -10.74 -3.57 4.68
N GLU B 63 -11.15 -3.07 3.51
CA GLU B 63 -11.27 -3.91 2.33
C GLU B 63 -9.92 -4.51 1.95
N VAL B 64 -8.92 -3.65 1.77
CA VAL B 64 -7.58 -4.11 1.42
C VAL B 64 -7.01 -5.01 2.51
N TYR B 65 -6.99 -4.52 3.74
CA TYR B 65 -6.46 -5.29 4.86
C TYR B 65 -7.10 -6.67 4.92
N ALA B 66 -8.38 -6.74 4.55
CA ALA B 66 -9.11 -8.00 4.57
C ALA B 66 -8.57 -8.98 3.53
N GLN B 67 -8.62 -8.58 2.26
CA GLN B 67 -8.14 -9.42 1.17
C GLN B 67 -6.68 -9.82 1.40
N VAL B 68 -5.87 -8.87 1.86
CA VAL B 68 -4.47 -9.13 2.13
C VAL B 68 -4.32 -10.10 3.31
N ALA B 69 -5.21 -9.98 4.28
CA ALA B 69 -5.19 -10.85 5.46
C ALA B 69 -5.39 -12.30 5.05
N ARG B 70 -6.31 -12.51 4.11
CA ARG B 70 -6.61 -13.85 3.62
C ARG B 70 -5.58 -14.27 2.57
N LEU B 71 -4.94 -13.28 1.95
CA LEU B 71 -3.93 -13.54 0.93
C LEU B 71 -2.73 -14.28 1.53
N PHE B 72 -2.56 -14.14 2.83
CA PHE B 72 -1.45 -14.80 3.53
C PHE B 72 -1.98 -15.64 4.68
N LYS B 73 -1.12 -16.52 5.21
CA LYS B 73 -1.50 -17.37 6.32
C LYS B 73 -0.48 -17.28 7.45
N ASN B 74 0.65 -17.96 7.28
CA ASN B 74 1.70 -17.94 8.28
C ASN B 74 2.61 -16.72 8.12
N GLN B 75 2.21 -15.82 7.23
CA GLN B 75 2.98 -14.61 6.98
C GLN B 75 2.24 -13.37 7.47
N GLU B 76 1.89 -13.36 8.75
CA GLU B 76 1.18 -12.24 9.34
C GLU B 76 2.09 -11.02 9.42
N ASP B 77 3.40 -11.26 9.43
CA ASP B 77 4.38 -10.19 9.50
C ASP B 77 4.13 -9.14 8.42
N LEU B 78 3.62 -9.59 7.28
CA LEU B 78 3.33 -8.69 6.17
C LEU B 78 2.09 -7.86 6.47
N LEU B 79 1.12 -8.48 7.15
CA LEU B 79 -0.11 -7.79 7.50
C LEU B 79 0.16 -6.66 8.47
N SER B 80 1.09 -6.89 9.40
CA SER B 80 1.46 -5.89 10.40
C SER B 80 2.24 -4.75 9.74
N GLU B 81 3.31 -5.11 9.05
CA GLU B 81 4.14 -4.11 8.36
C GLU B 81 3.27 -3.24 7.46
N PHE B 82 2.31 -3.86 6.79
CA PHE B 82 1.40 -3.15 5.92
C PHE B 82 0.48 -2.26 6.73
N GLY B 83 0.08 -2.76 7.90
CA GLY B 83 -0.78 -2.00 8.79
C GLY B 83 -0.13 -0.70 9.23
N GLN B 84 1.20 -0.73 9.34
CA GLN B 84 1.96 0.45 9.74
C GLN B 84 1.69 1.60 8.77
N PHE B 85 1.47 1.26 7.51
CA PHE B 85 1.18 2.26 6.49
C PHE B 85 -0.24 2.78 6.63
N LEU B 86 -1.13 1.92 7.12
CA LEU B 86 -2.52 2.29 7.31
C LEU B 86 -2.64 3.48 8.27
N PRO B 87 -3.36 4.55 7.87
CA PRO B 87 -3.53 5.74 8.71
C PRO B 87 -4.04 5.39 10.10
N ASP B 88 -3.88 6.33 11.03
CA ASP B 88 -4.33 6.12 12.41
C ASP B 88 -4.91 7.40 13.00
N ALA B 89 -5.80 7.25 13.98
CA ALA B 89 -6.43 8.40 14.63
C ALA B 89 -7.17 9.27 13.62
N ASP A 1 15.54 -5.51 -11.64
CA ASP A 1 16.11 -5.81 -10.30
C ASP A 1 15.46 -4.93 -9.24
N PHE A 2 14.60 -4.02 -9.67
CA PHE A 2 13.91 -3.12 -8.75
C PHE A 2 12.63 -2.58 -9.40
N THR A 3 12.35 -1.29 -9.14
CA THR A 3 11.16 -0.64 -9.69
C THR A 3 9.87 -1.23 -9.10
N PRO A 4 8.98 -0.37 -8.57
CA PRO A 4 7.71 -0.83 -7.98
C PRO A 4 6.74 -1.32 -9.03
N MET A 5 5.46 -1.38 -8.66
CA MET A 5 4.42 -1.83 -9.58
C MET A 5 4.40 -0.96 -10.83
N ASP A 6 3.94 0.27 -10.68
CA ASP A 6 3.86 1.22 -11.79
C ASP A 6 3.30 2.55 -11.32
N SER A 7 4.08 3.26 -10.50
CA SER A 7 3.65 4.56 -9.96
C SER A 7 2.33 4.42 -9.22
N SER A 8 2.01 3.20 -8.80
CA SER A 8 0.77 2.92 -8.08
C SER A 8 1.05 2.54 -6.63
N ALA A 9 1.78 1.45 -6.43
CA ALA A 9 2.10 0.96 -5.09
C ALA A 9 2.77 2.05 -4.25
N VAL A 10 3.71 2.77 -4.85
CA VAL A 10 4.42 3.83 -4.15
C VAL A 10 3.51 4.97 -3.75
N TYR A 11 2.55 5.29 -4.62
CA TYR A 11 1.62 6.37 -4.37
C TYR A 11 0.65 6.03 -3.24
N VAL A 12 -0.01 4.87 -3.35
CA VAL A 12 -0.96 4.44 -2.34
C VAL A 12 -0.31 4.33 -0.96
N LEU A 13 0.83 3.65 -0.89
CA LEU A 13 1.54 3.49 0.38
C LEU A 13 2.02 4.84 0.92
N SER A 14 2.42 5.73 0.01
CA SER A 14 2.89 7.04 0.42
C SER A 14 1.80 7.84 1.12
N SER A 15 0.71 8.10 0.41
CA SER A 15 -0.41 8.85 0.96
C SER A 15 -1.04 8.12 2.15
N MET A 16 -0.89 6.81 2.18
CA MET A 16 -1.45 6.00 3.26
C MET A 16 -0.77 6.30 4.59
N ALA A 17 0.55 6.24 4.61
CA ALA A 17 1.31 6.48 5.82
C ALA A 17 1.64 7.96 6.02
N ARG A 18 1.38 8.78 5.00
CA ARG A 18 1.66 10.21 5.10
C ARG A 18 0.45 11.00 5.56
N GLN A 19 -0.75 10.50 5.22
CA GLN A 19 -1.98 11.17 5.61
C GLN A 19 -2.12 11.23 7.13
N ARG A 20 -2.46 10.10 7.73
CA ARG A 20 -2.62 10.00 9.18
C ARG A 20 -3.74 10.93 9.67
N ARG A 21 -4.86 10.33 10.08
CA ARG A 21 -6.00 11.08 10.58
C ARG A 21 -6.50 12.09 9.54
N ALA A 22 -7.49 11.67 8.76
CA ALA A 22 -8.05 12.53 7.72
C ALA A 22 -9.32 13.22 8.21
N SER A 23 -9.98 13.94 7.30
CA SER A 23 -11.21 14.65 7.62
C SER A 23 -12.33 13.68 7.97
N SER B 1 18.20 20.87 -3.91
CA SER B 1 19.40 21.33 -3.17
C SER B 1 19.38 20.83 -1.73
N LEU B 2 18.19 20.53 -1.23
CA LEU B 2 18.03 20.04 0.15
C LEU B 2 17.81 18.53 0.16
N GLN B 3 18.74 17.82 0.79
CA GLN B 3 18.67 16.37 0.88
C GLN B 3 19.56 15.84 2.00
N ASN B 4 19.03 15.80 3.21
CA ASN B 4 19.78 15.32 4.37
C ASN B 4 19.19 14.01 4.89
N ASN B 5 17.86 13.94 4.94
CA ASN B 5 17.17 12.76 5.42
C ASN B 5 16.00 12.41 4.50
N GLN B 6 15.90 11.14 4.11
CA GLN B 6 14.83 10.70 3.22
C GLN B 6 13.52 10.51 4.01
N PRO B 7 12.38 10.74 3.35
CA PRO B 7 11.05 10.59 3.99
C PRO B 7 10.85 9.21 4.60
N VAL B 8 9.71 9.03 5.25
CA VAL B 8 9.38 7.75 5.88
C VAL B 8 8.74 6.77 4.89
N GLU B 9 7.60 7.17 4.34
CA GLU B 9 6.88 6.33 3.38
C GLU B 9 7.75 6.03 2.16
N PHE B 10 8.82 6.81 1.99
CA PHE B 10 9.72 6.63 0.87
C PHE B 10 10.41 5.27 0.95
N ASN B 11 11.38 5.15 1.84
CA ASN B 11 12.12 3.91 2.03
C ASN B 11 11.18 2.78 2.46
N HIS B 12 10.12 3.14 3.18
CA HIS B 12 9.16 2.15 3.64
C HIS B 12 8.47 1.43 2.48
N ALA B 13 7.64 2.15 1.75
CA ALA B 13 6.91 1.58 0.61
C ALA B 13 7.86 0.94 -0.40
N ILE B 14 8.97 1.61 -0.69
CA ILE B 14 9.93 1.09 -1.66
C ILE B 14 10.48 -0.26 -1.21
N ASN B 15 11.19 -0.27 -0.08
CA ASN B 15 11.76 -1.51 0.46
C ASN B 15 10.69 -2.58 0.63
N TYR B 16 9.44 -2.14 0.77
CA TYR B 16 8.32 -3.05 0.93
C TYR B 16 8.11 -3.86 -0.35
N VAL B 17 7.91 -3.17 -1.46
CA VAL B 17 7.71 -3.82 -2.75
C VAL B 17 8.92 -4.67 -3.12
N ASN B 18 10.10 -4.23 -2.67
CA ASN B 18 11.33 -4.94 -2.95
C ASN B 18 11.38 -6.31 -2.27
N LYS B 19 11.23 -6.32 -0.95
CA LYS B 19 11.25 -7.56 -0.19
C LYS B 19 10.13 -8.51 -0.61
N ILE B 20 9.00 -7.96 -1.05
CA ILE B 20 7.87 -8.77 -1.48
C ILE B 20 8.12 -9.35 -2.87
N LYS B 21 8.85 -8.60 -3.70
CA LYS B 21 9.15 -9.03 -5.06
C LYS B 21 10.27 -10.05 -5.08
N ASN B 22 11.13 -10.01 -4.07
CA ASN B 22 12.26 -10.94 -3.98
C ASN B 22 11.87 -12.22 -3.23
N ARG B 23 11.19 -12.06 -2.10
CA ARG B 23 10.77 -13.20 -1.30
C ARG B 23 9.74 -14.06 -2.04
N PHE B 24 8.62 -13.45 -2.39
CA PHE B 24 7.55 -14.16 -3.09
C PHE B 24 7.85 -14.23 -4.59
N GLN B 25 9.12 -14.18 -4.94
CA GLN B 25 9.53 -14.25 -6.34
C GLN B 25 9.13 -15.59 -6.95
N GLY B 26 8.97 -16.59 -6.09
CA GLY B 26 8.60 -17.92 -6.57
C GLY B 26 7.15 -17.99 -7.01
N GLN B 27 6.25 -17.43 -6.20
CA GLN B 27 4.83 -17.43 -6.52
C GLN B 27 4.35 -16.04 -6.92
N PRO B 28 4.37 -15.72 -8.23
CA PRO B 28 3.93 -14.42 -8.72
C PRO B 28 2.42 -14.22 -8.61
N ASP B 29 1.72 -15.27 -8.18
CA ASP B 29 0.27 -15.22 -8.03
C ASP B 29 -0.11 -14.30 -6.88
N ILE B 30 0.41 -14.57 -5.69
CA ILE B 30 0.12 -13.77 -4.50
C ILE B 30 0.58 -12.33 -4.71
N TYR B 31 1.79 -12.17 -5.21
CA TYR B 31 2.36 -10.85 -5.45
C TYR B 31 1.47 -10.04 -6.39
N LYS B 32 1.07 -10.66 -7.50
CA LYS B 32 0.21 -10.00 -8.48
C LYS B 32 -1.08 -9.52 -7.84
N ALA B 33 -1.77 -10.41 -7.15
CA ALA B 33 -3.03 -10.08 -6.49
C ALA B 33 -2.88 -8.84 -5.62
N PHE B 34 -1.80 -8.81 -4.82
CA PHE B 34 -1.54 -7.68 -3.93
C PHE B 34 -1.47 -6.39 -4.74
N LEU B 35 -0.70 -6.42 -5.82
CA LEU B 35 -0.55 -5.26 -6.70
C LEU B 35 -1.89 -4.81 -7.24
N GLU B 36 -2.78 -5.77 -7.49
CA GLU B 36 -4.10 -5.48 -8.01
C GLU B 36 -4.94 -4.75 -6.97
N ILE B 37 -4.78 -5.14 -5.71
CA ILE B 37 -5.54 -4.51 -4.62
C ILE B 37 -5.13 -3.05 -4.46
N LEU B 38 -3.82 -2.80 -4.48
CA LEU B 38 -3.31 -1.43 -4.33
C LEU B 38 -3.65 -0.59 -5.56
N HIS B 39 -3.70 -1.22 -6.72
CA HIS B 39 -4.02 -0.52 -7.96
C HIS B 39 -5.47 -0.03 -7.94
N THR B 40 -6.39 -0.95 -7.68
CA THR B 40 -7.80 -0.62 -7.62
C THR B 40 -8.08 0.37 -6.50
N TYR B 41 -7.35 0.23 -5.40
CA TYR B 41 -7.52 1.13 -4.26
C TYR B 41 -7.11 2.55 -4.62
N GLN B 42 -6.02 2.66 -5.37
CA GLN B 42 -5.51 3.96 -5.80
C GLN B 42 -6.50 4.62 -6.76
N LYS B 43 -7.11 3.82 -7.63
CA LYS B 43 -8.07 4.33 -8.61
C LYS B 43 -9.30 4.90 -7.91
N GLU B 44 -9.88 4.12 -7.00
CA GLU B 44 -11.07 4.54 -6.27
C GLU B 44 -10.77 5.77 -5.40
N GLN B 45 -9.56 5.81 -4.86
CA GLN B 45 -9.16 6.93 -4.01
C GLN B 45 -9.11 8.22 -4.81
N ARG B 46 -8.39 8.20 -5.93
CA ARG B 46 -8.28 9.37 -6.80
C ARG B 46 -9.65 9.84 -7.26
N ASN B 47 -10.46 8.90 -7.71
CA ASN B 47 -11.81 9.21 -8.18
C ASN B 47 -12.60 9.92 -7.10
N ALA B 48 -12.53 9.39 -5.88
CA ALA B 48 -13.24 9.98 -4.75
C ALA B 48 -12.67 11.35 -4.40
N LYS B 49 -11.38 11.54 -4.72
CA LYS B 49 -10.71 12.81 -4.46
C LYS B 49 -11.21 13.90 -5.40
N GLU B 50 -11.30 13.56 -6.69
CA GLU B 50 -11.76 14.50 -7.69
C GLU B 50 -13.23 14.83 -7.51
N ALA B 51 -14.00 13.83 -7.06
CA ALA B 51 -15.43 14.02 -6.83
C ALA B 51 -15.68 14.90 -5.62
N GLY B 52 -14.68 15.02 -4.76
CA GLY B 52 -14.81 15.83 -3.56
C GLY B 52 -14.98 15.00 -2.31
N GLY B 53 -16.10 14.26 -2.24
CA GLY B 53 -16.36 13.43 -1.08
C GLY B 53 -17.73 12.77 -1.14
N ASN B 54 -18.57 13.26 -2.04
CA ASN B 54 -19.93 12.72 -2.20
C ASN B 54 -19.89 11.41 -2.98
N TYR B 55 -18.69 10.95 -3.31
CA TYR B 55 -18.51 9.71 -4.06
C TYR B 55 -18.43 8.51 -3.11
N THR B 56 -18.82 7.35 -3.61
CA THR B 56 -18.79 6.13 -2.81
C THR B 56 -17.72 5.17 -3.31
N PRO B 57 -16.51 5.21 -2.72
CA PRO B 57 -15.40 4.34 -3.12
C PRO B 57 -15.77 2.86 -3.02
N ALA B 58 -14.91 2.00 -3.56
CA ALA B 58 -15.17 0.56 -3.54
C ALA B 58 -14.32 -0.14 -2.48
N LEU B 59 -13.01 0.11 -2.50
CA LEU B 59 -12.10 -0.50 -1.55
C LEU B 59 -11.58 0.51 -0.53
N THR B 60 -11.76 0.18 0.75
CA THR B 60 -11.29 1.05 1.83
C THR B 60 -10.14 0.40 2.57
N GLU B 61 -9.67 1.05 3.63
CA GLU B 61 -8.57 0.52 4.43
C GLU B 61 -8.89 -0.90 4.89
N GLN B 62 -10.13 -1.11 5.30
CA GLN B 62 -10.59 -2.41 5.77
C GLN B 62 -10.60 -3.43 4.63
N GLU B 63 -11.03 -2.98 3.45
CA GLU B 63 -11.10 -3.85 2.28
C GLU B 63 -9.72 -4.40 1.93
N VAL B 64 -8.77 -3.50 1.75
CA VAL B 64 -7.40 -3.90 1.42
C VAL B 64 -6.82 -4.81 2.48
N TYR B 65 -6.73 -4.31 3.72
CA TYR B 65 -6.17 -5.08 4.82
C TYR B 65 -6.82 -6.46 4.91
N ALA B 66 -8.09 -6.55 4.54
CA ALA B 66 -8.82 -7.82 4.57
C ALA B 66 -8.26 -8.79 3.55
N GLN B 67 -8.32 -8.40 2.28
CA GLN B 67 -7.82 -9.25 1.19
C GLN B 67 -6.35 -9.58 1.41
N VAL B 68 -5.60 -8.63 1.96
CA VAL B 68 -4.18 -8.82 2.22
C VAL B 68 -3.99 -9.81 3.36
N ALA B 69 -4.90 -9.76 4.33
CA ALA B 69 -4.85 -10.67 5.47
C ALA B 69 -5.02 -12.11 5.01
N ARG B 70 -5.92 -12.30 4.05
CA ARG B 70 -6.17 -13.63 3.50
C ARG B 70 -5.14 -13.97 2.45
N LEU B 71 -4.52 -12.94 1.88
CA LEU B 71 -3.49 -13.12 0.85
C LEU B 71 -2.33 -13.94 1.39
N PHE B 72 -2.13 -13.86 2.71
CA PHE B 72 -1.07 -14.60 3.38
C PHE B 72 -1.65 -15.51 4.46
N LYS B 73 -0.76 -16.18 5.19
CA LYS B 73 -1.19 -17.07 6.26
C LYS B 73 -0.26 -16.98 7.46
N ASN B 74 0.92 -17.57 7.34
CA ASN B 74 1.90 -17.54 8.42
C ASN B 74 2.67 -16.24 8.41
N GLN B 75 2.59 -15.52 7.28
CA GLN B 75 3.29 -14.24 7.14
C GLN B 75 2.47 -13.11 7.74
N GLU B 76 2.59 -12.91 9.04
CA GLU B 76 1.87 -11.84 9.71
C GLU B 76 2.71 -10.58 9.79
N ASP B 77 4.01 -10.73 9.61
CA ASP B 77 4.93 -9.61 9.65
C ASP B 77 4.53 -8.54 8.64
N LEU B 78 4.10 -8.98 7.45
CA LEU B 78 3.67 -8.07 6.41
C LEU B 78 2.41 -7.33 6.82
N LEU B 79 1.46 -8.08 7.38
CA LEU B 79 0.19 -7.52 7.83
C LEU B 79 0.41 -6.39 8.84
N SER B 80 1.32 -6.61 9.78
CA SER B 80 1.61 -5.61 10.80
C SER B 80 2.32 -4.41 10.19
N GLU B 81 3.41 -4.68 9.46
CA GLU B 81 4.18 -3.62 8.82
C GLU B 81 3.30 -2.86 7.82
N PHE B 82 2.25 -3.52 7.34
CA PHE B 82 1.33 -2.90 6.40
C PHE B 82 0.29 -2.07 7.15
N GLY B 83 -0.08 -2.54 8.34
CA GLY B 83 -1.05 -1.83 9.15
C GLY B 83 -0.50 -0.51 9.65
N GLN B 84 0.79 -0.47 9.90
CA GLN B 84 1.46 0.74 10.38
C GLN B 84 1.32 1.86 9.35
N PHE B 85 1.14 1.48 8.09
CA PHE B 85 0.98 2.45 7.01
C PHE B 85 -0.38 3.14 7.10
N LEU B 86 -1.41 2.37 7.43
CA LEU B 86 -2.75 2.90 7.56
C LEU B 86 -2.75 4.14 8.45
N PRO B 87 -3.60 5.14 8.13
CA PRO B 87 -3.66 6.38 8.92
C PRO B 87 -3.77 6.12 10.42
N ASP B 88 -3.20 7.02 11.21
CA ASP B 88 -3.22 6.89 12.66
C ASP B 88 -4.65 6.81 13.18
N ALA B 89 -4.93 5.79 14.00
CA ALA B 89 -6.25 5.60 14.56
C ALA B 89 -6.20 4.78 15.84
N ASP A 1 17.25 -3.58 -10.69
CA ASP A 1 17.09 -4.94 -11.23
C ASP A 1 15.62 -5.35 -11.26
N PHE A 2 14.74 -4.39 -10.98
CA PHE A 2 13.30 -4.64 -10.98
C PHE A 2 12.52 -3.35 -11.11
N THR A 3 11.48 -3.36 -11.95
CA THR A 3 10.66 -2.18 -12.17
C THR A 3 9.18 -2.54 -12.30
N PRO A 4 8.62 -3.33 -11.36
CA PRO A 4 7.22 -3.73 -11.40
C PRO A 4 6.32 -2.71 -10.73
N MET A 5 6.32 -2.69 -9.40
CA MET A 5 5.51 -1.76 -8.63
C MET A 5 6.39 -0.84 -7.79
N ASP A 6 7.69 -0.89 -8.05
CA ASP A 6 8.65 -0.07 -7.32
C ASP A 6 8.44 1.42 -7.62
N SER A 7 7.63 1.68 -8.64
CA SER A 7 7.34 3.06 -9.04
C SER A 7 5.85 3.24 -9.31
N SER A 8 5.04 2.34 -8.75
CA SER A 8 3.59 2.39 -8.91
C SER A 8 2.88 2.25 -7.58
N ALA A 9 3.12 1.13 -6.90
CA ALA A 9 2.50 0.88 -5.60
C ALA A 9 3.06 1.80 -4.53
N VAL A 10 4.22 2.38 -4.83
CA VAL A 10 4.88 3.29 -3.89
C VAL A 10 3.98 4.48 -3.57
N TYR A 11 3.22 4.94 -4.56
CA TYR A 11 2.32 6.07 -4.37
C TYR A 11 1.22 5.72 -3.37
N VAL A 12 0.71 4.50 -3.47
CA VAL A 12 -0.34 4.04 -2.58
C VAL A 12 0.14 3.97 -1.14
N LEU A 13 1.18 3.18 -0.91
CA LEU A 13 1.74 3.02 0.43
C LEU A 13 2.20 4.35 1.01
N SER A 14 2.72 5.22 0.14
CA SER A 14 3.20 6.53 0.57
C SER A 14 2.07 7.37 1.16
N SER A 15 1.05 7.64 0.35
CA SER A 15 -0.08 8.44 0.79
C SER A 15 -0.76 7.85 2.03
N MET A 16 -0.93 6.53 2.03
CA MET A 16 -1.58 5.84 3.14
C MET A 16 -0.86 6.10 4.46
N ALA A 17 0.47 5.96 4.45
CA ALA A 17 1.26 6.18 5.66
C ALA A 17 1.59 7.65 5.89
N ARG A 18 1.46 8.45 4.84
CA ARG A 18 1.74 9.89 4.94
C ARG A 18 0.56 10.64 5.56
N GLN A 19 -0.63 10.08 5.40
CA GLN A 19 -1.84 10.68 5.94
C GLN A 19 -1.79 10.77 7.47
N ARG A 20 -2.14 9.67 8.13
CA ARG A 20 -2.14 9.61 9.59
C ARG A 20 -3.09 10.64 10.19
N ARG A 21 -2.60 11.87 10.35
CA ARG A 21 -3.41 12.95 10.92
C ARG A 21 -4.03 13.80 9.81
N ALA A 22 -4.56 14.95 10.20
CA ALA A 22 -5.18 15.87 9.25
C ALA A 22 -6.35 15.20 8.52
N SER A 23 -6.94 14.19 9.18
CA SER A 23 -8.07 13.47 8.60
C SER A 23 -9.07 13.07 9.67
N SER B 1 10.74 25.74 -7.50
CA SER B 1 10.63 24.27 -7.41
C SER B 1 11.14 23.77 -6.06
N LEU B 2 10.98 22.47 -5.82
CA LEU B 2 11.42 21.86 -4.57
C LEU B 2 12.17 20.56 -4.83
N GLN B 3 13.47 20.55 -4.51
CA GLN B 3 14.30 19.38 -4.71
C GLN B 3 14.14 18.39 -3.56
N ASN B 4 13.83 18.91 -2.37
CA ASN B 4 13.66 18.06 -1.19
C ASN B 4 12.27 18.25 -0.60
N ASN B 5 11.55 17.14 -0.45
CA ASN B 5 10.20 17.17 0.11
C ASN B 5 10.11 16.25 1.33
N GLN B 6 11.25 15.66 1.70
CA GLN B 6 11.32 14.76 2.84
C GLN B 6 10.40 13.55 2.64
N PRO B 7 10.81 12.59 1.79
CA PRO B 7 10.02 11.39 1.54
C PRO B 7 10.30 10.29 2.55
N VAL B 8 9.44 10.20 3.57
CA VAL B 8 9.60 9.19 4.61
C VAL B 8 8.81 7.92 4.28
N GLU B 9 7.50 8.07 4.14
CA GLU B 9 6.63 6.94 3.83
C GLU B 9 6.88 6.45 2.42
N PHE B 10 7.40 7.33 1.57
CA PHE B 10 7.71 6.98 0.19
C PHE B 10 8.85 5.96 0.14
N ASN B 11 9.96 6.32 0.76
CA ASN B 11 11.13 5.43 0.81
C ASN B 11 10.77 4.12 1.49
N HIS B 12 10.13 4.21 2.65
CA HIS B 12 9.73 3.03 3.40
C HIS B 12 8.88 2.11 2.52
N ALA B 13 7.97 2.71 1.76
CA ALA B 13 7.10 1.97 0.86
C ALA B 13 7.92 1.20 -0.16
N ILE B 14 8.91 1.86 -0.74
CA ILE B 14 9.79 1.24 -1.73
C ILE B 14 10.41 -0.04 -1.16
N ASN B 15 11.01 0.09 0.02
CA ASN B 15 11.65 -1.05 0.67
C ASN B 15 10.65 -2.19 0.85
N TYR B 16 9.41 -1.84 1.17
CA TYR B 16 8.36 -2.83 1.36
C TYR B 16 8.11 -3.64 0.08
N VAL B 17 7.98 -2.93 -1.05
CA VAL B 17 7.74 -3.57 -2.33
C VAL B 17 8.91 -4.47 -2.72
N ASN B 18 10.11 -4.07 -2.31
CA ASN B 18 11.33 -4.82 -2.62
C ASN B 18 11.35 -6.16 -1.89
N LYS B 19 11.21 -6.12 -0.57
CA LYS B 19 11.24 -7.34 0.24
C LYS B 19 10.13 -8.31 -0.16
N ILE B 20 8.95 -7.78 -0.52
CA ILE B 20 7.84 -8.64 -0.92
C ILE B 20 8.11 -9.27 -2.29
N LYS B 21 8.68 -8.49 -3.19
CA LYS B 21 8.99 -8.97 -4.53
C LYS B 21 9.97 -10.14 -4.49
N ASN B 22 11.04 -10.00 -3.71
CA ASN B 22 12.06 -11.03 -3.59
C ASN B 22 11.52 -12.26 -2.88
N ARG B 23 10.90 -12.06 -1.73
CA ARG B 23 10.35 -13.15 -0.94
C ARG B 23 9.35 -13.97 -1.77
N PHE B 24 8.28 -13.33 -2.21
CA PHE B 24 7.26 -13.98 -3.01
C PHE B 24 7.57 -13.93 -4.49
N GLN B 25 8.86 -14.06 -4.82
CA GLN B 25 9.29 -14.03 -6.21
C GLN B 25 8.81 -15.28 -6.97
N GLY B 26 8.64 -16.38 -6.23
CA GLY B 26 8.18 -17.60 -6.85
C GLY B 26 6.67 -17.65 -6.98
N GLN B 27 5.98 -16.75 -6.29
CA GLN B 27 4.53 -16.69 -6.34
C GLN B 27 4.07 -15.43 -7.08
N PRO B 28 3.91 -15.50 -8.41
CA PRO B 28 3.48 -14.36 -9.21
C PRO B 28 1.99 -14.06 -9.04
N ASP B 29 1.21 -15.11 -8.78
CA ASP B 29 -0.23 -14.96 -8.60
C ASP B 29 -0.54 -14.11 -7.38
N ILE B 30 0.07 -14.46 -6.24
CA ILE B 30 -0.15 -13.72 -5.00
C ILE B 30 0.41 -12.31 -5.09
N TYR B 31 1.66 -12.20 -5.53
CA TYR B 31 2.32 -10.91 -5.66
C TYR B 31 1.46 -9.95 -6.49
N LYS B 32 1.03 -10.41 -7.65
CA LYS B 32 0.19 -9.60 -8.53
C LYS B 32 -1.08 -9.16 -7.82
N ALA B 33 -1.80 -10.13 -7.27
CA ALA B 33 -3.05 -9.86 -6.56
C ALA B 33 -2.88 -8.69 -5.58
N PHE B 34 -1.84 -8.75 -4.77
CA PHE B 34 -1.55 -7.70 -3.81
C PHE B 34 -1.42 -6.35 -4.49
N LEU B 35 -0.51 -6.28 -5.47
CA LEU B 35 -0.28 -5.05 -6.21
C LEU B 35 -1.57 -4.58 -6.88
N GLU B 36 -2.46 -5.52 -7.18
CA GLU B 36 -3.73 -5.20 -7.82
C GLU B 36 -4.68 -4.56 -6.82
N ILE B 37 -4.62 -5.01 -5.57
CA ILE B 37 -5.46 -4.46 -4.52
C ILE B 37 -5.10 -3.01 -4.26
N LEU B 38 -3.80 -2.75 -4.08
CA LEU B 38 -3.32 -1.39 -3.84
C LEU B 38 -3.55 -0.52 -5.07
N HIS B 39 -3.43 -1.13 -6.25
CA HIS B 39 -3.64 -0.40 -7.50
C HIS B 39 -5.06 0.16 -7.56
N THR B 40 -6.04 -0.73 -7.43
CA THR B 40 -7.45 -0.33 -7.45
C THR B 40 -7.73 0.65 -6.33
N TYR B 41 -7.04 0.49 -5.20
CA TYR B 41 -7.22 1.36 -4.06
C TYR B 41 -6.90 2.81 -4.43
N GLN B 42 -5.73 3.02 -5.02
CA GLN B 42 -5.32 4.36 -5.42
C GLN B 42 -6.28 4.93 -6.47
N LYS B 43 -6.69 4.07 -7.40
CA LYS B 43 -7.62 4.49 -8.45
C LYS B 43 -8.90 5.06 -7.85
N GLU B 44 -9.47 4.34 -6.89
CA GLU B 44 -10.69 4.77 -6.23
C GLU B 44 -10.46 6.06 -5.45
N GLN B 45 -9.28 6.18 -4.83
CA GLN B 45 -8.94 7.36 -4.07
C GLN B 45 -8.93 8.60 -4.96
N ARG B 46 -8.38 8.44 -6.16
CA ARG B 46 -8.31 9.53 -7.12
C ARG B 46 -9.71 9.96 -7.54
N ASN B 47 -10.51 8.99 -7.97
CA ASN B 47 -11.89 9.25 -8.39
C ASN B 47 -12.67 9.90 -7.26
N ALA B 48 -12.30 9.56 -6.03
CA ALA B 48 -12.94 10.11 -4.85
C ALA B 48 -12.59 11.58 -4.68
N LYS B 49 -11.33 11.91 -4.94
CA LYS B 49 -10.86 13.29 -4.83
C LYS B 49 -11.43 14.14 -5.95
N GLU B 50 -11.71 13.52 -7.09
CA GLU B 50 -12.26 14.22 -8.23
C GLU B 50 -13.76 14.45 -8.07
N ALA B 51 -14.43 13.51 -7.42
CA ALA B 51 -15.87 13.62 -7.20
C ALA B 51 -16.23 14.87 -6.41
N GLY B 52 -15.30 15.33 -5.57
CA GLY B 52 -15.53 16.51 -4.77
C GLY B 52 -16.22 16.21 -3.45
N GLY B 53 -16.82 15.03 -3.36
CA GLY B 53 -17.49 14.63 -2.14
C GLY B 53 -18.71 13.76 -2.42
N ASN B 54 -19.36 13.30 -1.36
CA ASN B 54 -20.54 12.45 -1.47
C ASN B 54 -20.20 11.16 -2.21
N TYR B 55 -18.91 10.84 -2.28
CA TYR B 55 -18.46 9.63 -2.95
C TYR B 55 -17.78 8.68 -1.97
N THR B 56 -18.26 7.45 -1.91
CA THR B 56 -17.69 6.45 -1.02
C THR B 56 -16.77 5.50 -1.78
N PRO B 57 -15.45 5.55 -1.53
CA PRO B 57 -14.47 4.69 -2.19
C PRO B 57 -14.86 3.21 -2.12
N ALA B 58 -14.51 2.46 -3.14
CA ALA B 58 -14.83 1.03 -3.20
C ALA B 58 -14.06 0.25 -2.13
N LEU B 59 -12.74 0.39 -2.14
CA LEU B 59 -11.90 -0.32 -1.18
C LEU B 59 -11.37 0.64 -0.11
N THR B 60 -11.51 0.25 1.14
CA THR B 60 -11.03 1.06 2.26
C THR B 60 -9.89 0.37 2.98
N GLU B 61 -9.50 0.92 4.13
CA GLU B 61 -8.42 0.36 4.93
C GLU B 61 -8.76 -1.06 5.38
N GLN B 62 -9.99 -1.25 5.83
CA GLN B 62 -10.43 -2.56 6.29
C GLN B 62 -10.53 -3.56 5.14
N GLU B 63 -10.99 -3.08 3.99
CA GLU B 63 -11.14 -3.94 2.81
C GLU B 63 -9.78 -4.49 2.36
N VAL B 64 -8.82 -3.59 2.13
CA VAL B 64 -7.50 -3.99 1.70
C VAL B 64 -6.85 -4.92 2.72
N TYR B 65 -6.79 -4.47 3.97
CA TYR B 65 -6.20 -5.27 5.04
C TYR B 65 -6.85 -6.66 5.11
N ALA B 66 -8.14 -6.71 4.79
CA ALA B 66 -8.87 -7.98 4.81
C ALA B 66 -8.38 -8.91 3.72
N GLN B 67 -8.49 -8.46 2.47
CA GLN B 67 -8.06 -9.26 1.33
C GLN B 67 -6.60 -9.67 1.47
N VAL B 68 -5.80 -8.78 2.06
CA VAL B 68 -4.39 -9.05 2.26
C VAL B 68 -4.20 -10.03 3.41
N ALA B 69 -5.06 -9.94 4.41
CA ALA B 69 -4.99 -10.84 5.56
C ALA B 69 -5.25 -12.28 5.12
N ARG B 70 -6.10 -12.43 4.13
CA ARG B 70 -6.44 -13.75 3.60
C ARG B 70 -5.50 -14.11 2.46
N LEU B 71 -4.90 -13.08 1.86
CA LEU B 71 -3.97 -13.27 0.76
C LEU B 71 -2.84 -14.22 1.16
N PHE B 72 -2.48 -14.18 2.43
CA PHE B 72 -1.42 -15.03 2.96
C PHE B 72 -2.00 -16.08 3.91
N LYS B 73 -1.13 -16.93 4.46
CA LYS B 73 -1.57 -17.97 5.38
C LYS B 73 -0.85 -17.87 6.72
N ASN B 74 0.42 -18.29 6.75
CA ASN B 74 1.20 -18.25 7.97
C ASN B 74 2.11 -17.02 8.00
N GLN B 75 1.95 -16.15 7.02
CA GLN B 75 2.76 -14.94 6.95
C GLN B 75 1.98 -13.73 7.46
N GLU B 76 2.07 -13.50 8.77
CA GLU B 76 1.37 -12.38 9.40
C GLU B 76 2.28 -11.16 9.49
N ASP B 77 3.58 -11.40 9.33
CA ASP B 77 4.57 -10.33 9.40
C ASP B 77 4.23 -9.23 8.40
N LEU B 78 3.74 -9.63 7.22
CA LEU B 78 3.38 -8.69 6.18
C LEU B 78 2.15 -7.88 6.56
N LEU B 79 1.20 -8.53 7.24
CA LEU B 79 -0.01 -7.85 7.65
C LEU B 79 0.31 -6.76 8.67
N SER B 80 1.26 -7.05 9.55
CA SER B 80 1.68 -6.07 10.57
C SER B 80 2.41 -4.90 9.92
N GLU B 81 3.43 -5.22 9.13
CA GLU B 81 4.21 -4.19 8.45
C GLU B 81 3.29 -3.29 7.63
N PHE B 82 2.36 -3.91 6.91
CA PHE B 82 1.40 -3.16 6.11
C PHE B 82 0.45 -2.38 7.00
N GLY B 83 0.14 -2.96 8.15
CA GLY B 83 -0.75 -2.30 9.10
C GLY B 83 -0.19 -0.98 9.58
N GLN B 84 1.13 -0.93 9.71
CA GLN B 84 1.81 0.29 10.15
C GLN B 84 1.58 1.42 9.14
N PHE B 85 1.43 1.06 7.87
CA PHE B 85 1.20 2.04 6.82
C PHE B 85 -0.15 2.71 6.99
N LEU B 86 -1.12 1.96 7.54
CA LEU B 86 -2.46 2.50 7.76
C LEU B 86 -2.41 3.71 8.70
N PRO B 87 -3.13 4.80 8.35
CA PRO B 87 -3.16 6.02 9.16
C PRO B 87 -3.36 5.74 10.65
N ASP B 88 -2.45 6.25 11.47
CA ASP B 88 -2.52 6.06 12.91
C ASP B 88 -3.55 7.01 13.54
N ALA B 89 -3.77 6.86 14.84
CA ALA B 89 -4.72 7.70 15.56
C ALA B 89 -4.09 8.31 16.80
N ASP A 1 17.69 -3.07 -13.34
CA ASP A 1 17.32 -2.05 -12.32
C ASP A 1 16.04 -2.45 -11.59
N PHE A 2 15.80 -1.82 -10.44
CA PHE A 2 14.61 -2.12 -9.65
C PHE A 2 13.37 -1.51 -10.29
N THR A 3 12.39 -2.36 -10.60
CA THR A 3 11.14 -1.90 -11.22
C THR A 3 9.97 -2.05 -10.27
N PRO A 4 9.03 -1.08 -10.28
CA PRO A 4 7.83 -1.13 -9.42
C PRO A 4 6.78 -2.08 -9.96
N MET A 5 5.52 -1.85 -9.56
CA MET A 5 4.42 -2.70 -10.00
C MET A 5 4.35 -2.74 -11.53
N ASP A 6 3.94 -1.62 -12.13
CA ASP A 6 3.83 -1.52 -13.57
C ASP A 6 3.48 -0.10 -13.99
N SER A 7 2.89 0.64 -13.06
CA SER A 7 2.50 2.02 -13.32
C SER A 7 3.03 2.96 -12.23
N SER A 8 2.40 2.90 -11.06
CA SER A 8 2.82 3.74 -9.93
C SER A 8 2.28 3.22 -8.61
N ALA A 9 2.91 2.16 -8.10
CA ALA A 9 2.49 1.56 -6.84
C ALA A 9 3.01 2.38 -5.66
N VAL A 10 4.20 2.95 -5.82
CA VAL A 10 4.80 3.77 -4.79
C VAL A 10 3.88 4.91 -4.40
N TYR A 11 3.13 5.43 -5.37
CA TYR A 11 2.19 6.52 -5.13
C TYR A 11 1.06 6.06 -4.21
N VAL A 12 0.63 4.82 -4.38
CA VAL A 12 -0.43 4.26 -3.57
C VAL A 12 0.01 4.13 -2.12
N LEU A 13 1.11 3.41 -1.91
CA LEU A 13 1.66 3.22 -0.57
C LEU A 13 2.06 4.55 0.07
N SER A 14 2.48 5.49 -0.78
CA SER A 14 2.89 6.80 -0.29
C SER A 14 1.70 7.53 0.31
N SER A 15 0.62 7.62 -0.46
CA SER A 15 -0.60 8.28 0.00
C SER A 15 -1.15 7.59 1.24
N MET A 16 -0.94 6.28 1.31
CA MET A 16 -1.40 5.49 2.45
C MET A 16 -0.75 5.97 3.74
N ALA A 17 0.58 5.89 3.79
CA ALA A 17 1.33 6.30 4.98
C ALA A 17 1.09 7.78 5.30
N ARG A 18 0.92 8.59 4.26
CA ARG A 18 0.70 10.02 4.44
C ARG A 18 -0.73 10.29 4.91
N GLN A 19 -1.63 9.34 4.63
CA GLN A 19 -3.03 9.49 5.04
C GLN A 19 -3.16 9.35 6.56
N ARG A 20 -2.07 8.95 7.20
CA ARG A 20 -2.04 8.78 8.65
C ARG A 20 -2.36 10.09 9.37
N ARG A 21 -2.01 11.20 8.72
CA ARG A 21 -2.24 12.52 9.28
C ARG A 21 -3.73 12.87 9.26
N ALA A 22 -4.45 12.26 8.32
CA ALA A 22 -5.89 12.51 8.17
C ALA A 22 -6.18 13.97 7.91
N SER A 23 -7.45 14.34 7.93
CA SER A 23 -7.87 15.72 7.69
C SER A 23 -7.68 16.56 8.95
N SER B 1 4.01 11.62 18.54
CA SER B 1 4.30 10.69 17.43
C SER B 1 5.40 9.71 17.81
N LEU B 2 6.30 10.15 18.69
CA LEU B 2 7.41 9.33 19.14
C LEU B 2 8.27 8.86 17.97
N GLN B 3 9.35 9.58 17.71
CA GLN B 3 10.27 9.26 16.61
C GLN B 3 9.53 9.27 15.27
N ASN B 4 9.67 10.37 14.54
CA ASN B 4 9.03 10.53 13.24
C ASN B 4 9.98 11.12 12.22
N ASN B 5 9.69 10.89 10.94
CA ASN B 5 10.53 11.41 9.86
C ASN B 5 9.67 11.98 8.73
N GLN B 6 10.33 12.48 7.70
CA GLN B 6 9.63 13.06 6.56
C GLN B 6 9.45 12.05 5.43
N PRO B 7 10.54 11.33 5.03
CA PRO B 7 10.47 10.33 3.96
C PRO B 7 9.86 9.01 4.44
N VAL B 8 8.87 9.11 5.32
CA VAL B 8 8.20 7.92 5.85
C VAL B 8 7.47 7.15 4.76
N GLU B 9 6.81 7.88 3.86
CA GLU B 9 6.06 7.27 2.77
C GLU B 9 6.99 6.60 1.76
N PHE B 10 8.04 7.32 1.36
CA PHE B 10 8.99 6.79 0.38
C PHE B 10 9.73 5.57 0.92
N ASN B 11 10.26 5.71 2.14
CA ASN B 11 11.01 4.63 2.77
C ASN B 11 10.15 3.38 2.95
N HIS B 12 8.99 3.53 3.57
CA HIS B 12 8.09 2.40 3.81
C HIS B 12 7.65 1.74 2.50
N ALA B 13 7.04 2.54 1.61
CA ALA B 13 6.56 2.04 0.34
C ALA B 13 7.64 1.26 -0.43
N ILE B 14 8.73 1.93 -0.76
CA ILE B 14 9.82 1.31 -1.50
C ILE B 14 10.30 0.02 -0.84
N ASN B 15 10.70 0.12 0.43
CA ASN B 15 11.20 -1.03 1.17
C ASN B 15 10.16 -2.15 1.23
N TYR B 16 8.88 -1.78 1.17
CA TYR B 16 7.78 -2.74 1.22
C TYR B 16 7.73 -3.58 -0.06
N VAL B 17 7.55 -2.91 -1.19
CA VAL B 17 7.46 -3.59 -2.48
C VAL B 17 8.76 -4.32 -2.80
N ASN B 18 9.87 -3.83 -2.25
CA ASN B 18 11.17 -4.43 -2.49
C ASN B 18 11.33 -5.76 -1.76
N LYS B 19 11.13 -5.74 -0.44
CA LYS B 19 11.26 -6.93 0.37
C LYS B 19 10.25 -8.00 -0.03
N ILE B 20 9.07 -7.56 -0.49
CA ILE B 20 8.03 -8.48 -0.91
C ILE B 20 8.32 -9.08 -2.28
N LYS B 21 8.83 -8.26 -3.18
CA LYS B 21 9.14 -8.72 -4.54
C LYS B 21 10.27 -9.75 -4.52
N ASN B 22 11.25 -9.53 -3.65
CA ASN B 22 12.39 -10.44 -3.54
C ASN B 22 12.02 -11.72 -2.79
N ARG B 23 11.43 -11.56 -1.61
CA ARG B 23 11.04 -12.70 -0.79
C ARG B 23 10.02 -13.58 -1.51
N PHE B 24 8.86 -13.02 -1.81
CA PHE B 24 7.81 -13.76 -2.51
C PHE B 24 7.99 -13.70 -4.02
N GLN B 25 9.23 -13.76 -4.46
CA GLN B 25 9.55 -13.71 -5.88
C GLN B 25 9.01 -14.93 -6.61
N GLY B 26 8.92 -16.04 -5.88
CA GLY B 26 8.42 -17.28 -6.47
C GLY B 26 6.92 -17.37 -6.43
N GLN B 27 6.27 -16.36 -5.84
CA GLN B 27 4.82 -16.33 -5.75
C GLN B 27 4.23 -15.24 -6.65
N PRO B 28 3.88 -15.60 -7.90
CA PRO B 28 3.32 -14.64 -8.86
C PRO B 28 1.84 -14.37 -8.61
N ASP B 29 1.13 -15.36 -8.06
CA ASP B 29 -0.28 -15.23 -7.78
C ASP B 29 -0.52 -14.23 -6.65
N ILE B 30 0.25 -14.36 -5.57
CA ILE B 30 0.12 -13.47 -4.42
C ILE B 30 0.63 -12.08 -4.75
N TYR B 31 1.75 -12.01 -5.47
CA TYR B 31 2.34 -10.74 -5.84
C TYR B 31 1.41 -9.96 -6.76
N LYS B 32 0.93 -10.62 -7.81
CA LYS B 32 0.02 -9.99 -8.77
C LYS B 32 -1.27 -9.54 -8.09
N ALA B 33 -1.89 -10.45 -7.34
CA ALA B 33 -3.13 -10.15 -6.64
C ALA B 33 -2.98 -8.91 -5.76
N PHE B 34 -1.89 -8.87 -4.99
CA PHE B 34 -1.62 -7.75 -4.10
C PHE B 34 -1.59 -6.44 -4.89
N LEU B 35 -0.80 -6.43 -5.97
CA LEU B 35 -0.68 -5.25 -6.81
C LEU B 35 -2.06 -4.82 -7.32
N GLU B 36 -2.92 -5.80 -7.58
CA GLU B 36 -4.26 -5.51 -8.06
C GLU B 36 -5.09 -4.81 -6.99
N ILE B 37 -4.90 -5.22 -5.73
CA ILE B 37 -5.63 -4.62 -4.62
C ILE B 37 -5.27 -3.14 -4.49
N LEU B 38 -3.96 -2.85 -4.45
CA LEU B 38 -3.50 -1.48 -4.32
C LEU B 38 -3.84 -0.68 -5.59
N HIS B 39 -3.95 -1.38 -6.71
CA HIS B 39 -4.27 -0.74 -7.98
C HIS B 39 -5.67 -0.13 -7.92
N THR B 40 -6.66 -0.99 -7.68
CA THR B 40 -8.04 -0.53 -7.58
C THR B 40 -8.19 0.49 -6.46
N TYR B 41 -7.44 0.28 -5.38
CA TYR B 41 -7.48 1.20 -4.24
C TYR B 41 -7.01 2.59 -4.68
N GLN B 42 -6.03 2.61 -5.59
CA GLN B 42 -5.50 3.88 -6.09
C GLN B 42 -6.55 4.60 -6.94
N LYS B 43 -7.12 3.88 -7.91
CA LYS B 43 -8.13 4.46 -8.79
C LYS B 43 -9.25 5.12 -8.00
N GLU B 44 -9.81 4.38 -7.05
CA GLU B 44 -10.89 4.90 -6.22
C GLU B 44 -10.42 6.09 -5.39
N GLN B 45 -9.20 6.01 -4.87
CA GLN B 45 -8.63 7.09 -4.07
C GLN B 45 -8.53 8.37 -4.89
N ARG B 46 -8.15 8.22 -6.16
CA ARG B 46 -8.01 9.36 -7.06
C ARG B 46 -9.36 10.03 -7.29
N ASN B 47 -10.34 9.24 -7.71
CA ASN B 47 -11.69 9.75 -7.95
C ASN B 47 -12.23 10.42 -6.70
N ALA B 48 -11.84 9.91 -5.54
CA ALA B 48 -12.28 10.46 -4.27
C ALA B 48 -11.73 11.86 -4.06
N LYS B 49 -10.43 12.03 -4.32
CA LYS B 49 -9.78 13.31 -4.17
C LYS B 49 -10.32 14.33 -5.19
N GLU B 50 -10.75 13.81 -6.33
CA GLU B 50 -11.29 14.66 -7.39
C GLU B 50 -12.64 15.24 -7.00
N ALA B 51 -13.62 14.35 -6.77
CA ALA B 51 -14.96 14.79 -6.38
C ALA B 51 -14.92 15.61 -5.10
N GLY B 52 -14.11 15.17 -4.15
CA GLY B 52 -13.99 15.88 -2.89
C GLY B 52 -15.33 16.23 -2.29
N GLY B 53 -16.30 15.33 -2.42
CA GLY B 53 -17.62 15.56 -1.89
C GLY B 53 -18.19 14.37 -1.15
N ASN B 54 -19.30 13.85 -1.64
CA ASN B 54 -19.97 12.70 -1.03
C ASN B 54 -19.50 11.39 -1.63
N TYR B 55 -18.55 11.47 -2.56
CA TYR B 55 -18.02 10.27 -3.22
C TYR B 55 -17.36 9.34 -2.21
N THR B 56 -17.91 8.14 -2.08
CA THR B 56 -17.38 7.14 -1.15
C THR B 56 -16.53 6.11 -1.88
N PRO B 57 -15.22 6.02 -1.58
CA PRO B 57 -14.32 5.05 -2.21
C PRO B 57 -14.79 3.61 -2.02
N ALA B 58 -14.29 2.71 -2.86
CA ALA B 58 -14.67 1.31 -2.79
C ALA B 58 -13.80 0.56 -1.79
N LEU B 59 -12.48 0.62 -1.99
CA LEU B 59 -11.55 -0.06 -1.11
C LEU B 59 -11.10 0.85 0.02
N THR B 60 -11.28 0.37 1.26
CA THR B 60 -10.89 1.13 2.44
C THR B 60 -9.74 0.44 3.16
N GLU B 61 -9.38 0.97 4.32
CA GLU B 61 -8.30 0.38 5.11
C GLU B 61 -8.62 -1.06 5.50
N GLN B 62 -9.88 -1.30 5.87
CA GLN B 62 -10.32 -2.62 6.26
C GLN B 62 -10.42 -3.54 5.05
N GLU B 63 -10.88 -3.01 3.92
CA GLU B 63 -11.01 -3.80 2.71
C GLU B 63 -9.66 -4.35 2.26
N VAL B 64 -8.68 -3.46 2.11
CA VAL B 64 -7.36 -3.86 1.68
C VAL B 64 -6.71 -4.80 2.70
N TYR B 65 -6.73 -4.40 3.97
CA TYR B 65 -6.13 -5.22 5.03
C TYR B 65 -6.78 -6.60 5.08
N ALA B 66 -8.06 -6.67 4.72
CA ALA B 66 -8.78 -7.94 4.74
C ALA B 66 -8.28 -8.86 3.64
N GLN B 67 -8.38 -8.41 2.39
CA GLN B 67 -7.93 -9.19 1.25
C GLN B 67 -6.46 -9.57 1.39
N VAL B 68 -5.67 -8.62 1.88
CA VAL B 68 -4.24 -8.84 2.08
C VAL B 68 -4.00 -9.87 3.18
N ALA B 69 -4.87 -9.84 4.20
CA ALA B 69 -4.76 -10.78 5.32
C ALA B 69 -4.93 -12.21 4.84
N ARG B 70 -5.99 -12.45 4.07
CA ARG B 70 -6.27 -13.78 3.54
C ARG B 70 -5.30 -14.11 2.41
N LEU B 71 -4.74 -13.07 1.81
CA LEU B 71 -3.79 -13.25 0.71
C LEU B 71 -2.57 -14.04 1.16
N PHE B 72 -1.84 -13.49 2.14
CA PHE B 72 -0.65 -14.14 2.67
C PHE B 72 -1.02 -15.34 3.55
N LYS B 73 -2.01 -15.13 4.42
CA LYS B 73 -2.47 -16.19 5.33
C LYS B 73 -1.40 -16.59 6.32
N ASN B 74 -1.71 -16.46 7.61
CA ASN B 74 -0.78 -16.81 8.69
C ASN B 74 0.39 -15.83 8.75
N GLN B 75 0.81 -15.33 7.60
CA GLN B 75 1.92 -14.38 7.54
C GLN B 75 1.53 -13.06 8.20
N GLU B 76 1.78 -12.97 9.50
CA GLU B 76 1.46 -11.76 10.26
C GLU B 76 2.62 -10.78 10.25
N ASP B 77 3.75 -11.20 9.68
CA ASP B 77 4.92 -10.34 9.59
C ASP B 77 4.65 -9.17 8.65
N LEU B 78 4.10 -9.48 7.49
CA LEU B 78 3.78 -8.47 6.50
C LEU B 78 2.56 -7.66 6.95
N LEU B 79 1.59 -8.36 7.51
CA LEU B 79 0.38 -7.73 8.01
C LEU B 79 0.69 -6.75 9.13
N SER B 80 1.68 -7.09 9.95
CA SER B 80 2.09 -6.21 11.05
C SER B 80 2.80 -4.99 10.51
N GLU B 81 3.77 -5.21 9.61
CA GLU B 81 4.51 -4.12 9.01
C GLU B 81 3.57 -3.23 8.19
N PHE B 82 2.45 -3.82 7.78
CA PHE B 82 1.45 -3.10 6.99
C PHE B 82 0.51 -2.34 7.92
N GLY B 83 0.32 -2.87 9.12
CA GLY B 83 -0.55 -2.22 10.09
C GLY B 83 0.06 -0.95 10.65
N GLN B 84 1.35 -1.00 10.94
CA GLN B 84 2.06 0.16 11.46
C GLN B 84 2.20 1.21 10.36
N PHE B 85 2.23 0.71 9.13
CA PHE B 85 2.34 1.56 7.95
C PHE B 85 0.96 2.09 7.57
N LEU B 86 -0.07 1.38 8.03
CA LEU B 86 -1.45 1.76 7.76
C LEU B 86 -1.80 3.06 8.50
N PRO B 87 -2.59 3.95 7.87
CA PRO B 87 -2.98 5.22 8.49
C PRO B 87 -3.48 5.03 9.92
N ASP B 88 -3.26 6.04 10.76
CA ASP B 88 -3.70 5.98 12.15
C ASP B 88 -5.17 6.36 12.28
N ALA B 89 -5.89 5.61 13.11
CA ALA B 89 -7.31 5.88 13.33
C ALA B 89 -7.58 6.33 14.77
N ASP A 1 17.38 -2.88 -6.66
CA ASP A 1 17.27 -3.05 -8.12
C ASP A 1 15.84 -2.78 -8.59
N PHE A 2 14.87 -3.26 -7.81
CA PHE A 2 13.46 -3.07 -8.15
C PHE A 2 12.78 -2.12 -7.17
N THR A 3 11.88 -1.29 -7.70
CA THR A 3 11.16 -0.33 -6.89
C THR A 3 9.82 0.07 -7.53
N PRO A 4 9.83 0.51 -8.81
CA PRO A 4 8.60 0.91 -9.50
C PRO A 4 7.84 -0.29 -10.04
N MET A 5 6.56 -0.40 -9.68
CA MET A 5 5.72 -1.49 -10.14
C MET A 5 5.46 -1.38 -11.64
N ASP A 6 4.65 -0.41 -12.01
CA ASP A 6 4.30 -0.18 -13.41
C ASP A 6 3.47 1.09 -13.56
N SER A 7 2.57 1.30 -12.61
CA SER A 7 1.71 2.47 -12.61
C SER A 7 2.15 3.46 -11.52
N SER A 8 1.86 3.11 -10.27
CA SER A 8 2.23 3.96 -9.14
C SER A 8 1.95 3.27 -7.81
N ALA A 9 2.81 2.33 -7.44
CA ALA A 9 2.65 1.59 -6.18
C ALA A 9 3.12 2.44 -5.00
N VAL A 10 4.22 3.14 -5.19
CA VAL A 10 4.77 3.99 -4.14
C VAL A 10 3.83 5.15 -3.84
N TYR A 11 2.95 5.45 -4.79
CA TYR A 11 2.00 6.55 -4.63
C TYR A 11 0.93 6.18 -3.60
N VAL A 12 0.33 5.01 -3.76
CA VAL A 12 -0.71 4.55 -2.84
C VAL A 12 -0.12 4.26 -1.46
N LEU A 13 1.02 3.58 -1.43
CA LEU A 13 1.68 3.24 -0.18
C LEU A 13 2.05 4.50 0.60
N SER A 14 2.56 5.50 -0.12
CA SER A 14 2.95 6.75 0.51
C SER A 14 1.72 7.56 0.92
N SER A 15 0.68 7.47 0.13
CA SER A 15 -0.56 8.20 0.40
C SER A 15 -1.16 7.77 1.73
N MET A 16 -1.16 6.46 1.99
CA MET A 16 -1.73 5.93 3.23
C MET A 16 -0.79 6.14 4.41
N ALA A 17 0.51 5.99 4.19
CA ALA A 17 1.49 6.15 5.25
C ALA A 17 1.77 7.63 5.55
N ARG A 18 1.33 8.51 4.66
CA ARG A 18 1.53 9.95 4.85
C ARG A 18 0.28 10.62 5.39
N GLN A 19 -0.88 10.09 4.99
CA GLN A 19 -2.16 10.62 5.42
C GLN A 19 -2.29 10.59 6.95
N ARG A 20 -1.55 9.68 7.58
CA ARG A 20 -1.59 9.55 9.03
C ARG A 20 -1.10 10.83 9.69
N ARG A 21 -0.14 11.50 9.06
CA ARG A 21 0.42 12.74 9.58
C ARG A 21 1.04 13.56 8.46
N ALA A 22 0.36 14.65 8.08
CA ALA A 22 0.84 15.51 7.03
C ALA A 22 0.83 16.97 7.47
N SER A 23 1.94 17.66 7.25
CA SER A 23 2.06 19.07 7.63
C SER A 23 1.35 19.96 6.62
N SER B 1 15.34 21.47 2.34
CA SER B 1 15.57 20.25 1.53
C SER B 1 14.41 19.28 1.65
N LEU B 2 14.36 18.30 0.75
CA LEU B 2 13.30 17.31 0.74
C LEU B 2 13.76 16.02 0.09
N GLN B 3 14.68 16.14 -0.87
CA GLN B 3 15.20 14.98 -1.59
C GLN B 3 16.15 14.19 -0.70
N ASN B 4 16.92 14.89 0.11
CA ASN B 4 17.87 14.25 1.01
C ASN B 4 17.73 14.79 2.44
N ASN B 5 17.07 14.01 3.29
CA ASN B 5 16.87 14.41 4.68
C ASN B 5 16.41 13.21 5.52
N GLN B 6 15.15 12.82 5.34
CA GLN B 6 14.58 11.70 6.09
C GLN B 6 13.21 11.30 5.53
N PRO B 7 13.18 10.73 4.32
CA PRO B 7 11.94 10.30 3.68
C PRO B 7 11.36 9.04 4.33
N VAL B 8 10.18 9.15 4.91
CA VAL B 8 9.55 8.01 5.57
C VAL B 8 8.69 7.21 4.59
N GLU B 9 8.00 7.92 3.70
CA GLU B 9 7.14 7.28 2.72
C GLU B 9 7.96 6.43 1.74
N PHE B 10 8.98 7.04 1.16
CA PHE B 10 9.83 6.35 0.19
C PHE B 10 10.50 5.12 0.83
N ASN B 11 11.24 5.35 1.90
CA ASN B 11 11.94 4.27 2.60
C ASN B 11 11.01 3.09 2.91
N HIS B 12 9.91 3.37 3.60
CA HIS B 12 8.96 2.34 3.98
C HIS B 12 8.34 1.64 2.77
N ALA B 13 7.60 2.39 1.97
CA ALA B 13 6.93 1.84 0.80
C ALA B 13 7.89 1.08 -0.13
N ILE B 14 8.94 1.77 -0.59
CA ILE B 14 9.92 1.15 -1.48
C ILE B 14 10.48 -0.15 -0.91
N ASN B 15 11.00 -0.08 0.31
CA ASN B 15 11.58 -1.26 0.95
C ASN B 15 10.54 -2.37 1.09
N TYR B 16 9.28 -1.98 1.23
CA TYR B 16 8.19 -2.94 1.37
C TYR B 16 7.99 -3.73 0.08
N VAL B 17 7.87 -3.03 -1.03
CA VAL B 17 7.66 -3.66 -2.34
C VAL B 17 8.85 -4.57 -2.69
N ASN B 18 10.05 -4.02 -2.61
CA ASN B 18 11.26 -4.78 -2.93
C ASN B 18 11.39 -5.99 -2.02
N LYS B 19 10.95 -5.84 -0.77
CA LYS B 19 11.02 -6.93 0.20
C LYS B 19 10.18 -8.12 -0.25
N ILE B 20 8.87 -7.90 -0.36
CA ILE B 20 7.96 -8.96 -0.78
C ILE B 20 8.30 -9.48 -2.17
N LYS B 21 8.90 -8.62 -2.98
CA LYS B 21 9.28 -8.99 -4.35
C LYS B 21 10.38 -10.05 -4.33
N ASN B 22 11.40 -9.82 -3.51
CA ASN B 22 12.52 -10.76 -3.40
C ASN B 22 12.11 -12.04 -2.67
N ARG B 23 11.43 -11.87 -1.54
CA ARG B 23 10.98 -13.01 -0.74
C ARG B 23 9.99 -13.87 -1.52
N PHE B 24 8.84 -13.28 -1.84
CA PHE B 24 7.80 -13.99 -2.58
C PHE B 24 8.05 -13.90 -4.09
N GLN B 25 9.32 -14.04 -4.48
CA GLN B 25 9.70 -13.99 -5.88
C GLN B 25 9.20 -15.21 -6.64
N GLY B 26 8.95 -16.29 -5.90
CA GLY B 26 8.47 -17.52 -6.51
C GLY B 26 6.97 -17.55 -6.66
N GLN B 27 6.29 -16.63 -5.98
CA GLN B 27 4.82 -16.57 -6.04
C GLN B 27 4.37 -15.32 -6.79
N PRO B 28 4.13 -15.45 -8.12
CA PRO B 28 3.68 -14.32 -8.94
C PRO B 28 2.18 -14.05 -8.79
N ASP B 29 1.43 -15.07 -8.36
CA ASP B 29 0.00 -14.95 -8.19
C ASP B 29 -0.34 -14.07 -6.99
N ILE B 30 0.31 -14.34 -5.85
CA ILE B 30 0.07 -13.57 -4.64
C ILE B 30 0.62 -12.15 -4.76
N TYR B 31 1.82 -12.03 -5.32
CA TYR B 31 2.46 -10.73 -5.49
C TYR B 31 1.63 -9.84 -6.42
N LYS B 32 1.22 -10.40 -7.56
CA LYS B 32 0.41 -9.66 -8.53
C LYS B 32 -0.92 -9.25 -7.92
N ALA B 33 -1.61 -10.21 -7.31
CA ALA B 33 -2.91 -9.95 -6.69
C ALA B 33 -2.81 -8.81 -5.69
N PHE B 34 -1.75 -8.83 -4.87
CA PHE B 34 -1.55 -7.79 -3.88
C PHE B 34 -1.45 -6.42 -4.53
N LEU B 35 -0.51 -6.28 -5.45
CA LEU B 35 -0.32 -5.02 -6.16
C LEU B 35 -1.61 -4.60 -6.86
N GLU B 36 -2.42 -5.58 -7.22
CA GLU B 36 -3.69 -5.31 -7.88
C GLU B 36 -4.64 -4.60 -6.91
N ILE B 37 -4.70 -5.08 -5.68
CA ILE B 37 -5.55 -4.47 -4.66
C ILE B 37 -5.10 -3.04 -4.42
N LEU B 38 -3.79 -2.83 -4.41
CA LEU B 38 -3.21 -1.52 -4.20
C LEU B 38 -3.54 -0.59 -5.37
N HIS B 39 -3.56 -1.15 -6.57
CA HIS B 39 -3.87 -0.39 -7.77
C HIS B 39 -5.32 0.08 -7.76
N THR B 40 -6.23 -0.88 -7.64
CA THR B 40 -7.66 -0.57 -7.62
C THR B 40 -7.98 0.36 -6.45
N TYR B 41 -7.32 0.14 -5.32
CA TYR B 41 -7.52 0.96 -4.14
C TYR B 41 -7.19 2.41 -4.42
N GLN B 42 -6.03 2.64 -5.04
CA GLN B 42 -5.59 3.98 -5.38
C GLN B 42 -6.58 4.63 -6.34
N LYS B 43 -7.08 3.85 -7.30
CA LYS B 43 -8.04 4.33 -8.28
C LYS B 43 -9.30 4.84 -7.59
N GLU B 44 -9.83 4.04 -6.67
CA GLU B 44 -11.03 4.40 -5.93
C GLU B 44 -10.82 5.71 -5.17
N GLN B 45 -9.64 5.84 -4.56
CA GLN B 45 -9.30 7.04 -3.80
C GLN B 45 -9.30 8.27 -4.72
N ARG B 46 -8.69 8.13 -5.88
CA ARG B 46 -8.61 9.22 -6.86
C ARG B 46 -10.01 9.72 -7.21
N ASN B 47 -10.87 8.80 -7.63
CA ASN B 47 -12.24 9.13 -8.01
C ASN B 47 -12.95 9.84 -6.86
N ALA B 48 -12.70 9.38 -5.63
CA ALA B 48 -13.32 9.97 -4.44
C ALA B 48 -12.92 11.44 -4.32
N LYS B 49 -11.65 11.74 -4.57
CA LYS B 49 -11.15 13.10 -4.49
C LYS B 49 -11.63 13.92 -5.68
N GLU B 50 -11.87 13.25 -6.79
CA GLU B 50 -12.34 13.92 -8.00
C GLU B 50 -13.75 14.47 -7.82
N ALA B 51 -14.58 13.68 -7.14
CA ALA B 51 -15.96 14.08 -6.88
C ALA B 51 -16.03 15.18 -5.83
N GLY B 52 -14.89 15.45 -5.19
CA GLY B 52 -14.83 16.47 -4.16
C GLY B 52 -15.59 16.09 -2.91
N GLY B 53 -15.61 14.79 -2.60
CA GLY B 53 -16.30 14.33 -1.42
C GLY B 53 -17.65 13.70 -1.74
N ASN B 54 -18.39 13.30 -0.71
CA ASN B 54 -19.70 12.69 -0.88
C ASN B 54 -19.60 11.35 -1.61
N TYR B 55 -18.38 10.94 -1.92
CA TYR B 55 -18.16 9.67 -2.63
C TYR B 55 -17.68 8.59 -1.65
N THR B 56 -18.05 7.35 -1.92
CA THR B 56 -17.66 6.23 -1.08
C THR B 56 -16.75 5.26 -1.84
N PRO B 57 -15.44 5.31 -1.58
CA PRO B 57 -14.47 4.42 -2.25
C PRO B 57 -14.86 2.94 -2.12
N ALA B 58 -14.64 2.19 -3.19
CA ALA B 58 -14.96 0.77 -3.19
C ALA B 58 -14.04 0.00 -2.24
N LEU B 59 -12.86 0.58 -1.96
CA LEU B 59 -11.91 -0.05 -1.07
C LEU B 59 -11.39 0.94 -0.04
N THR B 60 -11.53 0.59 1.22
CA THR B 60 -11.05 1.42 2.32
C THR B 60 -9.94 0.69 3.07
N GLU B 61 -9.52 1.24 4.21
CA GLU B 61 -8.47 0.61 4.99
C GLU B 61 -8.88 -0.81 5.36
N GLN B 62 -10.16 -1.00 5.62
CA GLN B 62 -10.70 -2.30 5.99
C GLN B 62 -10.75 -3.24 4.78
N GLU B 63 -11.17 -2.71 3.63
CA GLU B 63 -11.27 -3.51 2.41
C GLU B 63 -9.91 -4.09 2.04
N VAL B 64 -8.92 -3.21 1.88
CA VAL B 64 -7.57 -3.64 1.53
C VAL B 64 -7.00 -4.59 2.57
N TYR B 65 -6.98 -4.16 3.83
CA TYR B 65 -6.45 -4.98 4.90
C TYR B 65 -7.13 -6.34 4.96
N ALA B 66 -8.39 -6.40 4.54
CA ALA B 66 -9.15 -7.64 4.54
C ALA B 66 -8.64 -8.61 3.49
N GLN B 67 -8.71 -8.21 2.22
CA GLN B 67 -8.25 -9.04 1.12
C GLN B 67 -6.80 -9.46 1.33
N VAL B 68 -5.99 -8.53 1.81
CA VAL B 68 -4.58 -8.81 2.05
C VAL B 68 -4.42 -9.82 3.20
N ALA B 69 -5.27 -9.70 4.21
CA ALA B 69 -5.23 -10.61 5.35
C ALA B 69 -5.45 -12.05 4.88
N ARG B 70 -6.40 -12.22 3.97
CA ARG B 70 -6.72 -13.53 3.42
C ARG B 70 -5.68 -13.93 2.37
N LEU B 71 -5.01 -12.93 1.82
CA LEU B 71 -3.98 -13.16 0.81
C LEU B 71 -2.80 -13.94 1.38
N PHE B 72 -2.56 -13.76 2.67
CA PHE B 72 -1.47 -14.45 3.34
C PHE B 72 -1.98 -15.36 4.45
N LYS B 73 -2.66 -14.77 5.43
CA LYS B 73 -3.23 -15.52 6.56
C LYS B 73 -2.14 -16.05 7.48
N ASN B 74 -1.53 -17.17 7.08
CA ASN B 74 -0.47 -17.79 7.88
C ASN B 74 0.69 -16.83 8.10
N GLN B 75 0.75 -15.78 7.27
CA GLN B 75 1.82 -14.79 7.39
C GLN B 75 1.29 -13.47 7.91
N GLU B 76 1.44 -13.25 9.21
CA GLU B 76 0.97 -12.02 9.86
C GLU B 76 2.08 -10.98 9.92
N ASP B 77 3.31 -11.43 9.65
CA ASP B 77 4.47 -10.54 9.69
C ASP B 77 4.29 -9.36 8.73
N LEU B 78 4.22 -9.65 7.44
CA LEU B 78 4.03 -8.63 6.43
C LEU B 78 2.72 -7.89 6.63
N LEU B 79 1.77 -8.53 7.31
CA LEU B 79 0.48 -7.93 7.57
C LEU B 79 0.62 -6.77 8.55
N SER B 80 1.41 -6.97 9.59
CA SER B 80 1.65 -5.93 10.58
C SER B 80 2.46 -4.80 9.96
N GLU B 81 3.54 -5.17 9.28
CA GLU B 81 4.40 -4.20 8.62
C GLU B 81 3.58 -3.37 7.65
N PHE B 82 2.56 -4.00 7.06
CA PHE B 82 1.67 -3.32 6.12
C PHE B 82 0.67 -2.46 6.89
N GLY B 83 0.28 -2.93 8.06
CA GLY B 83 -0.66 -2.19 8.88
C GLY B 83 -0.13 -0.82 9.25
N GLN B 84 1.18 -0.75 9.49
CA GLN B 84 1.83 0.50 9.85
C GLN B 84 1.58 1.56 8.77
N PHE B 85 1.44 1.12 7.53
CA PHE B 85 1.19 2.03 6.41
C PHE B 85 -0.18 2.70 6.55
N LEU B 86 -1.19 1.89 6.87
CA LEU B 86 -2.55 2.40 7.04
C LEU B 86 -2.55 3.57 8.03
N PRO B 87 -3.21 4.69 7.69
CA PRO B 87 -3.28 5.85 8.58
C PRO B 87 -3.75 5.51 9.98
N ASP B 88 -3.65 6.46 10.90
CA ASP B 88 -4.07 6.26 12.28
C ASP B 88 -5.57 5.98 12.36
N ALA B 89 -6.03 5.56 13.54
CA ALA B 89 -7.44 5.27 13.75
C ALA B 89 -7.95 4.21 12.77
N ASP A 1 14.55 -0.04 -14.06
CA ASP A 1 14.26 -1.48 -13.83
C ASP A 1 13.13 -1.65 -12.84
N PHE A 2 12.58 -0.53 -12.37
CA PHE A 2 11.49 -0.55 -11.41
C PHE A 2 10.14 -0.32 -12.10
N THR A 3 9.38 -1.40 -12.25
CA THR A 3 8.06 -1.32 -12.88
C THR A 3 7.12 -0.43 -12.09
N PRO A 4 6.03 0.05 -12.72
CA PRO A 4 5.05 0.94 -12.07
C PRO A 4 4.68 0.51 -10.66
N MET A 5 4.02 -0.64 -10.53
CA MET A 5 3.61 -1.15 -9.22
C MET A 5 4.24 -2.49 -8.91
N ASP A 6 4.57 -3.24 -9.96
CA ASP A 6 5.18 -4.56 -9.79
C ASP A 6 6.59 -4.45 -9.20
N SER A 7 7.03 -3.22 -8.94
CA SER A 7 8.34 -2.98 -8.38
C SER A 7 8.41 -1.61 -7.70
N SER A 8 7.53 -0.71 -8.11
CA SER A 8 7.51 0.64 -7.53
C SER A 8 6.16 0.94 -6.89
N ALA A 9 5.63 -0.01 -6.12
CA ALA A 9 4.37 0.18 -5.43
C ALA A 9 4.46 1.31 -4.41
N VAL A 10 5.69 1.77 -4.18
CA VAL A 10 5.95 2.86 -3.26
C VAL A 10 5.00 4.04 -3.48
N TYR A 11 4.44 4.14 -4.69
CA TYR A 11 3.52 5.21 -5.01
C TYR A 11 2.29 5.14 -4.11
N VAL A 12 1.50 4.08 -4.28
CA VAL A 12 0.30 3.89 -3.48
C VAL A 12 0.64 3.85 -1.99
N LEU A 13 1.76 3.20 -1.66
CA LEU A 13 2.19 3.11 -0.27
C LEU A 13 2.54 4.48 0.30
N SER A 14 3.11 5.34 -0.53
CA SER A 14 3.48 6.69 -0.10
C SER A 14 2.25 7.51 0.23
N SER A 15 1.24 7.44 -0.63
CA SER A 15 0.00 8.19 -0.41
C SER A 15 -0.73 7.69 0.82
N MET A 16 -0.66 6.37 1.05
CA MET A 16 -1.32 5.76 2.19
C MET A 16 -0.72 6.21 3.52
N ALA A 17 0.62 6.25 3.58
CA ALA A 17 1.31 6.64 4.81
C ALA A 17 1.34 8.16 5.00
N ARG A 18 1.59 8.89 3.93
CA ARG A 18 1.67 10.35 4.00
C ARG A 18 0.30 10.97 4.33
N GLN A 19 -0.76 10.38 3.80
CA GLN A 19 -2.12 10.88 4.04
C GLN A 19 -2.38 11.09 5.52
N ARG A 20 -2.74 10.02 6.23
CA ARG A 20 -3.04 10.09 7.65
C ARG A 20 -4.06 11.19 7.94
N ARG A 21 -5.11 11.23 7.13
CA ARG A 21 -6.17 12.22 7.28
C ARG A 21 -5.64 13.64 7.08
N ALA A 22 -5.10 14.23 8.14
CA ALA A 22 -4.56 15.57 8.07
C ALA A 22 -3.35 15.74 8.99
N SER A 23 -2.67 16.88 8.85
CA SER A 23 -1.49 17.16 9.66
C SER A 23 -0.43 16.08 9.50
N SER B 1 11.52 7.35 10.98
CA SER B 1 11.86 6.04 11.59
C SER B 1 13.12 5.44 10.97
N LEU B 2 13.88 4.70 11.77
CA LEU B 2 15.10 4.07 11.30
C LEU B 2 16.12 5.12 10.85
N GLN B 3 17.15 5.32 11.67
CA GLN B 3 18.19 6.30 11.37
C GLN B 3 17.61 7.70 11.23
N ASN B 4 18.45 8.65 10.84
CA ASN B 4 18.02 10.04 10.66
C ASN B 4 17.43 10.25 9.27
N ASN B 5 16.11 10.43 9.22
CA ASN B 5 15.43 10.64 7.95
C ASN B 5 14.03 11.21 8.19
N GLN B 6 13.65 12.19 7.37
CA GLN B 6 12.33 12.82 7.50
C GLN B 6 11.24 11.97 6.83
N PRO B 7 11.41 11.58 5.55
CA PRO B 7 10.41 10.77 4.84
C PRO B 7 10.33 9.35 5.38
N VAL B 8 9.12 8.92 5.71
CA VAL B 8 8.90 7.58 6.25
C VAL B 8 8.60 6.58 5.14
N GLU B 9 7.61 6.91 4.32
CA GLU B 9 7.19 6.05 3.21
C GLU B 9 8.33 5.79 2.24
N PHE B 10 9.34 6.67 2.25
CA PHE B 10 10.48 6.52 1.36
C PHE B 10 11.14 5.17 1.56
N ASN B 11 12.00 5.08 2.57
CA ASN B 11 12.70 3.83 2.86
C ASN B 11 11.74 2.70 3.20
N HIS B 12 10.63 3.04 3.86
CA HIS B 12 9.65 2.02 4.25
C HIS B 12 9.03 1.33 3.04
N ALA B 13 8.19 2.06 2.29
CA ALA B 13 7.53 1.51 1.12
C ALA B 13 8.52 0.93 0.12
N ILE B 14 9.57 1.69 -0.20
CA ILE B 14 10.58 1.24 -1.16
C ILE B 14 11.14 -0.13 -0.78
N ASN B 15 11.69 -0.23 0.42
CA ASN B 15 12.26 -1.49 0.90
C ASN B 15 11.19 -2.59 0.97
N TYR B 16 9.94 -2.19 1.13
CA TYR B 16 8.84 -3.16 1.22
C TYR B 16 8.57 -3.79 -0.14
N VAL B 17 8.41 -2.96 -1.17
CA VAL B 17 8.13 -3.46 -2.52
C VAL B 17 9.28 -4.31 -3.04
N ASN B 18 10.51 -3.89 -2.74
CA ASN B 18 11.70 -4.61 -3.18
C ASN B 18 11.83 -5.94 -2.46
N LYS B 19 11.57 -5.93 -1.15
CA LYS B 19 11.67 -7.13 -0.33
C LYS B 19 10.70 -8.21 -0.79
N ILE B 20 9.46 -7.83 -1.05
CA ILE B 20 8.43 -8.78 -1.48
C ILE B 20 8.63 -9.20 -2.94
N LYS B 21 9.05 -8.25 -3.77
CA LYS B 21 9.26 -8.51 -5.19
C LYS B 21 10.43 -9.48 -5.40
N ASN B 22 11.41 -9.44 -4.51
CA ASN B 22 12.57 -10.31 -4.60
C ASN B 22 12.33 -11.63 -3.88
N ARG B 23 11.77 -11.56 -2.67
CA ARG B 23 11.49 -12.76 -1.88
C ARG B 23 10.37 -13.59 -2.52
N PHE B 24 9.18 -13.02 -2.59
CA PHE B 24 8.03 -13.71 -3.17
C PHE B 24 8.06 -13.63 -4.69
N GLN B 25 9.26 -13.54 -5.26
CA GLN B 25 9.42 -13.46 -6.70
C GLN B 25 8.89 -14.71 -7.38
N GLY B 26 9.01 -15.84 -6.68
CA GLY B 26 8.54 -17.10 -7.23
C GLY B 26 7.02 -17.22 -7.21
N GLN B 27 6.38 -16.35 -6.43
CA GLN B 27 4.92 -16.36 -6.34
C GLN B 27 4.33 -15.13 -7.01
N PRO B 28 3.96 -15.24 -8.31
CA PRO B 28 3.38 -14.12 -9.06
C PRO B 28 1.89 -13.92 -8.76
N ASP B 29 1.26 -14.95 -8.22
CA ASP B 29 -0.16 -14.89 -7.90
C ASP B 29 -0.43 -13.94 -6.72
N ILE B 30 0.26 -14.19 -5.61
CA ILE B 30 0.10 -13.37 -4.42
C ILE B 30 0.51 -11.93 -4.68
N TYR B 31 1.67 -11.75 -5.29
CA TYR B 31 2.19 -10.42 -5.59
C TYR B 31 1.22 -9.64 -6.50
N LYS B 32 0.82 -10.25 -7.60
CA LYS B 32 -0.09 -9.62 -8.54
C LYS B 32 -1.37 -9.18 -7.85
N ALA B 33 -1.99 -10.10 -7.11
CA ALA B 33 -3.22 -9.81 -6.39
C ALA B 33 -3.09 -8.56 -5.53
N PHE B 34 -2.02 -8.53 -4.73
CA PHE B 34 -1.76 -7.39 -3.85
C PHE B 34 -1.73 -6.09 -4.65
N LEU B 35 -1.07 -6.14 -5.81
CA LEU B 35 -0.97 -4.96 -6.66
C LEU B 35 -2.34 -4.54 -7.16
N GLU B 36 -3.20 -5.52 -7.44
CA GLU B 36 -4.55 -5.25 -7.91
C GLU B 36 -5.36 -4.51 -6.85
N ILE B 37 -5.16 -4.89 -5.59
CA ILE B 37 -5.86 -4.26 -4.48
C ILE B 37 -5.44 -2.80 -4.31
N LEU B 38 -4.13 -2.57 -4.22
CA LEU B 38 -3.60 -1.22 -4.06
C LEU B 38 -3.91 -0.36 -5.28
N HIS B 39 -3.94 -0.97 -6.46
CA HIS B 39 -4.24 -0.24 -7.68
C HIS B 39 -5.67 0.27 -7.66
N THR B 40 -6.62 -0.66 -7.50
CA THR B 40 -8.03 -0.31 -7.45
C THR B 40 -8.29 0.63 -6.28
N TYR B 41 -7.44 0.53 -5.26
CA TYR B 41 -7.57 1.38 -4.08
C TYR B 41 -7.31 2.83 -4.45
N GLN B 42 -6.20 3.08 -5.16
CA GLN B 42 -5.86 4.42 -5.60
C GLN B 42 -6.92 4.95 -6.54
N LYS B 43 -7.51 4.06 -7.33
CA LYS B 43 -8.55 4.43 -8.28
C LYS B 43 -9.78 4.99 -7.56
N GLU B 44 -10.36 4.18 -6.68
CA GLU B 44 -11.56 4.58 -5.93
C GLU B 44 -11.26 5.76 -5.01
N GLN B 45 -10.01 5.85 -4.56
CA GLN B 45 -9.60 6.93 -3.66
C GLN B 45 -9.61 8.26 -4.39
N ARG B 46 -8.98 8.28 -5.57
CA ARG B 46 -8.91 9.49 -6.37
C ARG B 46 -10.31 9.91 -6.84
N ASN B 47 -11.03 8.96 -7.43
CA ASN B 47 -12.38 9.22 -7.92
C ASN B 47 -13.26 9.83 -6.84
N ALA B 48 -13.20 9.24 -5.64
CA ALA B 48 -13.99 9.73 -4.52
C ALA B 48 -13.48 11.08 -4.04
N LYS B 49 -12.19 11.30 -4.20
CA LYS B 49 -11.57 12.56 -3.79
C LYS B 49 -11.89 13.67 -4.80
N GLU B 50 -12.26 13.26 -6.01
CA GLU B 50 -12.60 14.21 -7.07
C GLU B 50 -14.05 14.66 -6.96
N ALA B 51 -14.95 13.70 -6.72
CA ALA B 51 -16.37 14.01 -6.59
C ALA B 51 -16.62 14.91 -5.39
N GLY B 52 -15.94 14.62 -4.28
CA GLY B 52 -16.10 15.41 -3.08
C GLY B 52 -17.55 15.77 -2.78
N GLY B 53 -18.43 14.77 -2.85
CA GLY B 53 -19.83 15.01 -2.60
C GLY B 53 -20.55 13.81 -2.02
N ASN B 54 -21.62 13.38 -2.69
CA ASN B 54 -22.40 12.23 -2.24
C ASN B 54 -21.76 10.92 -2.66
N TYR B 55 -20.81 10.98 -3.59
CA TYR B 55 -20.13 9.79 -4.08
C TYR B 55 -19.53 8.99 -2.92
N THR B 56 -19.64 7.67 -3.01
CA THR B 56 -19.09 6.78 -1.98
C THR B 56 -18.00 5.89 -2.56
N PRO B 57 -16.82 5.84 -1.92
CA PRO B 57 -15.70 5.01 -2.39
C PRO B 57 -16.06 3.53 -2.48
N ALA B 58 -15.13 2.73 -2.98
CA ALA B 58 -15.37 1.29 -3.11
C ALA B 58 -14.49 0.48 -2.15
N LEU B 59 -13.18 0.68 -2.23
CA LEU B 59 -12.25 -0.04 -1.37
C LEU B 59 -11.69 0.85 -0.26
N THR B 60 -12.10 0.58 0.96
CA THR B 60 -11.63 1.35 2.12
C THR B 60 -10.45 0.64 2.77
N GLU B 61 -10.05 1.12 3.94
CA GLU B 61 -8.93 0.52 4.66
C GLU B 61 -9.25 -0.93 5.03
N GLN B 62 -10.53 -1.21 5.23
CA GLN B 62 -10.98 -2.55 5.57
C GLN B 62 -10.90 -3.50 4.38
N GLU B 63 -11.32 -3.02 3.21
CA GLU B 63 -11.30 -3.84 2.00
C GLU B 63 -9.89 -4.36 1.72
N VAL B 64 -8.91 -3.46 1.79
CA VAL B 64 -7.53 -3.83 1.53
C VAL B 64 -6.98 -4.73 2.63
N TYR B 65 -6.99 -4.23 3.87
CA TYR B 65 -6.48 -5.00 5.00
C TYR B 65 -7.09 -6.39 5.07
N ALA B 66 -8.33 -6.52 4.60
CA ALA B 66 -9.02 -7.81 4.61
C ALA B 66 -8.47 -8.75 3.55
N GLN B 67 -8.57 -8.33 2.28
CA GLN B 67 -8.07 -9.13 1.17
C GLN B 67 -6.61 -9.49 1.39
N VAL B 68 -5.85 -8.55 1.96
CA VAL B 68 -4.45 -8.78 2.24
C VAL B 68 -4.27 -9.75 3.39
N ALA B 69 -5.16 -9.64 4.38
CA ALA B 69 -5.12 -10.51 5.55
C ALA B 69 -5.23 -11.97 5.13
N ARG B 70 -6.07 -12.21 4.13
CA ARG B 70 -6.26 -13.57 3.63
C ARG B 70 -5.27 -13.86 2.49
N LEU B 71 -4.73 -12.81 1.89
CA LEU B 71 -3.78 -12.94 0.80
C LEU B 71 -2.56 -13.76 1.20
N PHE B 72 -2.11 -13.59 2.44
CA PHE B 72 -0.95 -14.31 2.94
C PHE B 72 -1.36 -15.52 3.76
N LYS B 73 -0.40 -16.41 3.99
CA LYS B 73 -0.65 -17.62 4.77
C LYS B 73 -0.24 -17.43 6.22
N ASN B 74 -1.17 -16.93 7.03
CA ASN B 74 -0.91 -16.70 8.45
C ASN B 74 0.21 -15.69 8.67
N GLN B 75 0.78 -15.19 7.58
CA GLN B 75 1.86 -14.21 7.67
C GLN B 75 1.36 -12.94 8.32
N GLU B 76 1.69 -12.75 9.60
CA GLU B 76 1.26 -11.57 10.34
C GLU B 76 2.28 -10.44 10.25
N ASP B 77 3.55 -10.78 10.03
CA ASP B 77 4.61 -9.78 9.93
C ASP B 77 4.20 -8.66 8.98
N LEU B 78 4.02 -9.02 7.72
CA LEU B 78 3.63 -8.05 6.69
C LEU B 78 2.34 -7.35 7.10
N LEU B 79 1.37 -8.12 7.56
CA LEU B 79 0.09 -7.59 7.99
C LEU B 79 0.24 -6.56 9.10
N SER B 80 1.31 -6.70 9.88
CA SER B 80 1.58 -5.78 10.99
C SER B 80 2.15 -4.46 10.48
N GLU B 81 3.28 -4.54 9.78
CA GLU B 81 3.92 -3.36 9.24
C GLU B 81 2.98 -2.64 8.27
N PHE B 82 2.09 -3.41 7.64
CA PHE B 82 1.13 -2.84 6.71
C PHE B 82 -0.07 -2.28 7.46
N GLY B 83 -0.41 -2.94 8.57
CA GLY B 83 -1.52 -2.49 9.39
C GLY B 83 -1.30 -1.09 9.90
N GLN B 84 -0.09 -0.82 10.35
CA GLN B 84 0.26 0.51 10.85
C GLN B 84 0.55 1.44 9.68
N PHE B 85 0.79 0.86 8.51
CA PHE B 85 1.07 1.63 7.31
C PHE B 85 -0.14 2.45 6.92
N LEU B 86 -1.33 1.96 7.27
CA LEU B 86 -2.58 2.65 6.96
C LEU B 86 -2.64 3.99 7.68
N PRO B 87 -3.40 4.95 7.10
CA PRO B 87 -3.55 6.28 7.69
C PRO B 87 -4.36 6.27 8.98
N ASP B 88 -3.73 6.63 10.08
CA ASP B 88 -4.40 6.67 11.38
C ASP B 88 -5.09 8.00 11.61
N ALA B 89 -6.40 7.95 11.82
CA ALA B 89 -7.19 9.17 12.05
C ALA B 89 -6.79 9.84 13.36
N ASP A 1 19.43 -3.24 -10.10
CA ASP A 1 18.24 -3.33 -10.98
C ASP A 1 16.95 -3.29 -10.17
N PHE A 2 16.07 -2.35 -10.51
CA PHE A 2 14.80 -2.22 -9.81
C PHE A 2 13.66 -2.02 -10.79
N THR A 3 12.55 -2.74 -10.57
CA THR A 3 11.39 -2.63 -11.45
C THR A 3 10.11 -2.41 -10.63
N PRO A 4 9.58 -1.18 -10.63
CA PRO A 4 8.35 -0.84 -9.88
C PRO A 4 7.14 -1.65 -10.35
N MET A 5 5.99 -1.36 -9.76
CA MET A 5 4.76 -2.05 -10.12
C MET A 5 4.42 -1.84 -11.59
N ASP A 6 4.01 -0.63 -11.93
CA ASP A 6 3.65 -0.29 -13.30
C ASP A 6 3.39 1.20 -13.44
N SER A 7 2.48 1.72 -12.62
CA SER A 7 2.14 3.14 -12.64
C SER A 7 2.82 3.87 -11.48
N SER A 8 2.26 3.70 -10.28
CA SER A 8 2.81 4.34 -9.09
C SER A 8 2.34 3.65 -7.82
N ALA A 9 3.01 2.56 -7.46
CA ALA A 9 2.66 1.81 -6.26
C ALA A 9 3.18 2.50 -5.01
N VAL A 10 4.41 2.99 -5.09
CA VAL A 10 5.04 3.68 -3.98
C VAL A 10 4.21 4.88 -3.56
N TYR A 11 3.51 5.47 -4.52
CA TYR A 11 2.66 6.64 -4.25
C TYR A 11 1.48 6.24 -3.38
N VAL A 12 0.95 5.04 -3.62
CA VAL A 12 -0.18 4.53 -2.85
C VAL A 12 0.24 4.24 -1.41
N LEU A 13 1.25 3.40 -1.25
CA LEU A 13 1.74 3.03 0.07
C LEU A 13 2.19 4.25 0.85
N SER A 14 2.85 5.19 0.16
CA SER A 14 3.33 6.41 0.80
C SER A 14 2.18 7.22 1.37
N SER A 15 1.23 7.61 0.51
CA SER A 15 0.08 8.39 0.94
C SER A 15 -0.67 7.70 2.08
N MET A 16 -0.68 6.37 2.05
CA MET A 16 -1.36 5.60 3.07
C MET A 16 -0.71 5.79 4.44
N ALA A 17 0.61 5.68 4.50
CA ALA A 17 1.35 5.83 5.75
C ALA A 17 1.70 7.28 6.04
N ARG A 18 1.41 8.17 5.08
CA ARG A 18 1.71 9.58 5.23
C ARG A 18 0.51 10.33 5.81
N GLN A 19 -0.69 9.84 5.49
CA GLN A 19 -1.92 10.47 5.96
C GLN A 19 -2.10 10.32 7.48
N ARG A 20 -1.41 9.34 8.06
CA ARG A 20 -1.49 9.11 9.49
C ARG A 20 -1.08 10.34 10.28
N ARG A 21 -0.31 11.21 9.63
CA ARG A 21 0.15 12.45 10.25
C ARG A 21 -0.24 13.65 9.40
N ALA A 22 0.36 13.75 8.22
CA ALA A 22 0.09 14.85 7.30
C ALA A 22 0.32 16.20 7.97
N SER A 23 1.52 16.74 7.83
CA SER A 23 1.87 18.01 8.43
C SER A 23 2.49 18.95 7.39
N SER B 1 26.11 19.13 2.16
CA SER B 1 24.82 18.44 2.37
C SER B 1 24.41 17.64 1.14
N LEU B 2 24.45 16.31 1.26
CA LEU B 2 24.09 15.43 0.15
C LEU B 2 22.60 15.11 0.18
N GLN B 3 22.07 14.89 1.38
CA GLN B 3 20.65 14.58 1.54
C GLN B 3 19.93 15.68 2.30
N ASN B 4 18.65 15.84 2.03
CA ASN B 4 17.84 16.86 2.69
C ASN B 4 16.52 16.29 3.18
N ASN B 5 16.45 15.98 4.47
CA ASN B 5 15.25 15.40 5.07
C ASN B 5 14.87 14.10 4.38
N GLN B 6 15.34 12.99 4.93
CA GLN B 6 15.06 11.68 4.37
C GLN B 6 13.57 11.36 4.42
N PRO B 7 13.01 10.76 3.35
CA PRO B 7 11.59 10.40 3.30
C PRO B 7 11.26 9.18 4.14
N VAL B 8 10.13 9.24 4.84
CA VAL B 8 9.70 8.14 5.70
C VAL B 8 8.78 7.18 4.94
N GLU B 9 7.75 7.72 4.31
CA GLU B 9 6.79 6.91 3.57
C GLU B 9 7.36 6.40 2.25
N PHE B 10 8.06 7.27 1.52
CA PHE B 10 8.64 6.88 0.24
C PHE B 10 9.68 5.78 0.41
N ASN B 11 10.48 5.87 1.47
CA ASN B 11 11.51 4.89 1.74
C ASN B 11 10.91 3.56 2.20
N HIS B 12 9.97 3.62 3.14
CA HIS B 12 9.33 2.42 3.67
C HIS B 12 8.51 1.72 2.60
N ALA B 13 7.80 2.51 1.80
CA ALA B 13 6.96 1.97 0.74
C ALA B 13 7.78 1.28 -0.34
N ILE B 14 8.79 1.98 -0.87
CA ILE B 14 9.64 1.42 -1.92
C ILE B 14 10.32 0.14 -1.43
N ASN B 15 10.81 0.16 -0.19
CA ASN B 15 11.47 -1.00 0.39
C ASN B 15 10.47 -2.14 0.61
N TYR B 16 9.21 -1.77 0.86
CA TYR B 16 8.17 -2.74 1.08
C TYR B 16 7.89 -3.56 -0.19
N VAL B 17 7.66 -2.85 -1.29
CA VAL B 17 7.40 -3.50 -2.57
C VAL B 17 8.58 -4.36 -3.00
N ASN B 18 9.79 -3.80 -2.86
CA ASN B 18 11.01 -4.53 -3.22
C ASN B 18 11.18 -5.77 -2.36
N LYS B 19 10.76 -5.67 -1.11
CA LYS B 19 10.88 -6.79 -0.17
C LYS B 19 10.01 -7.96 -0.62
N ILE B 20 8.75 -7.68 -0.91
CA ILE B 20 7.81 -8.71 -1.34
C ILE B 20 8.12 -9.17 -2.76
N LYS B 21 8.76 -8.31 -3.53
CA LYS B 21 9.10 -8.63 -4.92
C LYS B 21 10.23 -9.65 -4.96
N ASN B 22 11.21 -9.49 -4.07
CA ASN B 22 12.35 -10.40 -4.01
C ASN B 22 12.00 -11.68 -3.27
N ARG B 23 11.27 -11.54 -2.17
CA ARG B 23 10.87 -12.69 -1.35
C ARG B 23 9.87 -13.56 -2.10
N PHE B 24 8.71 -12.98 -2.41
CA PHE B 24 7.66 -13.71 -3.13
C PHE B 24 7.90 -13.68 -4.64
N GLN B 25 9.18 -13.65 -5.03
CA GLN B 25 9.54 -13.63 -6.44
C GLN B 25 9.05 -14.90 -7.14
N GLY B 26 8.79 -15.94 -6.34
CA GLY B 26 8.32 -17.20 -6.90
C GLY B 26 6.81 -17.30 -6.92
N GLN B 27 6.15 -16.38 -6.21
CA GLN B 27 4.68 -16.37 -6.15
C GLN B 27 4.14 -15.17 -6.94
N PRO B 28 3.81 -15.36 -8.23
CA PRO B 28 3.28 -14.30 -9.07
C PRO B 28 1.79 -14.03 -8.83
N ASP B 29 1.08 -15.07 -8.37
CA ASP B 29 -0.34 -14.96 -8.10
C ASP B 29 -0.61 -14.05 -6.90
N ILE B 30 0.01 -14.37 -5.77
CA ILE B 30 -0.16 -13.60 -4.55
C ILE B 30 0.38 -12.18 -4.72
N TYR B 31 1.56 -12.06 -5.33
CA TYR B 31 2.18 -10.76 -5.55
C TYR B 31 1.29 -9.88 -6.42
N LYS B 32 0.74 -10.46 -7.49
CA LYS B 32 -0.14 -9.72 -8.39
C LYS B 32 -1.40 -9.26 -7.67
N ALA B 33 -2.07 -10.19 -6.99
CA ALA B 33 -3.29 -9.87 -6.26
C ALA B 33 -3.09 -8.68 -5.33
N PHE B 34 -2.03 -8.75 -4.54
CA PHE B 34 -1.70 -7.67 -3.60
C PHE B 34 -1.59 -6.34 -4.33
N LEU B 35 -0.76 -6.32 -5.37
CA LEU B 35 -0.56 -5.11 -6.16
C LEU B 35 -1.86 -4.66 -6.81
N GLU B 36 -2.78 -5.60 -7.00
CA GLU B 36 -4.08 -5.29 -7.59
C GLU B 36 -4.97 -4.59 -6.58
N ILE B 37 -4.84 -4.96 -5.31
CA ILE B 37 -5.63 -4.34 -4.25
C ILE B 37 -5.20 -2.90 -4.05
N LEU B 38 -3.89 -2.69 -4.03
CA LEU B 38 -3.33 -1.35 -3.85
C LEU B 38 -3.60 -0.47 -5.07
N HIS B 39 -3.49 -1.07 -6.26
CA HIS B 39 -3.72 -0.34 -7.51
C HIS B 39 -5.17 0.13 -7.60
N THR B 40 -6.11 -0.79 -7.38
CA THR B 40 -7.52 -0.48 -7.43
C THR B 40 -7.89 0.54 -6.35
N TYR B 41 -7.23 0.42 -5.20
CA TYR B 41 -7.47 1.32 -4.09
C TYR B 41 -7.18 2.77 -4.48
N GLN B 42 -5.93 3.05 -4.83
CA GLN B 42 -5.51 4.38 -5.23
C GLN B 42 -6.39 4.93 -6.36
N LYS B 43 -6.67 4.07 -7.34
CA LYS B 43 -7.50 4.47 -8.49
C LYS B 43 -8.82 5.06 -8.02
N GLU B 44 -9.55 4.30 -7.20
CA GLU B 44 -10.84 4.76 -6.70
C GLU B 44 -10.69 6.01 -5.83
N GLN B 45 -9.55 6.12 -5.16
CA GLN B 45 -9.28 7.27 -4.30
C GLN B 45 -9.18 8.54 -5.14
N ARG B 46 -8.41 8.47 -6.23
CA ARG B 46 -8.24 9.61 -7.12
C ARG B 46 -9.58 10.05 -7.68
N ASN B 47 -10.33 9.08 -8.23
CA ASN B 47 -11.63 9.35 -8.81
C ASN B 47 -12.56 9.93 -7.74
N ALA B 48 -12.36 9.50 -6.51
CA ALA B 48 -13.18 9.96 -5.39
C ALA B 48 -12.86 11.42 -5.05
N LYS B 49 -11.61 11.80 -5.24
CA LYS B 49 -11.17 13.17 -4.96
C LYS B 49 -11.57 14.10 -6.10
N GLU B 50 -11.68 13.56 -7.30
CA GLU B 50 -12.04 14.34 -8.47
C GLU B 50 -13.53 14.67 -8.46
N ALA B 51 -14.36 13.67 -8.16
CA ALA B 51 -15.80 13.86 -8.11
C ALA B 51 -16.19 14.80 -6.97
N GLY B 52 -15.56 14.60 -5.82
CA GLY B 52 -15.85 15.42 -4.66
C GLY B 52 -17.33 15.59 -4.41
N GLY B 53 -18.12 14.57 -4.75
CA GLY B 53 -19.55 14.64 -4.55
C GLY B 53 -20.10 13.46 -3.77
N ASN B 54 -20.79 12.57 -4.47
CA ASN B 54 -21.39 11.40 -3.84
C ASN B 54 -20.61 10.13 -4.18
N TYR B 55 -19.57 10.28 -5.00
CA TYR B 55 -18.75 9.14 -5.41
C TYR B 55 -18.20 8.39 -4.19
N THR B 56 -18.60 7.13 -4.05
CA THR B 56 -18.16 6.31 -2.93
C THR B 56 -17.32 5.13 -3.41
N PRO B 57 -16.02 5.10 -3.05
CA PRO B 57 -15.12 4.01 -3.45
C PRO B 57 -15.68 2.64 -3.08
N ALA B 58 -15.21 1.60 -3.77
CA ALA B 58 -15.67 0.24 -3.51
C ALA B 58 -14.95 -0.38 -2.31
N LEU B 59 -13.62 -0.50 -2.41
CA LEU B 59 -12.83 -1.08 -1.33
C LEU B 59 -12.04 -0.02 -0.59
N THR B 60 -12.12 -0.05 0.74
CA THR B 60 -11.41 0.91 1.57
C THR B 60 -10.33 0.20 2.40
N GLU B 61 -9.89 0.86 3.47
CA GLU B 61 -8.86 0.28 4.33
C GLU B 61 -9.30 -1.07 4.88
N GLN B 62 -10.61 -1.25 5.01
CA GLN B 62 -11.18 -2.49 5.53
C GLN B 62 -10.99 -3.63 4.53
N GLU B 63 -11.36 -3.39 3.27
CA GLU B 63 -11.23 -4.41 2.24
C GLU B 63 -9.77 -4.75 1.99
N VAL B 64 -8.91 -3.75 2.06
CA VAL B 64 -7.48 -3.95 1.84
C VAL B 64 -6.88 -4.85 2.92
N TYR B 65 -6.98 -4.43 4.17
CA TYR B 65 -6.45 -5.21 5.29
C TYR B 65 -7.09 -6.59 5.35
N ALA B 66 -8.34 -6.69 4.92
CA ALA B 66 -9.06 -7.96 4.94
C ALA B 66 -8.48 -8.95 3.92
N GLN B 67 -8.53 -8.56 2.65
CA GLN B 67 -8.01 -9.41 1.57
C GLN B 67 -6.56 -9.77 1.82
N VAL B 68 -5.76 -8.78 2.20
CA VAL B 68 -4.34 -8.99 2.48
C VAL B 68 -4.17 -9.93 3.67
N ALA B 69 -5.06 -9.81 4.66
CA ALA B 69 -5.00 -10.66 5.84
C ALA B 69 -5.15 -12.12 5.46
N ARG B 70 -6.10 -12.38 4.56
CA ARG B 70 -6.35 -13.73 4.09
C ARG B 70 -5.34 -14.11 3.00
N LEU B 71 -4.71 -13.09 2.42
CA LEU B 71 -3.72 -13.31 1.37
C LEU B 71 -2.55 -14.13 1.90
N PHE B 72 -2.34 -14.06 3.22
CA PHE B 72 -1.28 -14.82 3.87
C PHE B 72 -1.84 -15.65 5.00
N LYS B 73 -1.08 -16.64 5.45
CA LYS B 73 -1.52 -17.52 6.52
C LYS B 73 -0.65 -17.38 7.77
N ASN B 74 0.43 -18.16 7.82
CA ASN B 74 1.34 -18.12 8.96
C ASN B 74 2.29 -16.93 8.88
N GLN B 75 2.16 -16.15 7.81
CA GLN B 75 3.02 -14.98 7.61
C GLN B 75 2.31 -13.71 8.04
N GLU B 76 2.38 -13.41 9.35
CA GLU B 76 1.75 -12.22 9.89
C GLU B 76 2.75 -11.07 9.96
N ASP B 77 4.01 -11.37 9.64
CA ASP B 77 5.07 -10.36 9.65
C ASP B 77 4.73 -9.19 8.74
N LEU B 78 4.60 -9.47 7.44
CA LEU B 78 4.28 -8.44 6.47
C LEU B 78 2.89 -7.86 6.72
N LEU B 79 2.05 -8.62 7.41
CA LEU B 79 0.70 -8.18 7.72
C LEU B 79 0.73 -7.07 8.76
N SER B 80 1.63 -7.20 9.73
CA SER B 80 1.77 -6.20 10.78
C SER B 80 2.45 -4.95 10.22
N GLU B 81 3.55 -5.16 9.50
CA GLU B 81 4.28 -4.07 8.88
C GLU B 81 3.35 -3.26 8.00
N PHE B 82 2.45 -3.96 7.30
CA PHE B 82 1.49 -3.31 6.42
C PHE B 82 0.39 -2.65 7.25
N GLY B 83 0.08 -3.28 8.38
CA GLY B 83 -0.95 -2.73 9.26
C GLY B 83 -0.57 -1.35 9.74
N GLN B 84 0.72 -1.13 9.91
CA GLN B 84 1.23 0.17 10.35
C GLN B 84 1.01 1.23 9.28
N PHE B 85 1.07 0.82 8.02
CA PHE B 85 0.88 1.74 6.90
C PHE B 85 -0.46 2.45 7.00
N LEU B 86 -1.49 1.71 7.40
CA LEU B 86 -2.83 2.28 7.54
C LEU B 86 -2.80 3.47 8.50
N PRO B 87 -3.40 4.60 8.11
CA PRO B 87 -3.44 5.80 8.96
C PRO B 87 -3.95 5.50 10.36
N ASP B 88 -3.39 6.19 11.35
CA ASP B 88 -3.79 5.99 12.74
C ASP B 88 -4.83 7.04 13.15
N ALA B 89 -5.99 6.58 13.60
CA ALA B 89 -7.06 7.48 14.02
C ALA B 89 -7.30 7.37 15.53
N ASP A 1 9.75 4.21 -12.54
CA ASP A 1 10.83 3.63 -11.70
C ASP A 1 10.63 2.14 -11.51
N PHE A 2 9.52 1.76 -10.88
CA PHE A 2 9.21 0.35 -10.65
C PHE A 2 8.59 -0.29 -11.88
N THR A 3 9.27 -1.29 -12.42
CA THR A 3 8.77 -1.99 -13.61
C THR A 3 7.93 -3.22 -13.23
N PRO A 4 8.41 -4.06 -12.29
CA PRO A 4 7.67 -5.26 -11.87
C PRO A 4 6.22 -4.97 -11.51
N MET A 5 6.01 -3.96 -10.66
CA MET A 5 4.67 -3.58 -10.25
C MET A 5 3.81 -3.23 -11.46
N ASP A 6 4.11 -2.08 -12.07
CA ASP A 6 3.38 -1.60 -13.24
C ASP A 6 3.88 -0.20 -13.62
N SER A 7 3.72 0.73 -12.69
CA SER A 7 4.15 2.10 -12.89
C SER A 7 4.89 2.62 -11.67
N SER A 8 4.20 2.63 -10.53
CA SER A 8 4.79 3.09 -9.28
C SER A 8 3.82 2.90 -8.11
N ALA A 9 4.04 1.84 -7.34
CA ALA A 9 3.18 1.55 -6.19
C ALA A 9 3.47 2.51 -5.04
N VAL A 10 4.58 3.23 -5.16
CA VAL A 10 4.99 4.19 -4.15
C VAL A 10 3.89 5.19 -3.85
N TYR A 11 3.08 5.50 -4.86
CA TYR A 11 1.98 6.44 -4.69
C TYR A 11 0.98 5.97 -3.63
N VAL A 12 0.55 4.72 -3.75
CA VAL A 12 -0.41 4.15 -2.81
C VAL A 12 0.21 3.96 -1.42
N LEU A 13 1.36 3.29 -1.37
CA LEU A 13 2.05 3.05 -0.12
C LEU A 13 2.33 4.35 0.63
N SER A 14 2.84 5.35 -0.10
CA SER A 14 3.15 6.65 0.50
C SER A 14 1.90 7.29 1.08
N SER A 15 0.90 7.52 0.25
CA SER A 15 -0.35 8.14 0.69
C SER A 15 -0.92 7.44 1.92
N MET A 16 -0.75 6.12 1.98
CA MET A 16 -1.25 5.34 3.10
C MET A 16 -0.56 5.71 4.41
N ALA A 17 0.77 5.61 4.43
CA ALA A 17 1.54 5.91 5.64
C ALA A 17 1.76 7.41 5.82
N ARG A 18 1.35 8.21 4.83
CA ARG A 18 1.52 9.66 4.91
C ARG A 18 0.25 10.33 5.40
N GLN A 19 -0.90 9.71 5.16
CA GLN A 19 -2.17 10.26 5.58
C GLN A 19 -2.28 10.32 7.11
N ARG A 20 -1.32 9.70 7.79
CA ARG A 20 -1.31 9.70 9.25
C ARG A 20 -1.26 11.12 9.81
N ARG A 21 -0.50 11.98 9.14
CA ARG A 21 -0.36 13.37 9.56
C ARG A 21 -0.25 14.28 8.34
N ALA A 22 -0.84 15.47 8.45
CA ALA A 22 -0.80 16.45 7.36
C ALA A 22 0.42 17.35 7.48
N SER A 23 0.65 17.88 8.67
CA SER A 23 1.78 18.76 8.92
C SER A 23 2.08 18.86 10.41
N SER B 1 25.02 16.94 2.14
CA SER B 1 24.01 16.11 1.44
C SER B 1 23.58 14.93 2.30
N LEU B 2 24.16 14.84 3.49
CA LEU B 2 23.84 13.76 4.41
C LEU B 2 22.53 14.04 5.15
N GLN B 3 22.29 15.32 5.42
CA GLN B 3 21.07 15.74 6.12
C GLN B 3 20.97 15.05 7.48
N ASN B 4 19.81 15.17 8.12
CA ASN B 4 19.58 14.57 9.43
C ASN B 4 18.43 13.57 9.39
N ASN B 5 17.29 14.01 8.87
CA ASN B 5 16.11 13.16 8.76
C ASN B 5 16.12 12.35 7.46
N GLN B 6 15.21 11.39 7.37
CA GLN B 6 15.11 10.54 6.18
C GLN B 6 13.65 10.34 5.79
N PRO B 7 13.37 10.15 4.49
CA PRO B 7 12.00 9.93 3.98
C PRO B 7 11.38 8.68 4.58
N VAL B 8 10.16 8.80 5.09
CA VAL B 8 9.46 7.68 5.69
C VAL B 8 8.64 6.92 4.65
N GLU B 9 7.98 7.67 3.77
CA GLU B 9 7.14 7.08 2.73
C GLU B 9 7.98 6.37 1.68
N PHE B 10 9.05 7.03 1.23
CA PHE B 10 9.93 6.46 0.22
C PHE B 10 10.62 5.21 0.73
N ASN B 11 11.23 5.32 1.91
CA ASN B 11 11.94 4.19 2.52
C ASN B 11 11.02 2.99 2.70
N HIS B 12 9.90 3.20 3.38
CA HIS B 12 8.95 2.13 3.64
C HIS B 12 8.41 1.51 2.35
N ALA B 13 7.74 2.33 1.54
CA ALA B 13 7.15 1.86 0.28
C ALA B 13 8.16 1.13 -0.61
N ILE B 14 9.23 1.82 -0.99
CA ILE B 14 10.26 1.24 -1.85
C ILE B 14 10.75 -0.10 -1.30
N ASN B 15 11.20 -0.09 -0.06
CA ASN B 15 11.71 -1.30 0.58
C ASN B 15 10.62 -2.37 0.68
N TYR B 16 9.36 -1.93 0.68
CA TYR B 16 8.24 -2.85 0.78
C TYR B 16 8.11 -3.69 -0.48
N VAL B 17 7.92 -3.02 -1.62
CA VAL B 17 7.77 -3.72 -2.90
C VAL B 17 9.02 -4.57 -3.17
N ASN B 18 10.19 -3.99 -2.96
CA ASN B 18 11.45 -4.70 -3.17
C ASN B 18 11.50 -5.97 -2.34
N LYS B 19 11.05 -5.86 -1.10
CA LYS B 19 11.04 -6.99 -0.17
C LYS B 19 10.20 -8.14 -0.72
N ILE B 20 8.92 -7.87 -0.96
CA ILE B 20 8.00 -8.87 -1.47
C ILE B 20 8.45 -9.42 -2.82
N LYS B 21 9.19 -8.61 -3.58
CA LYS B 21 9.68 -9.05 -4.88
C LYS B 21 10.79 -10.08 -4.74
N ASN B 22 11.66 -9.87 -3.76
CA ASN B 22 12.77 -10.78 -3.51
C ASN B 22 12.32 -11.94 -2.62
N ARG B 23 11.15 -11.79 -2.01
CA ARG B 23 10.60 -12.82 -1.13
C ARG B 23 9.75 -13.80 -1.92
N PHE B 24 8.62 -13.33 -2.43
CA PHE B 24 7.71 -14.16 -3.21
C PHE B 24 8.10 -14.15 -4.68
N GLN B 25 9.40 -14.19 -4.95
CA GLN B 25 9.92 -14.18 -6.30
C GLN B 25 9.44 -15.40 -7.09
N GLY B 26 8.81 -16.35 -6.40
CA GLY B 26 8.33 -17.55 -7.05
C GLY B 26 6.85 -17.45 -7.42
N GLN B 27 6.05 -16.87 -6.53
CA GLN B 27 4.62 -16.72 -6.77
C GLN B 27 4.27 -15.27 -7.11
N PRO B 28 4.13 -14.94 -8.41
CA PRO B 28 3.80 -13.59 -8.85
C PRO B 28 2.30 -13.29 -8.74
N ASP B 29 1.51 -14.34 -8.53
CA ASP B 29 0.06 -14.19 -8.42
C ASP B 29 -0.30 -13.41 -7.15
N ILE B 30 0.17 -13.89 -6.00
CA ILE B 30 -0.10 -13.23 -4.73
C ILE B 30 0.50 -11.83 -4.70
N TYR B 31 1.68 -11.69 -5.28
CA TYR B 31 2.37 -10.40 -5.33
C TYR B 31 1.52 -9.36 -6.07
N LYS B 32 1.19 -9.68 -7.33
CA LYS B 32 0.38 -8.78 -8.15
C LYS B 32 -0.97 -8.52 -7.50
N ALA B 33 -1.57 -9.56 -6.92
CA ALA B 33 -2.88 -9.43 -6.27
C ALA B 33 -2.84 -8.36 -5.20
N PHE B 34 -1.84 -8.43 -4.32
CA PHE B 34 -1.70 -7.45 -3.25
C PHE B 34 -1.58 -6.04 -3.83
N LEU B 35 -0.59 -5.86 -4.69
CA LEU B 35 -0.36 -4.58 -5.33
C LEU B 35 -1.58 -4.13 -6.12
N GLU B 36 -2.44 -5.09 -6.47
CA GLU B 36 -3.66 -4.79 -7.21
C GLU B 36 -4.72 -4.21 -6.26
N ILE B 37 -4.73 -4.71 -5.03
CA ILE B 37 -5.67 -4.22 -4.03
C ILE B 37 -5.34 -2.77 -3.71
N LEU B 38 -4.05 -2.49 -3.54
CA LEU B 38 -3.59 -1.12 -3.26
C LEU B 38 -3.81 -0.22 -4.46
N HIS B 39 -3.52 -0.74 -5.65
CA HIS B 39 -3.68 0.03 -6.88
C HIS B 39 -5.14 0.46 -7.05
N THR B 40 -6.04 -0.51 -6.98
CA THR B 40 -7.47 -0.22 -7.10
C THR B 40 -7.93 0.71 -5.98
N TYR B 41 -7.29 0.56 -4.82
CA TYR B 41 -7.62 1.39 -3.66
C TYR B 41 -7.48 2.88 -4.01
N GLN B 42 -6.25 3.30 -4.30
CA GLN B 42 -6.00 4.70 -4.66
C GLN B 42 -6.68 5.06 -5.97
N LYS B 43 -6.98 4.06 -6.78
CA LYS B 43 -7.63 4.29 -8.07
C LYS B 43 -9.01 4.91 -7.86
N GLU B 44 -9.91 4.16 -7.23
CA GLU B 44 -11.26 4.63 -6.96
C GLU B 44 -11.21 5.82 -6.00
N GLN B 45 -10.25 5.81 -5.09
CA GLN B 45 -10.10 6.89 -4.12
C GLN B 45 -9.90 8.23 -4.84
N ARG B 46 -8.92 8.26 -5.74
CA ARG B 46 -8.65 9.47 -6.51
C ARG B 46 -9.87 9.89 -7.31
N ASN B 47 -10.43 8.93 -8.06
CA ASN B 47 -11.61 9.19 -8.87
C ASN B 47 -12.74 9.74 -8.02
N ALA B 48 -12.74 9.39 -6.74
CA ALA B 48 -13.76 9.84 -5.81
C ALA B 48 -13.58 11.31 -5.46
N LYS B 49 -12.33 11.68 -5.13
CA LYS B 49 -12.02 13.06 -4.78
C LYS B 49 -11.95 13.95 -6.01
N GLU B 50 -11.93 13.32 -7.18
CA GLU B 50 -11.86 14.04 -8.45
C GLU B 50 -13.27 14.36 -8.95
N ALA B 51 -14.17 13.40 -8.82
CA ALA B 51 -15.55 13.58 -9.27
C ALA B 51 -16.30 14.54 -8.34
N GLY B 52 -16.08 14.39 -7.04
CA GLY B 52 -16.74 15.24 -6.08
C GLY B 52 -18.24 15.27 -6.23
N GLY B 53 -18.80 14.15 -6.70
CA GLY B 53 -20.23 14.07 -6.90
C GLY B 53 -20.85 12.84 -6.25
N ASN B 54 -21.47 12.00 -7.08
CA ASN B 54 -22.11 10.78 -6.60
C ASN B 54 -21.15 9.60 -6.61
N TYR B 55 -19.97 9.80 -7.21
CA TYR B 55 -18.97 8.74 -7.29
C TYR B 55 -18.57 8.25 -5.90
N THR B 56 -18.64 6.94 -5.71
CA THR B 56 -18.29 6.34 -4.42
C THR B 56 -17.35 5.14 -4.63
N PRO B 57 -16.22 5.08 -3.89
CA PRO B 57 -15.25 4.00 -4.00
C PRO B 57 -15.86 2.65 -3.62
N ALA B 58 -15.07 1.58 -3.80
CA ALA B 58 -15.53 0.24 -3.48
C ALA B 58 -14.91 -0.27 -2.18
N LEU B 59 -13.61 -0.56 -2.21
CA LEU B 59 -12.92 -1.07 -1.03
C LEU B 59 -12.28 0.05 -0.22
N THR B 60 -12.26 -0.14 1.10
CA THR B 60 -11.67 0.83 2.02
C THR B 60 -10.47 0.22 2.73
N GLU B 61 -10.00 0.88 3.78
CA GLU B 61 -8.87 0.39 4.54
C GLU B 61 -9.17 -0.99 5.12
N GLN B 62 -10.44 -1.20 5.45
CA GLN B 62 -10.88 -2.47 6.02
C GLN B 62 -10.85 -3.58 4.98
N GLU B 63 -11.35 -3.29 3.78
CA GLU B 63 -11.35 -4.28 2.70
C GLU B 63 -9.94 -4.71 2.34
N VAL B 64 -9.04 -3.73 2.24
CA VAL B 64 -7.65 -4.02 1.92
C VAL B 64 -7.03 -4.94 2.97
N TYR B 65 -7.12 -4.53 4.23
CA TYR B 65 -6.56 -5.32 5.32
C TYR B 65 -7.23 -6.69 5.40
N ALA B 66 -8.48 -6.77 4.95
CA ALA B 66 -9.23 -8.01 4.99
C ALA B 66 -8.72 -8.99 3.93
N GLN B 67 -8.80 -8.59 2.66
CA GLN B 67 -8.35 -9.43 1.57
C GLN B 67 -6.86 -9.75 1.73
N VAL B 68 -6.12 -8.80 2.28
CA VAL B 68 -4.69 -8.98 2.51
C VAL B 68 -4.44 -10.00 3.61
N ALA B 69 -5.25 -9.94 4.66
CA ALA B 69 -5.13 -10.86 5.78
C ALA B 69 -5.35 -12.29 5.31
N ARG B 70 -6.31 -12.46 4.41
CA ARG B 70 -6.62 -13.78 3.85
C ARG B 70 -5.68 -14.11 2.71
N LEU B 71 -5.06 -13.06 2.14
CA LEU B 71 -4.12 -13.22 1.04
C LEU B 71 -2.97 -14.14 1.42
N PHE B 72 -2.56 -14.06 2.69
CA PHE B 72 -1.45 -14.89 3.19
C PHE B 72 -1.94 -15.83 4.29
N LYS B 73 -1.14 -16.83 4.60
CA LYS B 73 -1.49 -17.80 5.64
C LYS B 73 -0.50 -17.74 6.80
N ASN B 74 0.69 -18.29 6.58
CA ASN B 74 1.72 -18.29 7.62
C ASN B 74 2.56 -17.02 7.56
N GLN B 75 2.28 -16.17 6.57
CA GLN B 75 3.00 -14.92 6.40
C GLN B 75 2.23 -13.75 7.02
N GLU B 76 2.37 -13.58 8.32
CA GLU B 76 1.70 -12.50 9.03
C GLU B 76 2.60 -11.27 9.12
N ASP B 77 3.89 -11.48 8.87
CA ASP B 77 4.87 -10.39 8.92
C ASP B 77 4.45 -9.24 8.01
N LEU B 78 3.91 -9.57 6.84
CA LEU B 78 3.48 -8.56 5.88
C LEU B 78 2.22 -7.85 6.37
N LEU B 79 1.33 -8.62 6.98
CA LEU B 79 0.07 -8.07 7.52
C LEU B 79 0.34 -6.95 8.51
N SER B 80 1.22 -7.21 9.48
CA SER B 80 1.57 -6.22 10.49
C SER B 80 2.39 -5.09 9.86
N GLU B 81 3.40 -5.46 9.09
CA GLU B 81 4.26 -4.49 8.43
C GLU B 81 3.41 -3.53 7.59
N PHE B 82 2.28 -4.03 7.10
CA PHE B 82 1.37 -3.21 6.31
C PHE B 82 0.41 -2.48 7.23
N GLY B 83 0.13 -3.07 8.39
CA GLY B 83 -0.76 -2.46 9.34
C GLY B 83 -0.27 -1.11 9.82
N GLN B 84 1.04 -1.00 10.02
CA GLN B 84 1.63 0.27 10.48
C GLN B 84 1.42 1.37 9.44
N PHE B 85 1.29 0.99 8.17
CA PHE B 85 1.07 1.95 7.10
C PHE B 85 -0.23 2.72 7.31
N LEU B 86 -1.23 2.05 7.87
CA LEU B 86 -2.52 2.67 8.12
C LEU B 86 -2.35 3.95 8.94
N PRO B 87 -3.01 5.05 8.53
CA PRO B 87 -2.89 6.34 9.23
C PRO B 87 -3.15 6.19 10.74
N ASP B 88 -2.21 6.70 11.53
CA ASP B 88 -2.32 6.63 12.99
C ASP B 88 -2.89 7.93 13.55
N ALA B 89 -3.93 7.81 14.37
CA ALA B 89 -4.56 8.97 14.98
C ALA B 89 -5.03 9.97 13.92
N ASP A 1 17.13 0.94 -8.53
CA ASP A 1 17.79 -0.26 -9.11
C ASP A 1 16.80 -1.38 -9.35
N PHE A 2 15.72 -1.39 -8.56
CA PHE A 2 14.69 -2.42 -8.68
C PHE A 2 13.66 -2.03 -9.74
N THR A 3 12.58 -2.80 -9.81
CA THR A 3 11.51 -2.54 -10.78
C THR A 3 10.18 -2.28 -10.08
N PRO A 4 9.60 -1.07 -10.26
CA PRO A 4 8.32 -0.72 -9.63
C PRO A 4 7.19 -1.62 -10.12
N MET A 5 6.03 -1.52 -9.46
CA MET A 5 4.88 -2.33 -9.82
C MET A 5 4.22 -1.80 -11.10
N ASP A 6 3.56 -0.65 -10.97
CA ASP A 6 2.89 -0.01 -12.10
C ASP A 6 2.16 1.25 -11.62
N SER A 7 2.18 2.29 -12.45
CA SER A 7 1.54 3.54 -12.10
C SER A 7 2.10 4.08 -10.79
N SER A 8 3.32 3.64 -10.46
CA SER A 8 4.00 4.06 -9.24
C SER A 8 3.25 3.59 -8.00
N ALA A 9 3.63 2.42 -7.49
CA ALA A 9 3.01 1.86 -6.29
C ALA A 9 3.46 2.61 -5.05
N VAL A 10 4.65 3.19 -5.13
CA VAL A 10 5.22 3.95 -4.02
C VAL A 10 4.29 5.09 -3.63
N TYR A 11 3.52 5.58 -4.60
CA TYR A 11 2.58 6.66 -4.36
C TYR A 11 1.41 6.18 -3.50
N VAL A 12 1.03 4.92 -3.68
CA VAL A 12 -0.07 4.34 -2.92
C VAL A 12 0.34 4.10 -1.48
N LEU A 13 1.46 3.41 -1.30
CA LEU A 13 1.97 3.12 0.04
C LEU A 13 2.32 4.40 0.79
N SER A 14 2.93 5.35 0.10
CA SER A 14 3.32 6.62 0.71
C SER A 14 2.09 7.38 1.19
N SER A 15 1.14 7.62 0.27
CA SER A 15 -0.08 8.34 0.60
C SER A 15 -0.79 7.70 1.79
N MET A 16 -0.78 6.38 1.83
CA MET A 16 -1.41 5.64 2.93
C MET A 16 -0.73 5.97 4.26
N ALA A 17 0.60 6.01 4.25
CA ALA A 17 1.35 6.31 5.46
C ALA A 17 1.46 7.82 5.69
N ARG A 18 1.02 8.61 4.72
CA ARG A 18 1.06 10.06 4.84
C ARG A 18 -0.31 10.63 5.16
N GLN A 19 -1.34 9.82 5.02
CA GLN A 19 -2.72 10.24 5.31
C GLN A 19 -3.00 10.15 6.81
N ARG A 20 -1.94 10.09 7.61
CA ARG A 20 -2.09 10.00 9.07
C ARG A 20 -2.95 11.14 9.59
N ARG A 21 -3.88 10.80 10.48
CA ARG A 21 -4.78 11.78 11.09
C ARG A 21 -5.68 12.42 10.03
N ALA A 22 -6.82 12.95 10.49
CA ALA A 22 -7.77 13.59 9.59
C ALA A 22 -8.62 14.61 10.35
N SER A 23 -9.68 15.08 9.70
CA SER A 23 -10.57 16.07 10.31
C SER A 23 -12.01 15.56 10.32
N SER B 1 8.77 22.36 3.46
CA SER B 1 9.32 22.64 4.82
C SER B 1 10.13 21.45 5.32
N LEU B 2 11.34 21.72 5.79
CA LEU B 2 12.22 20.68 6.30
C LEU B 2 11.69 20.12 7.62
N GLN B 3 11.88 18.82 7.83
CA GLN B 3 11.43 18.17 9.05
C GLN B 3 12.27 16.93 9.35
N ASN B 4 12.59 16.18 8.30
CA ASN B 4 13.39 14.96 8.44
C ASN B 4 14.34 14.80 7.25
N ASN B 5 15.24 13.84 7.35
CA ASN B 5 16.20 13.57 6.28
C ASN B 5 15.90 12.23 5.60
N GLN B 6 14.97 11.47 6.18
CA GLN B 6 14.60 10.18 5.63
C GLN B 6 13.09 9.97 5.68
N PRO B 7 12.35 10.46 4.66
CA PRO B 7 10.90 10.33 4.60
C PRO B 7 10.44 8.88 4.73
N VAL B 8 9.24 8.69 5.27
CA VAL B 8 8.69 7.35 5.45
C VAL B 8 8.07 6.84 4.16
N GLU B 9 7.75 7.77 3.26
CA GLU B 9 7.14 7.43 1.98
C GLU B 9 7.97 6.42 1.19
N PHE B 10 8.98 6.92 0.49
CA PHE B 10 9.85 6.07 -0.32
C PHE B 10 10.51 4.97 0.51
N ASN B 11 10.93 5.33 1.72
CA ASN B 11 11.59 4.37 2.60
C ASN B 11 10.77 3.11 2.80
N HIS B 12 9.65 3.23 3.50
CA HIS B 12 8.77 2.10 3.79
C HIS B 12 8.21 1.47 2.52
N ALA B 13 7.58 2.28 1.68
CA ALA B 13 6.97 1.80 0.44
C ALA B 13 7.95 0.99 -0.40
N ILE B 14 9.03 1.62 -0.85
CA ILE B 14 10.03 0.95 -1.68
C ILE B 14 10.56 -0.32 -1.01
N ASN B 15 11.07 -0.18 0.22
CA ASN B 15 11.61 -1.32 0.95
C ASN B 15 10.60 -2.45 1.03
N TYR B 16 9.33 -2.10 1.03
CA TYR B 16 8.26 -3.10 1.12
C TYR B 16 8.15 -3.89 -0.18
N VAL B 17 7.85 -3.20 -1.28
CA VAL B 17 7.72 -3.84 -2.58
C VAL B 17 9.02 -4.56 -2.96
N ASN B 18 10.13 -4.12 -2.35
CA ASN B 18 11.43 -4.69 -2.63
C ASN B 18 11.58 -6.06 -1.99
N LYS B 19 11.40 -6.13 -0.67
CA LYS B 19 11.52 -7.38 0.06
C LYS B 19 10.49 -8.40 -0.40
N ILE B 20 9.35 -7.90 -0.88
CA ILE B 20 8.28 -8.78 -1.36
C ILE B 20 8.60 -9.34 -2.74
N LYS B 21 9.07 -8.46 -3.63
CA LYS B 21 9.41 -8.87 -5.00
C LYS B 21 10.64 -9.76 -5.02
N ASN B 22 11.48 -9.64 -3.99
CA ASN B 22 12.70 -10.43 -3.91
C ASN B 22 12.42 -11.78 -3.26
N ARG B 23 11.90 -11.75 -2.03
CA ARG B 23 11.60 -12.99 -1.30
C ARG B 23 10.50 -13.78 -1.99
N PHE B 24 9.33 -13.16 -2.14
CA PHE B 24 8.20 -13.81 -2.80
C PHE B 24 8.29 -13.69 -4.31
N GLN B 25 9.50 -13.84 -4.84
CA GLN B 25 9.73 -13.74 -6.27
C GLN B 25 9.17 -14.95 -7.00
N GLY B 26 8.72 -15.94 -6.23
CA GLY B 26 8.17 -17.15 -6.82
C GLY B 26 6.66 -17.22 -6.68
N GLN B 27 6.05 -16.21 -6.08
CA GLN B 27 4.61 -16.18 -5.89
C GLN B 27 3.97 -15.07 -6.73
N PRO B 28 3.61 -15.38 -7.99
CA PRO B 28 2.99 -14.41 -8.90
C PRO B 28 1.54 -14.11 -8.54
N ASP B 29 0.86 -15.09 -7.96
CA ASP B 29 -0.54 -14.93 -7.57
C ASP B 29 -0.68 -13.94 -6.42
N ILE B 30 0.09 -14.16 -5.36
CA ILE B 30 0.05 -13.28 -4.19
C ILE B 30 0.60 -11.89 -4.52
N TYR B 31 1.72 -11.87 -5.24
CA TYR B 31 2.36 -10.62 -5.62
C TYR B 31 1.41 -9.74 -6.44
N LYS B 32 0.85 -10.32 -7.50
CA LYS B 32 -0.08 -9.60 -8.36
C LYS B 32 -1.31 -9.12 -7.58
N ALA B 33 -2.03 -10.07 -6.98
CA ALA B 33 -3.23 -9.76 -6.20
C ALA B 33 -3.00 -8.57 -5.28
N PHE B 34 -1.96 -8.65 -4.46
CA PHE B 34 -1.62 -7.58 -3.53
C PHE B 34 -1.50 -6.24 -4.25
N LEU B 35 -0.67 -6.23 -5.28
CA LEU B 35 -0.46 -5.02 -6.07
C LEU B 35 -1.75 -4.54 -6.70
N GLU B 36 -2.69 -5.47 -6.90
CA GLU B 36 -3.98 -5.14 -7.50
C GLU B 36 -4.87 -4.43 -6.49
N ILE B 37 -4.73 -4.80 -5.21
CA ILE B 37 -5.52 -4.18 -4.16
C ILE B 37 -5.06 -2.76 -3.92
N LEU B 38 -3.75 -2.56 -3.87
CA LEU B 38 -3.19 -1.23 -3.65
C LEU B 38 -3.41 -0.34 -4.87
N HIS B 39 -3.27 -0.91 -6.06
CA HIS B 39 -3.47 -0.16 -7.30
C HIS B 39 -4.92 0.32 -7.39
N THR B 40 -5.85 -0.61 -7.27
CA THR B 40 -7.27 -0.29 -7.33
C THR B 40 -7.64 0.69 -6.22
N TYR B 41 -6.96 0.56 -5.08
CA TYR B 41 -7.21 1.45 -3.95
C TYR B 41 -6.90 2.89 -4.32
N GLN B 42 -5.74 3.10 -4.92
CA GLN B 42 -5.33 4.44 -5.33
C GLN B 42 -6.31 5.03 -6.34
N LYS B 43 -6.68 4.22 -7.34
CA LYS B 43 -7.62 4.65 -8.36
C LYS B 43 -8.94 5.11 -7.74
N GLU B 44 -9.42 4.34 -6.77
CA GLU B 44 -10.69 4.65 -6.11
C GLU B 44 -10.56 5.93 -5.27
N GLN B 45 -9.40 6.12 -4.64
CA GLN B 45 -9.18 7.29 -3.81
C GLN B 45 -9.16 8.57 -4.67
N ARG B 46 -8.48 8.50 -5.80
CA ARG B 46 -8.39 9.65 -6.71
C ARG B 46 -9.77 10.02 -7.24
N ASN B 47 -10.45 9.04 -7.83
CA ASN B 47 -11.78 9.26 -8.38
C ASN B 47 -12.74 9.79 -7.31
N ALA B 48 -12.70 9.18 -6.13
CA ALA B 48 -13.56 9.58 -5.03
C ALA B 48 -13.23 11.00 -4.58
N LYS B 49 -11.97 11.39 -4.74
CA LYS B 49 -11.52 12.72 -4.36
C LYS B 49 -11.98 13.76 -5.38
N GLU B 50 -12.07 13.32 -6.64
CA GLU B 50 -12.50 14.21 -7.72
C GLU B 50 -13.98 14.56 -7.58
N ALA B 51 -14.83 13.54 -7.51
CA ALA B 51 -16.26 13.76 -7.38
C ALA B 51 -16.61 14.21 -5.98
N GLY B 52 -15.99 13.58 -4.97
CA GLY B 52 -16.24 13.94 -3.59
C GLY B 52 -17.71 14.14 -3.27
N GLY B 53 -18.51 13.13 -3.55
CA GLY B 53 -19.94 13.22 -3.28
C GLY B 53 -20.68 11.93 -3.54
N ASN B 54 -21.53 11.93 -4.57
CA ASN B 54 -22.32 10.76 -4.91
C ASN B 54 -21.43 9.55 -5.19
N TYR B 55 -20.22 9.80 -5.68
CA TYR B 55 -19.27 8.73 -5.99
C TYR B 55 -18.89 7.97 -4.73
N THR B 56 -18.82 6.65 -4.84
CA THR B 56 -18.46 5.80 -3.72
C THR B 56 -17.32 4.85 -4.10
N PRO B 57 -16.21 4.86 -3.33
CA PRO B 57 -15.06 3.99 -3.60
C PRO B 57 -15.45 2.51 -3.67
N ALA B 58 -14.58 1.70 -4.24
CA ALA B 58 -14.83 0.28 -4.39
C ALA B 58 -14.25 -0.51 -3.22
N LEU B 59 -13.26 0.07 -2.56
CA LEU B 59 -12.62 -0.57 -1.42
C LEU B 59 -11.89 0.44 -0.53
N THR B 60 -11.99 0.23 0.78
CA THR B 60 -11.35 1.11 1.75
C THR B 60 -10.26 0.36 2.52
N GLU B 61 -9.79 0.96 3.61
CA GLU B 61 -8.76 0.35 4.43
C GLU B 61 -9.22 -1.02 4.92
N GLN B 62 -10.53 -1.19 5.05
CA GLN B 62 -11.11 -2.45 5.50
C GLN B 62 -10.96 -3.54 4.45
N GLU B 63 -11.33 -3.22 3.21
CA GLU B 63 -11.24 -4.19 2.12
C GLU B 63 -9.80 -4.59 1.86
N VAL B 64 -8.90 -3.61 1.85
CA VAL B 64 -7.49 -3.87 1.61
C VAL B 64 -6.89 -4.77 2.70
N TYR B 65 -6.99 -4.32 3.95
CA TYR B 65 -6.45 -5.07 5.08
C TYR B 65 -7.08 -6.46 5.17
N ALA B 66 -8.34 -6.57 4.77
CA ALA B 66 -9.05 -7.84 4.81
C ALA B 66 -8.53 -8.81 3.76
N GLN B 67 -8.66 -8.42 2.49
CA GLN B 67 -8.19 -9.24 1.38
C GLN B 67 -6.72 -9.58 1.56
N VAL B 68 -5.96 -8.63 2.10
CA VAL B 68 -4.54 -8.83 2.35
C VAL B 68 -4.33 -9.81 3.49
N ALA B 69 -5.20 -9.75 4.50
CA ALA B 69 -5.11 -10.64 5.64
C ALA B 69 -5.29 -12.09 5.22
N ARG B 70 -6.21 -12.30 4.27
CA ARG B 70 -6.48 -13.65 3.76
C ARG B 70 -5.56 -13.99 2.60
N LEU B 71 -4.97 -12.95 2.01
CA LEU B 71 -4.07 -13.13 0.87
C LEU B 71 -2.92 -14.08 1.23
N PHE B 72 -2.08 -13.65 2.17
CA PHE B 72 -0.95 -14.45 2.60
C PHE B 72 -1.41 -15.66 3.41
N LYS B 73 -0.49 -16.59 3.65
CA LYS B 73 -0.78 -17.79 4.40
C LYS B 73 -0.71 -17.52 5.91
N ASN B 74 -1.73 -16.85 6.43
CA ASN B 74 -1.79 -16.52 7.85
C ASN B 74 -0.59 -15.68 8.28
N GLN B 75 0.19 -15.20 7.31
CA GLN B 75 1.36 -14.40 7.60
C GLN B 75 0.97 -13.12 8.33
N GLU B 76 1.39 -13.01 9.59
CA GLU B 76 1.09 -11.84 10.40
C GLU B 76 2.19 -10.78 10.26
N ASP B 77 3.40 -11.24 9.97
CA ASP B 77 4.54 -10.34 9.81
C ASP B 77 4.25 -9.28 8.75
N LEU B 78 3.88 -9.74 7.55
CA LEU B 78 3.58 -8.84 6.45
C LEU B 78 2.33 -8.00 6.77
N LEU B 79 1.32 -8.66 7.32
CA LEU B 79 0.07 -7.99 7.68
C LEU B 79 0.34 -6.82 8.63
N SER B 80 1.33 -6.98 9.51
CA SER B 80 1.68 -5.95 10.47
C SER B 80 2.45 -4.83 9.78
N GLU B 81 3.56 -5.18 9.13
CA GLU B 81 4.38 -4.20 8.44
C GLU B 81 3.53 -3.34 7.50
N PHE B 82 2.49 -3.95 6.95
CA PHE B 82 1.58 -3.25 6.05
C PHE B 82 0.57 -2.43 6.84
N GLY B 83 0.11 -3.00 7.95
CA GLY B 83 -0.86 -2.31 8.78
C GLY B 83 -0.33 -0.98 9.29
N GLN B 84 0.99 -0.90 9.42
CA GLN B 84 1.64 0.32 9.89
C GLN B 84 1.37 1.48 8.92
N PHE B 85 1.31 1.16 7.63
CA PHE B 85 1.06 2.18 6.61
C PHE B 85 -0.28 2.86 6.85
N LEU B 86 -1.29 2.07 7.25
CA LEU B 86 -2.62 2.61 7.52
C LEU B 86 -2.53 3.80 8.47
N PRO B 87 -3.20 4.92 8.15
CA PRO B 87 -3.18 6.12 9.00
C PRO B 87 -3.48 5.80 10.46
N ASP B 88 -2.45 5.88 11.30
CA ASP B 88 -2.60 5.60 12.71
C ASP B 88 -3.36 6.72 13.42
N ALA B 89 -4.06 6.37 14.50
CA ALA B 89 -4.82 7.34 15.26
C ALA B 89 -3.92 8.13 16.21
#